data_1ZW8
#
_entry.id   1ZW8
#
loop_
_entity.id
_entity.type
_entity.pdbx_description
1 polymer 'Zinc-responsive transcriptional regulator ZAP1'
2 non-polymer 'ZINC ION'
#
_entity_poly.entity_id   1
_entity_poly.type   'polypeptide(L)'
_entity_poly.pdbx_seq_one_letter_code
;DLKCKWKECPESASSLFDLQRHLLKDHVSQDFKHPMEPLACNWEDCDFLGDDTASIVNHINAQH
;
_entity_poly.pdbx_strand_id   A
#
loop_
_chem_comp.id
_chem_comp.type
_chem_comp.name
_chem_comp.formula
ZN non-polymer 'ZINC ION' 'Zn 2'
#
# COMPACT_ATOMS: atom_id res chain seq x y z
N ASP A 1 -4.66 -14.38 6.60
CA ASP A 1 -4.73 -14.58 5.13
C ASP A 1 -5.11 -13.29 4.42
N LEU A 2 -4.11 -12.53 3.99
CA LEU A 2 -4.36 -11.27 3.29
C LEU A 2 -4.23 -11.44 1.78
N LYS A 3 -5.20 -10.92 1.07
CA LYS A 3 -5.25 -11.01 -0.39
C LYS A 3 -5.02 -9.65 -1.05
N CYS A 4 -3.90 -9.50 -1.76
CA CYS A 4 -3.61 -8.25 -2.45
C CYS A 4 -4.72 -7.95 -3.46
N LYS A 5 -5.32 -6.77 -3.35
CA LYS A 5 -6.41 -6.40 -4.24
C LYS A 5 -5.92 -5.59 -5.43
N TRP A 6 -4.64 -5.74 -5.78
CA TRP A 6 -4.07 -5.02 -6.91
C TRP A 6 -4.38 -5.76 -8.22
N LYS A 7 -4.87 -5.01 -9.21
CA LYS A 7 -5.22 -5.60 -10.50
C LYS A 7 -3.99 -6.14 -11.21
N GLU A 8 -2.88 -5.40 -11.14
CA GLU A 8 -1.65 -5.82 -11.79
C GLU A 8 -0.81 -6.74 -10.92
N CYS A 9 -1.34 -7.12 -9.75
CA CYS A 9 -0.61 -8.00 -8.85
C CYS A 9 -1.23 -9.40 -8.79
N PRO A 10 -0.45 -10.44 -9.12
CA PRO A 10 -0.90 -11.82 -9.11
C PRO A 10 -0.42 -12.58 -7.88
N GLU A 11 -0.04 -11.86 -6.83
CA GLU A 11 0.47 -12.48 -5.61
C GLU A 11 -0.49 -12.27 -4.44
N SER A 12 -0.60 -13.30 -3.59
CA SER A 12 -1.46 -13.24 -2.42
C SER A 12 -0.63 -13.29 -1.14
N ALA A 13 -1.25 -12.91 -0.02
CA ALA A 13 -0.57 -12.90 1.27
C ALA A 13 -1.11 -13.99 2.18
N SER A 14 -0.30 -14.41 3.14
CA SER A 14 -0.69 -15.45 4.08
C SER A 14 -1.32 -14.87 5.35
N SER A 15 -0.95 -13.63 5.67
CA SER A 15 -1.47 -12.96 6.85
C SER A 15 -1.74 -11.48 6.57
N LEU A 16 -2.62 -10.88 7.37
CA LEU A 16 -2.96 -9.46 7.22
C LEU A 16 -1.69 -8.63 7.17
N PHE A 17 -0.69 -9.05 7.94
CA PHE A 17 0.59 -8.37 7.97
C PHE A 17 1.36 -8.58 6.67
N ASP A 18 1.18 -9.75 6.07
CA ASP A 18 1.88 -10.09 4.83
C ASP A 18 1.60 -9.09 3.71
N LEU A 19 0.33 -8.71 3.52
CA LEU A 19 0.01 -7.75 2.47
C LEU A 19 0.57 -6.37 2.80
N GLN A 20 0.48 -5.99 4.07
CA GLN A 20 0.98 -4.68 4.50
C GLN A 20 2.46 -4.54 4.16
N ARG A 21 3.24 -5.56 4.51
CA ARG A 21 4.67 -5.55 4.23
C ARG A 21 4.93 -5.75 2.74
N HIS A 22 4.09 -6.55 2.10
CA HIS A 22 4.22 -6.83 0.68
C HIS A 22 3.88 -5.59 -0.15
N LEU A 23 2.77 -4.95 0.17
CA LEU A 23 2.34 -3.76 -0.55
C LEU A 23 3.26 -2.58 -0.28
N LEU A 24 3.64 -2.41 0.98
CA LEU A 24 4.50 -1.30 1.36
C LEU A 24 5.90 -1.44 0.75
N LYS A 25 6.47 -2.62 0.84
CA LYS A 25 7.81 -2.85 0.30
C LYS A 25 7.82 -3.08 -1.21
N ASP A 26 6.85 -3.84 -1.69
CA ASP A 26 6.77 -4.20 -3.11
C ASP A 26 6.10 -3.14 -3.98
N HIS A 27 4.97 -2.61 -3.53
CA HIS A 27 4.23 -1.64 -4.34
C HIS A 27 4.66 -0.20 -4.08
N VAL A 28 5.61 0.00 -3.17
CA VAL A 28 6.08 1.34 -2.85
C VAL A 28 7.44 1.31 -2.16
N SER A 29 8.49 1.26 -2.96
CA SER A 29 9.85 1.24 -2.44
C SER A 29 10.11 2.44 -1.53
N GLN A 30 9.52 3.58 -1.88
CA GLN A 30 9.69 4.80 -1.10
C GLN A 30 11.13 5.31 -1.18
N ASP A 31 11.32 6.41 -1.88
CA ASP A 31 12.65 7.00 -2.04
C ASP A 31 13.12 7.66 -0.75
N PHE A 32 12.17 8.20 0.01
CA PHE A 32 12.48 8.86 1.27
C PHE A 32 13.33 10.10 1.04
N LYS A 33 13.33 10.61 -0.18
CA LYS A 33 14.11 11.80 -0.52
C LYS A 33 13.22 12.93 -1.03
N HIS A 34 11.95 12.89 -0.64
CA HIS A 34 11.00 13.92 -1.06
C HIS A 34 10.87 15.01 0.00
N PRO A 35 11.01 16.29 -0.39
CA PRO A 35 10.91 17.41 0.54
C PRO A 35 9.48 17.64 1.01
N MET A 36 8.55 17.64 0.07
CA MET A 36 7.14 17.84 0.39
C MET A 36 6.24 17.22 -0.67
N GLU A 37 6.21 15.88 -0.69
CA GLU A 37 5.40 15.16 -1.67
C GLU A 37 4.64 14.01 -0.99
N PRO A 38 3.43 14.29 -0.47
CA PRO A 38 2.62 13.28 0.21
C PRO A 38 2.36 12.06 -0.68
N LEU A 39 2.17 10.90 -0.06
CA LEU A 39 1.92 9.67 -0.80
C LEU A 39 0.42 9.44 -0.98
N ALA A 40 0.06 8.80 -2.09
CA ALA A 40 -1.33 8.52 -2.41
C ALA A 40 -1.56 7.04 -2.71
N CYS A 41 -2.77 6.56 -2.47
CA CYS A 41 -3.10 5.16 -2.73
C CYS A 41 -2.89 4.86 -4.20
N ASN A 42 -2.40 3.66 -4.49
CA ASN A 42 -2.10 3.28 -5.87
C ASN A 42 -3.10 2.26 -6.40
N TRP A 43 -4.35 2.38 -5.98
CA TRP A 43 -5.40 1.47 -6.44
C TRP A 43 -6.13 2.06 -7.64
N GLU A 44 -6.60 1.19 -8.53
CA GLU A 44 -7.29 1.62 -9.74
C GLU A 44 -8.53 2.46 -9.43
N ASP A 45 -9.35 2.01 -8.49
CA ASP A 45 -10.58 2.74 -8.15
C ASP A 45 -10.44 3.57 -6.87
N CYS A 46 -9.46 3.25 -6.04
CA CYS A 46 -9.27 3.98 -4.79
C CYS A 46 -8.58 5.33 -5.02
N ASP A 47 -9.06 6.35 -4.32
CA ASP A 47 -8.49 7.68 -4.40
C ASP A 47 -7.95 8.11 -3.05
N PHE A 48 -7.64 7.12 -2.21
CA PHE A 48 -7.10 7.37 -0.87
C PHE A 48 -5.74 8.04 -0.94
N LEU A 49 -5.50 8.96 -0.01
CA LEU A 49 -4.24 9.69 0.04
C LEU A 49 -3.76 9.85 1.48
N GLY A 50 -2.45 9.76 1.67
CA GLY A 50 -1.88 9.91 3.00
C GLY A 50 -0.64 10.77 3.01
N ASP A 51 -0.20 11.14 4.21
CA ASP A 51 1.00 11.97 4.36
C ASP A 51 2.27 11.13 4.27
N ASP A 52 2.18 9.88 4.72
CA ASP A 52 3.32 8.98 4.69
C ASP A 52 2.89 7.57 4.29
N THR A 53 3.86 6.73 3.96
CA THR A 53 3.57 5.36 3.55
C THR A 53 2.85 4.60 4.67
N ALA A 54 3.20 4.92 5.91
CA ALA A 54 2.58 4.27 7.06
C ALA A 54 1.10 4.58 7.13
N SER A 55 0.74 5.80 6.77
CA SER A 55 -0.67 6.20 6.78
C SER A 55 -1.46 5.37 5.78
N ILE A 56 -0.79 5.01 4.67
CA ILE A 56 -1.43 4.22 3.64
C ILE A 56 -1.60 2.77 4.10
N VAL A 57 -0.54 2.21 4.65
CA VAL A 57 -0.57 0.83 5.11
C VAL A 57 -1.70 0.63 6.11
N ASN A 58 -1.97 1.66 6.90
CA ASN A 58 -3.06 1.60 7.87
C ASN A 58 -4.38 1.59 7.12
N HIS A 59 -4.47 2.42 6.08
CA HIS A 59 -5.67 2.51 5.27
C HIS A 59 -5.85 1.23 4.43
N ILE A 60 -4.77 0.76 3.83
CA ILE A 60 -4.81 -0.43 2.99
C ILE A 60 -5.35 -1.64 3.74
N ASN A 61 -4.88 -1.84 4.96
CA ASN A 61 -5.33 -2.98 5.74
C ASN A 61 -6.82 -2.87 6.08
N ALA A 62 -7.27 -1.64 6.36
CA ALA A 62 -8.66 -1.40 6.72
C ALA A 62 -9.58 -1.35 5.51
N GLN A 63 -9.12 -0.64 4.47
CA GLN A 63 -9.90 -0.48 3.26
C GLN A 63 -9.55 -1.52 2.20
N HIS A 64 -8.40 -2.16 2.35
CA HIS A 64 -7.98 -3.17 1.38
C HIS A 64 -7.53 -4.44 2.10
ZN ZN B . 0.61 -6.90 -4.43
ZN ZN C . -6.93 2.70 -0.91
N ASP A 1 -5.29 -16.15 5.28
CA ASP A 1 -4.69 -15.89 3.94
C ASP A 1 -5.14 -14.52 3.41
N LEU A 2 -4.20 -13.59 3.33
CA LEU A 2 -4.50 -12.26 2.83
C LEU A 2 -4.41 -12.21 1.31
N LYS A 3 -5.37 -11.54 0.71
CA LYS A 3 -5.44 -11.43 -0.76
C LYS A 3 -5.17 -10.00 -1.24
N CYS A 4 -4.05 -9.80 -1.93
CA CYS A 4 -3.73 -8.48 -2.47
C CYS A 4 -4.83 -8.04 -3.42
N LYS A 5 -5.39 -6.85 -3.17
CA LYS A 5 -6.47 -6.33 -4.00
C LYS A 5 -5.97 -5.65 -5.27
N TRP A 6 -4.68 -5.80 -5.57
CA TRP A 6 -4.12 -5.18 -6.77
C TRP A 6 -4.42 -6.05 -7.99
N LYS A 7 -4.90 -5.42 -9.05
CA LYS A 7 -5.24 -6.14 -10.28
C LYS A 7 -3.99 -6.63 -11.02
N GLU A 8 -2.96 -5.79 -11.04
CA GLU A 8 -1.72 -6.14 -11.72
C GLU A 8 -0.77 -6.92 -10.81
N CYS A 9 -1.27 -7.39 -9.67
CA CYS A 9 -0.44 -8.14 -8.74
C CYS A 9 -0.83 -9.62 -8.70
N PRO A 10 0.13 -10.53 -8.99
CA PRO A 10 -0.12 -11.96 -9.00
C PRO A 10 0.36 -12.64 -7.71
N GLU A 11 0.55 -11.86 -6.65
CA GLU A 11 1.02 -12.40 -5.38
C GLU A 11 -0.03 -12.28 -4.29
N SER A 12 -0.11 -13.28 -3.42
CA SER A 12 -1.07 -13.29 -2.33
C SER A 12 -0.36 -13.24 -0.98
N ALA A 13 -1.10 -12.89 0.06
CA ALA A 13 -0.57 -12.80 1.41
C ALA A 13 -1.17 -13.89 2.31
N SER A 14 -0.46 -14.21 3.38
CA SER A 14 -0.91 -15.25 4.31
C SER A 14 -1.76 -14.66 5.44
N SER A 15 -1.43 -13.45 5.88
CA SER A 15 -2.16 -12.81 6.97
C SER A 15 -2.35 -11.31 6.72
N LEU A 16 -3.17 -10.67 7.55
CA LEU A 16 -3.44 -9.24 7.43
C LEU A 16 -2.13 -8.45 7.35
N PHE A 17 -1.16 -8.87 8.14
CA PHE A 17 0.14 -8.23 8.16
C PHE A 17 0.91 -8.51 6.87
N ASP A 18 0.74 -9.72 6.33
CA ASP A 18 1.44 -10.10 5.11
C ASP A 18 1.05 -9.23 3.92
N LEU A 19 -0.25 -8.98 3.73
CA LEU A 19 -0.68 -8.14 2.63
C LEU A 19 -0.13 -6.72 2.78
N GLN A 20 -0.16 -6.21 4.02
CA GLN A 20 0.33 -4.87 4.29
C GLN A 20 1.83 -4.77 4.05
N ARG A 21 2.58 -5.69 4.64
CA ARG A 21 4.03 -5.69 4.48
C ARG A 21 4.42 -5.84 3.02
N HIS A 22 3.78 -6.78 2.35
CA HIS A 22 4.03 -7.01 0.94
C HIS A 22 3.66 -5.76 0.13
N LEU A 23 2.64 -5.07 0.59
CA LEU A 23 2.17 -3.86 -0.07
C LEU A 23 3.16 -2.71 0.06
N LEU A 24 3.62 -2.47 1.28
CA LEU A 24 4.55 -1.38 1.54
C LEU A 24 5.90 -1.61 0.86
N LYS A 25 6.44 -2.82 0.98
CA LYS A 25 7.73 -3.14 0.39
C LYS A 25 7.67 -3.39 -1.11
N ASP A 26 6.66 -4.11 -1.56
CA ASP A 26 6.53 -4.48 -2.96
C ASP A 26 5.88 -3.40 -3.83
N HIS A 27 4.82 -2.77 -3.34
CA HIS A 27 4.11 -1.77 -4.14
C HIS A 27 4.57 -0.34 -3.86
N VAL A 28 5.56 -0.17 -2.99
CA VAL A 28 6.08 1.16 -2.68
C VAL A 28 7.44 1.10 -2.04
N SER A 29 8.46 1.01 -2.87
CA SER A 29 9.83 0.94 -2.41
C SER A 29 10.31 2.29 -1.88
N GLN A 30 9.74 3.36 -2.43
CA GLN A 30 10.11 4.72 -2.02
C GLN A 30 11.58 5.00 -2.34
N ASP A 31 11.82 5.90 -3.29
CA ASP A 31 13.18 6.25 -3.68
C ASP A 31 13.81 7.21 -2.67
N PHE A 32 13.01 8.14 -2.17
CA PHE A 32 13.48 9.13 -1.21
C PHE A 32 12.33 9.69 -0.39
N LYS A 33 12.55 10.85 0.23
CA LYS A 33 11.52 11.49 1.04
C LYS A 33 11.13 12.84 0.43
N HIS A 34 9.83 13.02 0.18
CA HIS A 34 9.33 14.26 -0.39
C HIS A 34 9.16 15.33 0.68
N PRO A 35 9.76 16.52 0.48
CA PRO A 35 9.66 17.62 1.45
C PRO A 35 8.23 18.05 1.70
N MET A 36 7.48 18.27 0.62
CA MET A 36 6.08 18.70 0.73
C MET A 36 5.21 18.00 -0.31
N GLU A 37 5.61 16.80 -0.71
CA GLU A 37 4.86 16.03 -1.71
C GLU A 37 4.33 14.74 -1.09
N PRO A 38 3.16 14.81 -0.43
CA PRO A 38 2.54 13.64 0.20
C PRO A 38 2.33 12.49 -0.76
N LEU A 39 2.28 11.28 -0.21
CA LEU A 39 2.08 10.09 -1.01
C LEU A 39 0.59 9.72 -1.09
N ALA A 40 0.19 9.21 -2.25
CA ALA A 40 -1.21 8.84 -2.49
C ALA A 40 -1.35 7.35 -2.79
N CYS A 41 -2.52 6.81 -2.47
CA CYS A 41 -2.81 5.40 -2.70
C CYS A 41 -2.65 5.10 -4.20
N ASN A 42 -2.12 3.92 -4.50
CA ASN A 42 -1.88 3.55 -5.88
C ASN A 42 -2.86 2.49 -6.39
N TRP A 43 -4.12 2.61 -5.99
CA TRP A 43 -5.14 1.68 -6.43
C TRP A 43 -5.87 2.23 -7.65
N GLU A 44 -6.31 1.33 -8.52
CA GLU A 44 -7.00 1.71 -9.74
C GLU A 44 -8.15 2.69 -9.49
N ASP A 45 -9.05 2.33 -8.57
CA ASP A 45 -10.20 3.17 -8.26
C ASP A 45 -10.02 3.98 -6.98
N CYS A 46 -9.19 3.50 -6.06
CA CYS A 46 -8.98 4.20 -4.81
C CYS A 46 -8.31 5.55 -5.00
N ASP A 47 -8.80 6.55 -4.27
CA ASP A 47 -8.25 7.90 -4.34
C ASP A 47 -7.69 8.30 -2.98
N PHE A 48 -7.31 7.29 -2.20
CA PHE A 48 -6.75 7.50 -0.87
C PHE A 48 -5.42 8.24 -0.93
N LEU A 49 -5.21 9.12 0.04
CA LEU A 49 -3.99 9.91 0.10
C LEU A 49 -3.42 9.92 1.52
N GLY A 50 -2.09 9.90 1.61
CA GLY A 50 -1.45 9.90 2.91
C GLY A 50 -0.24 10.82 2.97
N ASP A 51 0.20 11.14 4.18
CA ASP A 51 1.35 12.03 4.35
C ASP A 51 2.65 11.23 4.44
N ASP A 52 2.55 10.00 4.95
CA ASP A 52 3.73 9.15 5.10
C ASP A 52 3.44 7.73 4.60
N THR A 53 4.50 6.95 4.42
CA THR A 53 4.36 5.58 3.95
C THR A 53 3.46 4.76 4.88
N ALA A 54 3.73 4.83 6.17
CA ALA A 54 2.95 4.11 7.16
C ALA A 54 1.47 4.48 7.08
N SER A 55 1.19 5.75 6.80
CA SER A 55 -0.18 6.22 6.70
C SER A 55 -0.95 5.42 5.66
N ILE A 56 -0.27 5.05 4.57
CA ILE A 56 -0.91 4.28 3.51
C ILE A 56 -1.13 2.85 3.97
N VAL A 57 -0.09 2.24 4.53
CA VAL A 57 -0.19 0.86 4.99
C VAL A 57 -1.34 0.70 5.98
N ASN A 58 -1.55 1.71 6.81
CA ASN A 58 -2.64 1.69 7.77
C ASN A 58 -3.96 1.69 7.03
N HIS A 59 -4.04 2.52 5.99
CA HIS A 59 -5.25 2.62 5.18
C HIS A 59 -5.44 1.35 4.35
N ILE A 60 -4.36 0.86 3.75
CA ILE A 60 -4.43 -0.33 2.92
C ILE A 60 -4.98 -1.53 3.66
N ASN A 61 -4.52 -1.74 4.88
CA ASN A 61 -4.99 -2.87 5.67
C ASN A 61 -6.48 -2.73 6.00
N ALA A 62 -6.91 -1.50 6.28
CA ALA A 62 -8.30 -1.24 6.63
C ALA A 62 -9.21 -1.16 5.41
N GLN A 63 -8.75 -0.46 4.39
CA GLN A 63 -9.52 -0.28 3.17
C GLN A 63 -9.19 -1.33 2.11
N HIS A 64 -8.06 -2.02 2.28
CA HIS A 64 -7.66 -3.04 1.32
C HIS A 64 -7.20 -4.31 2.03
ZN ZN B . 0.52 -7.01 -4.23
ZN ZN C . -6.59 2.84 -0.96
N ASP A 1 -5.09 -15.85 5.53
CA ASP A 1 -4.56 -15.64 4.16
C ASP A 1 -5.08 -14.33 3.56
N LEU A 2 -4.19 -13.34 3.47
CA LEU A 2 -4.56 -12.04 2.91
C LEU A 2 -4.44 -12.05 1.39
N LYS A 3 -5.38 -11.38 0.75
CA LYS A 3 -5.42 -11.30 -0.72
C LYS A 3 -5.10 -9.90 -1.22
N CYS A 4 -3.97 -9.74 -1.89
CA CYS A 4 -3.61 -8.43 -2.44
C CYS A 4 -4.70 -7.98 -3.41
N LYS A 5 -5.24 -6.78 -3.19
CA LYS A 5 -6.32 -6.26 -4.04
C LYS A 5 -5.78 -5.68 -5.34
N TRP A 6 -4.47 -5.73 -5.55
CA TRP A 6 -3.88 -5.20 -6.77
C TRP A 6 -4.19 -6.12 -7.95
N LYS A 7 -4.66 -5.54 -9.04
CA LYS A 7 -5.01 -6.31 -10.24
C LYS A 7 -3.78 -6.84 -10.95
N GLU A 8 -2.73 -6.04 -10.99
CA GLU A 8 -1.49 -6.44 -11.66
C GLU A 8 -0.58 -7.24 -10.73
N CYS A 9 -1.08 -7.63 -9.57
CA CYS A 9 -0.29 -8.39 -8.62
C CYS A 9 -0.77 -9.84 -8.51
N PRO A 10 0.13 -10.82 -8.77
CA PRO A 10 -0.21 -12.24 -8.71
C PRO A 10 0.24 -12.89 -7.41
N GLU A 11 0.59 -12.07 -6.41
CA GLU A 11 1.05 -12.59 -5.13
C GLU A 11 -0.01 -12.43 -4.04
N SER A 12 -0.09 -13.42 -3.16
CA SER A 12 -1.06 -13.40 -2.07
C SER A 12 -0.35 -13.34 -0.72
N ALA A 13 -1.11 -12.97 0.31
CA ALA A 13 -0.57 -12.86 1.67
C ALA A 13 -1.15 -13.94 2.58
N SER A 14 -0.44 -14.25 3.66
CA SER A 14 -0.87 -15.27 4.60
C SER A 14 -1.74 -14.68 5.71
N SER A 15 -1.44 -13.45 6.10
CA SER A 15 -2.20 -12.78 7.16
C SER A 15 -2.38 -11.30 6.84
N LEU A 16 -3.23 -10.63 7.63
CA LEU A 16 -3.50 -9.20 7.43
C LEU A 16 -2.20 -8.42 7.34
N PHE A 17 -1.20 -8.85 8.11
CA PHE A 17 0.10 -8.20 8.12
C PHE A 17 0.84 -8.45 6.83
N ASP A 18 0.67 -9.65 6.25
CA ASP A 18 1.35 -10.00 5.01
C ASP A 18 0.99 -9.04 3.88
N LEU A 19 -0.31 -8.74 3.72
CA LEU A 19 -0.72 -7.82 2.67
C LEU A 19 -0.12 -6.43 2.93
N GLN A 20 -0.22 -5.98 4.17
CA GLN A 20 0.31 -4.68 4.55
C GLN A 20 1.82 -4.63 4.39
N ARG A 21 2.50 -5.69 4.81
CA ARG A 21 3.95 -5.77 4.71
C ARG A 21 4.40 -5.92 3.25
N HIS A 22 3.74 -6.81 2.53
CA HIS A 22 4.07 -7.06 1.13
C HIS A 22 3.79 -5.82 0.27
N LEU A 23 2.61 -5.24 0.45
CA LEU A 23 2.21 -4.07 -0.32
C LEU A 23 3.11 -2.87 -0.03
N LEU A 24 3.44 -2.67 1.24
CA LEU A 24 4.28 -1.56 1.63
C LEU A 24 5.70 -1.69 1.08
N LYS A 25 6.27 -2.88 1.22
CA LYS A 25 7.63 -3.13 0.75
C LYS A 25 7.69 -3.37 -0.76
N ASP A 26 6.72 -4.11 -1.26
CA ASP A 26 6.68 -4.48 -2.67
C ASP A 26 6.07 -3.43 -3.60
N HIS A 27 4.95 -2.85 -3.20
CA HIS A 27 4.27 -1.86 -4.06
C HIS A 27 4.71 -0.42 -3.79
N VAL A 28 5.70 -0.23 -2.93
CA VAL A 28 6.17 1.13 -2.64
C VAL A 28 7.68 1.21 -2.72
N SER A 29 8.15 1.63 -3.88
CA SER A 29 9.57 1.77 -4.14
C SER A 29 10.14 3.00 -3.41
N GLN A 30 9.27 3.94 -3.07
CA GLN A 30 9.68 5.16 -2.38
C GLN A 30 10.64 5.96 -3.25
N ASP A 31 10.13 7.04 -3.83
CA ASP A 31 10.93 7.90 -4.70
C ASP A 31 12.02 8.62 -3.91
N PHE A 32 11.67 9.05 -2.69
CA PHE A 32 12.62 9.76 -1.82
C PHE A 32 12.73 11.23 -2.20
N LYS A 33 12.76 11.51 -3.51
CA LYS A 33 12.87 12.89 -3.99
C LYS A 33 11.92 13.83 -3.26
N HIS A 34 10.81 13.30 -2.77
CA HIS A 34 9.83 14.11 -2.05
C HIS A 34 10.38 14.55 -0.70
N PRO A 35 10.46 15.87 -0.46
CA PRO A 35 10.98 16.42 0.81
C PRO A 35 10.07 16.08 1.99
N MET A 36 8.78 16.34 1.82
CA MET A 36 7.80 16.07 2.87
C MET A 36 6.39 16.05 2.30
N GLU A 37 6.26 15.66 1.04
CA GLU A 37 4.96 15.60 0.39
C GLU A 37 4.19 14.35 0.82
N PRO A 38 2.89 14.50 1.14
CA PRO A 38 2.05 13.37 1.56
C PRO A 38 2.07 12.23 0.56
N LEU A 39 1.95 11.00 1.05
CA LEU A 39 1.95 9.82 0.20
C LEU A 39 0.52 9.46 -0.19
N ALA A 40 0.29 9.27 -1.48
CA ALA A 40 -1.04 8.92 -1.99
C ALA A 40 -1.16 7.44 -2.34
N CYS A 41 -2.38 6.93 -2.24
CA CYS A 41 -2.66 5.53 -2.55
C CYS A 41 -2.33 5.27 -4.02
N ASN A 42 -1.80 4.08 -4.29
CA ASN A 42 -1.41 3.71 -5.63
C ASN A 42 -2.34 2.68 -6.25
N TRP A 43 -3.63 2.79 -5.95
CA TRP A 43 -4.62 1.87 -6.49
C TRP A 43 -5.23 2.43 -7.77
N GLU A 44 -5.60 1.55 -8.69
CA GLU A 44 -6.18 1.95 -9.96
C GLU A 44 -7.35 2.94 -9.79
N ASP A 45 -8.33 2.55 -8.98
CA ASP A 45 -9.51 3.40 -8.78
C ASP A 45 -9.46 4.18 -7.45
N CYS A 46 -8.75 3.66 -6.47
CA CYS A 46 -8.66 4.32 -5.17
C CYS A 46 -7.95 5.66 -5.26
N ASP A 47 -8.49 6.65 -4.57
CA ASP A 47 -7.91 7.99 -4.55
C ASP A 47 -7.48 8.35 -3.13
N PHE A 48 -7.16 7.33 -2.35
CA PHE A 48 -6.74 7.51 -0.96
C PHE A 48 -5.44 8.30 -0.88
N LEU A 49 -5.34 9.15 0.14
CA LEU A 49 -4.16 9.97 0.35
C LEU A 49 -3.76 9.98 1.81
N GLY A 50 -2.46 9.88 2.08
CA GLY A 50 -1.96 9.88 3.43
C GLY A 50 -0.79 10.82 3.63
N ASP A 51 -0.42 11.04 4.89
CA ASP A 51 0.69 11.94 5.21
C ASP A 51 2.03 11.24 4.98
N ASP A 52 2.05 9.92 5.16
CA ASP A 52 3.27 9.14 4.99
C ASP A 52 2.95 7.70 4.58
N THR A 53 3.98 6.87 4.49
CA THR A 53 3.81 5.48 4.12
C THR A 53 3.02 4.71 5.17
N ALA A 54 3.32 5.00 6.44
CA ALA A 54 2.63 4.34 7.54
C ALA A 54 1.13 4.60 7.48
N SER A 55 0.76 5.81 7.08
CA SER A 55 -0.64 6.18 6.98
C SER A 55 -1.34 5.34 5.91
N ILE A 56 -0.59 4.98 4.87
CA ILE A 56 -1.12 4.19 3.77
C ILE A 56 -1.36 2.75 4.22
N VAL A 57 -0.37 2.16 4.88
CA VAL A 57 -0.48 0.78 5.34
C VAL A 57 -1.71 0.60 6.21
N ASN A 58 -2.05 1.63 6.97
CA ASN A 58 -3.22 1.60 7.83
C ASN A 58 -4.48 1.60 6.97
N HIS A 59 -4.48 2.45 5.94
CA HIS A 59 -5.61 2.55 5.04
C HIS A 59 -5.71 1.30 4.15
N ILE A 60 -4.57 0.83 3.67
CA ILE A 60 -4.54 -0.35 2.81
C ILE A 60 -5.11 -1.58 3.49
N ASN A 61 -4.70 -1.81 4.73
CA ASN A 61 -5.18 -2.97 5.46
C ASN A 61 -6.69 -2.86 5.73
N ALA A 62 -7.15 -1.64 6.01
CA ALA A 62 -8.56 -1.41 6.31
C ALA A 62 -9.42 -1.32 5.06
N GLN A 63 -8.92 -0.59 4.08
CA GLN A 63 -9.64 -0.39 2.83
C GLN A 63 -9.23 -1.39 1.76
N HIS A 64 -8.08 -2.03 1.93
CA HIS A 64 -7.60 -3.01 0.95
C HIS A 64 -7.17 -4.30 1.63
ZN ZN B . 0.72 -7.11 -4.17
ZN ZN C . -6.59 2.93 -1.17
N ASP A 1 -5.04 -12.81 7.62
CA ASP A 1 -4.61 -13.06 6.22
C ASP A 1 -4.92 -11.85 5.34
N LEU A 2 -3.90 -11.34 4.67
CA LEU A 2 -4.06 -10.19 3.80
C LEU A 2 -3.86 -10.57 2.33
N LYS A 3 -4.83 -10.20 1.52
CA LYS A 3 -4.84 -10.48 0.09
C LYS A 3 -4.65 -9.22 -0.75
N CYS A 4 -3.53 -9.11 -1.47
CA CYS A 4 -3.30 -7.93 -2.31
C CYS A 4 -4.45 -7.79 -3.31
N LYS A 5 -5.08 -6.62 -3.32
CA LYS A 5 -6.21 -6.37 -4.20
C LYS A 5 -5.81 -5.57 -5.44
N TRP A 6 -4.55 -5.67 -5.83
CA TRP A 6 -4.08 -4.95 -7.01
C TRP A 6 -4.39 -5.74 -8.28
N LYS A 7 -4.95 -5.06 -9.26
CA LYS A 7 -5.31 -5.69 -10.53
C LYS A 7 -4.07 -6.14 -11.30
N GLU A 8 -3.01 -5.34 -11.21
CA GLU A 8 -1.77 -5.65 -11.91
C GLU A 8 -0.86 -6.55 -11.06
N CYS A 9 -1.34 -6.95 -9.88
CA CYS A 9 -0.54 -7.80 -9.00
C CYS A 9 -1.11 -9.23 -8.94
N PRO A 10 -0.29 -10.24 -9.28
CA PRO A 10 -0.70 -11.64 -9.28
C PRO A 10 -0.22 -12.37 -8.03
N GLU A 11 -0.16 -11.68 -6.90
CA GLU A 11 0.30 -12.29 -5.66
C GLU A 11 -0.55 -11.87 -4.47
N SER A 12 -0.77 -12.80 -3.55
CA SER A 12 -1.56 -12.55 -2.36
C SER A 12 -0.72 -12.81 -1.10
N ALA A 13 -1.19 -12.29 0.03
CA ALA A 13 -0.47 -12.47 1.29
C ALA A 13 -1.24 -13.39 2.24
N SER A 14 -0.53 -14.03 3.16
CA SER A 14 -1.15 -14.96 4.10
C SER A 14 -1.45 -14.29 5.44
N SER A 15 -0.90 -13.10 5.67
CA SER A 15 -1.13 -12.38 6.92
C SER A 15 -1.25 -10.88 6.69
N LEU A 16 -1.95 -10.20 7.60
CA LEU A 16 -2.14 -8.75 7.50
C LEU A 16 -0.80 -8.06 7.32
N PHE A 17 0.22 -8.60 7.97
CA PHE A 17 1.57 -8.06 7.89
C PHE A 17 2.18 -8.29 6.52
N ASP A 18 1.86 -9.43 5.92
CA ASP A 18 2.41 -9.80 4.61
C ASP A 18 2.09 -8.76 3.53
N LEU A 19 0.84 -8.30 3.45
CA LEU A 19 0.49 -7.31 2.45
C LEU A 19 1.09 -5.96 2.80
N GLN A 20 1.08 -5.63 4.09
CA GLN A 20 1.63 -4.36 4.55
C GLN A 20 3.07 -4.22 4.10
N ARG A 21 3.86 -5.27 4.33
CA ARG A 21 5.26 -5.29 3.93
C ARG A 21 5.38 -5.45 2.42
N HIS A 22 4.49 -6.23 1.84
CA HIS A 22 4.50 -6.48 0.40
C HIS A 22 4.11 -5.23 -0.39
N LEU A 23 3.02 -4.59 0.02
CA LEU A 23 2.54 -3.39 -0.65
C LEU A 23 3.48 -2.21 -0.44
N LEU A 24 3.85 -1.97 0.81
CA LEU A 24 4.72 -0.87 1.15
C LEU A 24 6.10 -1.02 0.51
N LYS A 25 6.68 -2.21 0.59
CA LYS A 25 8.00 -2.44 0.04
C LYS A 25 7.96 -2.66 -1.48
N ASP A 26 6.98 -3.43 -1.94
CA ASP A 26 6.86 -3.74 -3.37
C ASP A 26 6.13 -2.68 -4.19
N HIS A 27 4.99 -2.21 -3.69
CA HIS A 27 4.19 -1.23 -4.42
C HIS A 27 4.57 0.22 -4.09
N VAL A 28 5.62 0.40 -3.28
CA VAL A 28 6.05 1.74 -2.93
C VAL A 28 7.57 1.80 -2.80
N SER A 29 8.21 2.20 -3.89
CA SER A 29 9.67 2.32 -3.95
C SER A 29 10.16 3.53 -3.15
N GLN A 30 9.25 4.48 -2.90
CA GLN A 30 9.60 5.69 -2.16
C GLN A 30 10.17 5.35 -0.78
N ASP A 31 11.46 5.04 -0.74
CA ASP A 31 12.13 4.69 0.51
C ASP A 31 12.65 5.93 1.23
N PHE A 32 12.83 7.02 0.48
CA PHE A 32 13.32 8.26 1.07
C PHE A 32 13.40 9.38 0.03
N LYS A 33 13.56 9.01 -1.25
CA LYS A 33 13.65 9.99 -2.34
C LYS A 33 12.65 11.12 -2.16
N HIS A 34 11.46 10.81 -1.66
CA HIS A 34 10.43 11.82 -1.47
C HIS A 34 10.80 12.76 -0.33
N PRO A 35 10.91 14.07 -0.60
CA PRO A 35 11.26 15.07 0.42
C PRO A 35 10.22 15.14 1.54
N MET A 36 8.95 15.25 1.15
CA MET A 36 7.86 15.32 2.11
C MET A 36 6.51 15.34 1.41
N GLU A 37 6.41 14.56 0.32
CA GLU A 37 5.17 14.48 -0.43
C GLU A 37 4.26 13.39 0.12
N PRO A 38 2.99 13.73 0.44
CA PRO A 38 2.03 12.76 0.99
C PRO A 38 1.86 11.55 0.08
N LEU A 39 1.60 10.40 0.68
CA LEU A 39 1.41 9.16 -0.08
C LEU A 39 -0.06 8.93 -0.39
N ALA A 40 -0.36 8.75 -1.67
CA ALA A 40 -1.72 8.50 -2.11
C ALA A 40 -1.92 7.04 -2.47
N CYS A 41 -3.16 6.55 -2.33
CA CYS A 41 -3.45 5.16 -2.65
C CYS A 41 -3.15 4.91 -4.12
N ASN A 42 -2.62 3.74 -4.41
CA ASN A 42 -2.24 3.39 -5.77
C ASN A 42 -3.18 2.36 -6.38
N TRP A 43 -4.47 2.46 -6.05
CA TRP A 43 -5.46 1.56 -6.59
C TRP A 43 -6.14 2.16 -7.82
N GLU A 44 -6.54 1.30 -8.74
CA GLU A 44 -7.17 1.71 -9.98
C GLU A 44 -8.39 2.61 -9.73
N ASP A 45 -9.29 2.17 -8.85
CA ASP A 45 -10.51 2.94 -8.57
C ASP A 45 -10.41 3.72 -7.26
N CYS A 46 -9.60 3.25 -6.33
CA CYS A 46 -9.46 3.92 -5.04
C CYS A 46 -8.81 5.29 -5.18
N ASP A 47 -9.41 6.28 -4.52
CA ASP A 47 -8.88 7.64 -4.54
C ASP A 47 -8.39 8.05 -3.16
N PHE A 48 -8.11 7.04 -2.33
CA PHE A 48 -7.63 7.27 -0.97
C PHE A 48 -6.27 7.95 -0.97
N LEU A 49 -6.07 8.85 -0.01
CA LEU A 49 -4.82 9.59 0.11
C LEU A 49 -4.34 9.63 1.56
N GLY A 50 -3.05 9.46 1.76
CA GLY A 50 -2.48 9.49 3.09
C GLY A 50 -1.30 10.43 3.21
N ASP A 51 -1.07 10.96 4.41
CA ASP A 51 0.04 11.88 4.64
C ASP A 51 1.38 11.15 4.65
N ASP A 52 1.37 9.91 5.09
CA ASP A 52 2.59 9.11 5.15
C ASP A 52 2.32 7.68 4.71
N THR A 53 3.37 6.99 4.26
CA THR A 53 3.24 5.60 3.80
C THR A 53 2.58 4.75 4.87
N ALA A 54 2.91 5.01 6.12
CA ALA A 54 2.34 4.27 7.24
C ALA A 54 0.86 4.58 7.41
N SER A 55 0.48 5.82 7.15
CA SER A 55 -0.91 6.23 7.28
C SER A 55 -1.75 5.64 6.16
N ILE A 56 -1.20 5.67 4.95
CA ILE A 56 -1.90 5.11 3.81
C ILE A 56 -1.98 3.59 3.91
N VAL A 57 -0.86 2.95 4.21
CA VAL A 57 -0.85 1.49 4.34
C VAL A 57 -1.88 1.05 5.37
N ASN A 58 -2.07 1.87 6.39
CA ASN A 58 -3.05 1.58 7.41
C ASN A 58 -4.42 1.46 6.75
N HIS A 59 -4.66 2.34 5.78
CA HIS A 59 -5.91 2.31 5.04
C HIS A 59 -5.94 1.10 4.13
N ILE A 60 -4.79 0.80 3.53
CA ILE A 60 -4.66 -0.32 2.62
C ILE A 60 -4.99 -1.64 3.29
N ASN A 61 -4.50 -1.83 4.51
CA ASN A 61 -4.75 -3.07 5.24
C ASN A 61 -6.24 -3.21 5.58
N ALA A 62 -6.87 -2.08 5.97
CA ALA A 62 -8.27 -2.08 6.36
C ALA A 62 -9.20 -2.06 5.15
N GLN A 63 -8.86 -1.23 4.18
CA GLN A 63 -9.68 -1.09 2.98
C GLN A 63 -9.22 -2.02 1.86
N HIS A 64 -8.04 -2.60 2.01
CA HIS A 64 -7.53 -3.52 1.00
C HIS A 64 -6.86 -4.72 1.65
ZN ZN B . 0.76 -6.61 -4.62
ZN ZN C . -7.28 2.53 -1.07
N ASP A 1 -4.98 -12.93 7.33
CA ASP A 1 -5.23 -13.29 5.92
C ASP A 1 -5.40 -12.04 5.05
N LEU A 2 -4.29 -11.54 4.51
CA LEU A 2 -4.33 -10.36 3.67
C LEU A 2 -3.98 -10.70 2.23
N LYS A 3 -4.91 -10.39 1.34
CA LYS A 3 -4.78 -10.67 -0.10
C LYS A 3 -4.59 -9.38 -0.90
N CYS A 4 -3.43 -9.20 -1.52
CA CYS A 4 -3.19 -8.00 -2.32
C CYS A 4 -4.23 -7.90 -3.42
N LYS A 5 -4.92 -6.78 -3.47
CA LYS A 5 -5.99 -6.58 -4.46
C LYS A 5 -5.55 -5.68 -5.62
N TRP A 6 -4.24 -5.62 -5.86
CA TRP A 6 -3.73 -4.80 -6.96
C TRP A 6 -4.04 -5.47 -8.29
N LYS A 7 -4.59 -4.71 -9.23
CA LYS A 7 -4.94 -5.24 -10.54
C LYS A 7 -3.72 -5.75 -11.28
N GLU A 8 -2.63 -5.00 -11.21
CA GLU A 8 -1.39 -5.38 -11.90
C GLU A 8 -0.54 -6.32 -11.04
N CYS A 9 -1.06 -6.75 -9.90
CA CYS A 9 -0.32 -7.64 -9.01
C CYS A 9 -0.90 -9.05 -9.00
N PRO A 10 -0.07 -10.06 -9.34
CA PRO A 10 -0.49 -11.46 -9.36
C PRO A 10 -0.03 -12.23 -8.14
N GLU A 11 -0.04 -11.59 -6.98
CA GLU A 11 0.40 -12.24 -5.75
C GLU A 11 -0.46 -11.85 -4.56
N SER A 12 -0.69 -12.81 -3.67
CA SER A 12 -1.50 -12.58 -2.48
C SER A 12 -0.70 -12.85 -1.21
N ALA A 13 -1.19 -12.35 -0.09
CA ALA A 13 -0.51 -12.53 1.20
C ALA A 13 -1.29 -13.48 2.10
N SER A 14 -0.58 -14.11 3.05
CA SER A 14 -1.21 -15.05 3.97
C SER A 14 -1.70 -14.38 5.25
N SER A 15 -1.13 -13.22 5.57
CA SER A 15 -1.52 -12.50 6.78
C SER A 15 -1.56 -10.99 6.55
N LEU A 16 -2.10 -10.26 7.53
CA LEU A 16 -2.21 -8.81 7.45
C LEU A 16 -0.84 -8.19 7.17
N PHE A 17 0.17 -8.70 7.84
CA PHE A 17 1.53 -8.22 7.67
C PHE A 17 2.10 -8.60 6.31
N ASP A 18 1.71 -9.77 5.80
CA ASP A 18 2.22 -10.24 4.51
C ASP A 18 1.88 -9.27 3.38
N LEU A 19 0.63 -8.81 3.31
CA LEU A 19 0.27 -7.84 2.27
C LEU A 19 0.84 -6.47 2.62
N GLN A 20 0.75 -6.11 3.90
CA GLN A 20 1.26 -4.84 4.37
C GLN A 20 2.74 -4.70 4.07
N ARG A 21 3.50 -5.74 4.37
CA ARG A 21 4.93 -5.76 4.12
C ARG A 21 5.22 -5.81 2.62
N HIS A 22 4.43 -6.60 1.91
CA HIS A 22 4.59 -6.76 0.47
C HIS A 22 4.19 -5.49 -0.29
N LEU A 23 3.08 -4.88 0.09
CA LEU A 23 2.57 -3.69 -0.58
C LEU A 23 3.44 -2.47 -0.35
N LEU A 24 3.76 -2.21 0.90
CA LEU A 24 4.55 -1.03 1.24
C LEU A 24 5.96 -1.08 0.65
N LYS A 25 6.62 -2.23 0.75
CA LYS A 25 7.97 -2.37 0.21
C LYS A 25 7.99 -2.56 -1.30
N ASP A 26 7.07 -3.38 -1.80
CA ASP A 26 7.00 -3.69 -3.21
C ASP A 26 6.26 -2.64 -4.05
N HIS A 27 5.10 -2.20 -3.56
CA HIS A 27 4.30 -1.22 -4.30
C HIS A 27 4.66 0.22 -3.91
N VAL A 28 5.68 0.38 -3.07
CA VAL A 28 6.11 1.71 -2.64
C VAL A 28 7.39 1.63 -1.84
N SER A 29 8.42 1.11 -2.47
CA SER A 29 9.71 0.95 -1.84
C SER A 29 10.29 2.30 -1.43
N GLN A 30 9.92 3.35 -2.16
CA GLN A 30 10.40 4.71 -1.89
C GLN A 30 11.89 4.72 -1.59
N ASP A 31 12.70 4.92 -2.62
CA ASP A 31 14.16 4.95 -2.45
C ASP A 31 14.59 6.16 -1.63
N PHE A 32 13.91 7.29 -1.85
CA PHE A 32 14.24 8.52 -1.13
C PHE A 32 13.04 9.04 -0.34
N LYS A 33 11.85 8.49 -0.62
CA LYS A 33 10.63 8.90 0.05
C LYS A 33 10.54 10.42 0.18
N HIS A 34 9.93 11.07 -0.79
CA HIS A 34 9.79 12.51 -0.79
C HIS A 34 8.80 12.96 0.29
N PRO A 35 9.24 13.80 1.24
CA PRO A 35 8.38 14.29 2.32
C PRO A 35 7.40 15.35 1.84
N MET A 36 7.83 16.16 0.88
CA MET A 36 6.99 17.23 0.34
C MET A 36 5.72 16.64 -0.29
N GLU A 37 5.89 15.90 -1.37
CA GLU A 37 4.77 15.28 -2.06
C GLU A 37 4.10 14.21 -1.18
N PRO A 38 2.86 14.45 -0.73
CA PRO A 38 2.13 13.51 0.11
C PRO A 38 2.00 12.13 -0.53
N LEU A 39 1.85 11.10 0.29
CA LEU A 39 1.72 9.74 -0.21
C LEU A 39 0.25 9.38 -0.41
N ALA A 40 -0.10 9.06 -1.65
CA ALA A 40 -1.48 8.73 -2.02
C ALA A 40 -1.62 7.26 -2.41
N CYS A 41 -2.82 6.72 -2.21
CA CYS A 41 -3.10 5.33 -2.55
C CYS A 41 -2.86 5.11 -4.04
N ASN A 42 -2.33 3.95 -4.38
CA ASN A 42 -2.00 3.64 -5.76
C ASN A 42 -2.91 2.56 -6.34
N TRP A 43 -4.19 2.60 -5.97
CA TRP A 43 -5.15 1.63 -6.47
C TRP A 43 -5.87 2.18 -7.70
N GLU A 44 -6.25 1.30 -8.61
CA GLU A 44 -6.92 1.69 -9.84
C GLU A 44 -8.21 2.47 -9.59
N ASP A 45 -9.04 1.98 -8.68
CA ASP A 45 -10.30 2.64 -8.38
C ASP A 45 -10.25 3.47 -7.10
N CYS A 46 -9.36 3.11 -6.18
CA CYS A 46 -9.24 3.84 -4.93
C CYS A 46 -8.60 5.20 -5.11
N ASP A 47 -9.13 6.19 -4.39
CA ASP A 47 -8.61 7.56 -4.45
C ASP A 47 -8.10 7.98 -3.07
N PHE A 48 -7.72 7.00 -2.27
CA PHE A 48 -7.21 7.24 -0.93
C PHE A 48 -5.91 8.03 -0.96
N LEU A 49 -5.75 8.94 0.00
CA LEU A 49 -4.56 9.77 0.08
C LEU A 49 -4.10 9.91 1.53
N GLY A 50 -2.78 9.87 1.73
CA GLY A 50 -2.23 10.00 3.07
C GLY A 50 -1.05 10.94 3.11
N ASP A 51 -0.62 11.29 4.32
CA ASP A 51 0.51 12.19 4.51
C ASP A 51 1.82 11.42 4.59
N ASP A 52 1.76 10.21 5.14
CA ASP A 52 2.95 9.38 5.28
C ASP A 52 2.70 7.97 4.76
N THR A 53 3.77 7.22 4.56
CA THR A 53 3.67 5.85 4.05
C THR A 53 2.86 4.98 5.02
N ALA A 54 3.15 5.12 6.31
CA ALA A 54 2.46 4.34 7.33
C ALA A 54 0.96 4.60 7.27
N SER A 55 0.59 5.85 6.99
CA SER A 55 -0.82 6.22 6.91
C SER A 55 -1.54 5.39 5.84
N ILE A 56 -0.83 5.06 4.77
CA ILE A 56 -1.40 4.27 3.69
C ILE A 56 -1.58 2.83 4.12
N VAL A 57 -0.53 2.25 4.71
CA VAL A 57 -0.59 0.87 5.16
C VAL A 57 -1.75 0.66 6.11
N ASN A 58 -2.05 1.67 6.91
CA ASN A 58 -3.17 1.59 7.84
C ASN A 58 -4.47 1.56 7.06
N HIS A 59 -4.54 2.38 6.02
CA HIS A 59 -5.73 2.44 5.17
C HIS A 59 -5.86 1.18 4.33
N ILE A 60 -4.74 0.73 3.76
CA ILE A 60 -4.74 -0.46 2.91
C ILE A 60 -5.27 -1.68 3.65
N ASN A 61 -4.83 -1.87 4.88
CA ASN A 61 -5.27 -3.03 5.64
C ASN A 61 -6.77 -2.95 5.95
N ALA A 62 -7.25 -1.73 6.22
CA ALA A 62 -8.66 -1.52 6.55
C ALA A 62 -9.55 -1.48 5.32
N GLN A 63 -9.12 -0.76 4.30
CA GLN A 63 -9.89 -0.63 3.07
C GLN A 63 -9.48 -1.64 2.01
N HIS A 64 -8.31 -2.25 2.18
CA HIS A 64 -7.83 -3.24 1.22
C HIS A 64 -7.39 -4.51 1.94
ZN ZN B . 0.89 -6.61 -4.57
ZN ZN C . -6.90 2.64 -1.03
N ASP A 1 -5.12 -14.12 6.71
CA ASP A 1 -5.30 -14.36 5.25
C ASP A 1 -5.55 -13.05 4.50
N LEU A 2 -4.48 -12.33 4.21
CA LEU A 2 -4.59 -11.06 3.50
C LEU A 2 -4.44 -11.27 1.99
N LYS A 3 -5.37 -10.71 1.26
CA LYS A 3 -5.40 -10.82 -0.21
C LYS A 3 -5.10 -9.49 -0.90
N CYS A 4 -3.96 -9.39 -1.58
CA CYS A 4 -3.62 -8.16 -2.29
C CYS A 4 -4.72 -7.83 -3.30
N LYS A 5 -5.27 -6.62 -3.22
CA LYS A 5 -6.34 -6.22 -4.11
C LYS A 5 -5.82 -5.46 -5.33
N TRP A 6 -4.54 -5.66 -5.66
CA TRP A 6 -3.96 -5.00 -6.81
C TRP A 6 -4.28 -5.76 -8.09
N LYS A 7 -4.74 -5.05 -9.11
CA LYS A 7 -5.09 -5.65 -10.38
C LYS A 7 -3.87 -6.23 -11.10
N GLU A 8 -2.76 -5.50 -11.03
CA GLU A 8 -1.53 -5.94 -11.68
C GLU A 8 -0.70 -6.86 -10.77
N CYS A 9 -1.26 -7.25 -9.64
CA CYS A 9 -0.55 -8.12 -8.71
C CYS A 9 -1.15 -9.53 -8.68
N PRO A 10 -0.34 -10.56 -8.99
CA PRO A 10 -0.79 -11.95 -9.00
C PRO A 10 -0.37 -12.71 -7.75
N GLU A 11 -0.12 -11.98 -6.66
CA GLU A 11 0.30 -12.61 -5.41
C GLU A 11 -0.66 -12.29 -4.26
N SER A 12 -0.88 -13.28 -3.39
CA SER A 12 -1.76 -13.11 -2.25
C SER A 12 -0.99 -13.33 -0.94
N ALA A 13 -1.57 -12.87 0.17
CA ALA A 13 -0.94 -13.01 1.47
C ALA A 13 -1.68 -14.01 2.36
N SER A 14 -0.97 -14.59 3.32
CA SER A 14 -1.57 -15.56 4.23
C SER A 14 -2.02 -14.91 5.53
N SER A 15 -1.50 -13.72 5.82
CA SER A 15 -1.86 -12.99 7.03
C SER A 15 -1.98 -11.50 6.76
N LEU A 16 -2.78 -10.81 7.57
CA LEU A 16 -2.98 -9.38 7.41
C LEU A 16 -1.63 -8.65 7.32
N PHE A 17 -0.66 -9.16 8.06
CA PHE A 17 0.67 -8.59 8.08
C PHE A 17 1.40 -8.85 6.75
N ASP A 18 1.13 -9.99 6.14
CA ASP A 18 1.79 -10.36 4.89
C ASP A 18 1.54 -9.34 3.78
N LEU A 19 0.30 -8.88 3.61
CA LEU A 19 0.03 -7.89 2.56
C LEU A 19 0.64 -6.55 2.89
N GLN A 20 0.57 -6.14 4.16
CA GLN A 20 1.13 -4.86 4.58
C GLN A 20 2.62 -4.79 4.25
N ARG A 21 3.33 -5.84 4.61
CA ARG A 21 4.77 -5.90 4.36
C ARG A 21 5.05 -6.07 2.86
N HIS A 22 4.23 -6.87 2.20
CA HIS A 22 4.38 -7.12 0.77
C HIS A 22 4.03 -5.86 -0.04
N LEU A 23 2.90 -5.25 0.29
CA LEU A 23 2.46 -4.05 -0.42
C LEU A 23 3.39 -2.88 -0.17
N LEU A 24 3.79 -2.69 1.08
CA LEU A 24 4.66 -1.58 1.44
C LEU A 24 6.05 -1.74 0.83
N LYS A 25 6.61 -2.94 0.94
CA LYS A 25 7.95 -3.21 0.41
C LYS A 25 7.95 -3.44 -1.11
N ASP A 26 6.96 -4.18 -1.59
CA ASP A 26 6.87 -4.53 -3.01
C ASP A 26 6.24 -3.45 -3.87
N HIS A 27 5.12 -2.88 -3.43
CA HIS A 27 4.42 -1.87 -4.23
C HIS A 27 4.91 -0.46 -3.92
N VAL A 28 5.94 -0.33 -3.09
CA VAL A 28 6.49 0.98 -2.77
C VAL A 28 7.99 0.90 -2.54
N SER A 29 8.74 1.22 -3.60
CA SER A 29 10.19 1.21 -3.55
C SER A 29 10.73 2.38 -2.75
N GLN A 30 10.08 3.54 -2.89
CA GLN A 30 10.51 4.74 -2.18
C GLN A 30 11.91 5.14 -2.60
N ASP A 31 12.00 5.98 -3.64
CA ASP A 31 13.30 6.44 -4.13
C ASP A 31 13.94 7.42 -3.17
N PHE A 32 13.13 8.29 -2.57
CA PHE A 32 13.62 9.27 -1.63
C PHE A 32 12.50 9.74 -0.70
N LYS A 33 12.71 10.88 -0.05
CA LYS A 33 11.72 11.43 0.88
C LYS A 33 11.37 12.86 0.50
N HIS A 34 10.14 13.09 0.09
CA HIS A 34 9.68 14.42 -0.30
C HIS A 34 9.07 15.15 0.90
N PRO A 35 9.46 16.42 1.13
CA PRO A 35 8.95 17.21 2.24
C PRO A 35 7.54 17.73 1.98
N MET A 36 7.31 18.25 0.78
CA MET A 36 6.00 18.78 0.42
C MET A 36 5.36 17.94 -0.67
N GLU A 37 5.31 16.63 -0.45
CA GLU A 37 4.71 15.71 -1.42
C GLU A 37 4.09 14.51 -0.71
N PRO A 38 2.83 14.64 -0.26
CA PRO A 38 2.11 13.57 0.43
C PRO A 38 2.05 12.28 -0.40
N LEU A 39 1.92 11.15 0.29
CA LEU A 39 1.85 9.86 -0.38
C LEU A 39 0.39 9.49 -0.68
N ALA A 40 0.14 9.09 -1.92
CA ALA A 40 -1.21 8.73 -2.34
C ALA A 40 -1.33 7.24 -2.66
N CYS A 41 -2.54 6.71 -2.48
CA CYS A 41 -2.80 5.30 -2.75
C CYS A 41 -2.52 5.00 -4.21
N ASN A 42 -1.97 3.82 -4.48
CA ASN A 42 -1.62 3.44 -5.84
C ASN A 42 -2.59 2.41 -6.40
N TRP A 43 -3.87 2.54 -6.05
CA TRP A 43 -4.89 1.63 -6.54
C TRP A 43 -5.55 2.21 -7.79
N GLU A 44 -5.98 1.33 -8.69
CA GLU A 44 -6.61 1.74 -9.94
C GLU A 44 -7.76 2.72 -9.72
N ASP A 45 -8.70 2.35 -8.85
CA ASP A 45 -9.87 3.21 -8.59
C ASP A 45 -9.75 3.99 -7.30
N CYS A 46 -8.99 3.48 -6.34
CA CYS A 46 -8.83 4.16 -5.05
C CYS A 46 -8.15 5.52 -5.20
N ASP A 47 -8.66 6.50 -4.44
CA ASP A 47 -8.11 7.84 -4.46
C ASP A 47 -7.63 8.23 -3.05
N PHE A 48 -7.31 7.21 -2.25
CA PHE A 48 -6.84 7.43 -0.89
C PHE A 48 -5.51 8.17 -0.87
N LEU A 49 -5.36 9.04 0.11
CA LEU A 49 -4.14 9.83 0.25
C LEU A 49 -3.69 9.89 1.71
N GLY A 50 -2.38 9.89 1.92
CA GLY A 50 -1.84 9.94 3.26
C GLY A 50 -0.62 10.84 3.36
N ASP A 51 -0.19 11.13 4.58
CA ASP A 51 0.97 11.98 4.81
C ASP A 51 2.27 11.19 4.66
N ASP A 52 2.22 9.91 5.02
CA ASP A 52 3.40 9.05 4.93
C ASP A 52 3.03 7.65 4.45
N THR A 53 4.04 6.85 4.14
CA THR A 53 3.81 5.48 3.67
C THR A 53 3.07 4.66 4.72
N ALA A 54 3.46 4.85 5.99
CA ALA A 54 2.82 4.13 7.08
C ALA A 54 1.32 4.39 7.11
N SER A 55 0.94 5.64 6.87
CA SER A 55 -0.46 6.04 6.86
C SER A 55 -1.23 5.24 5.81
N ILE A 56 -0.55 4.91 4.71
CA ILE A 56 -1.17 4.15 3.64
C ILE A 56 -1.40 2.71 4.08
N VAL A 57 -0.37 2.11 4.67
CA VAL A 57 -0.45 0.73 5.13
C VAL A 57 -1.64 0.55 6.07
N ASN A 58 -1.93 1.57 6.85
CA ASN A 58 -3.06 1.53 7.77
C ASN A 58 -4.35 1.54 6.97
N HIS A 59 -4.38 2.37 5.93
CA HIS A 59 -5.55 2.46 5.08
C HIS A 59 -5.71 1.20 4.23
N ILE A 60 -4.58 0.72 3.68
CA ILE A 60 -4.60 -0.47 2.83
C ILE A 60 -5.19 -1.66 3.55
N ASN A 61 -4.76 -1.89 4.78
CA ASN A 61 -5.26 -3.03 5.54
C ASN A 61 -6.75 -2.89 5.83
N ALA A 62 -7.20 -1.66 6.11
CA ALA A 62 -8.60 -1.40 6.42
C ALA A 62 -9.47 -1.33 5.17
N GLN A 63 -8.99 -0.63 4.16
CA GLN A 63 -9.73 -0.46 2.92
C GLN A 63 -9.35 -1.50 1.87
N HIS A 64 -8.19 -2.13 2.04
CA HIS A 64 -7.74 -3.14 1.08
C HIS A 64 -7.31 -4.41 1.80
ZN ZN B . 0.67 -7.01 -4.26
ZN ZN C . -6.63 2.75 -1.12
N ASP A 1 -6.02 -14.95 6.04
CA ASP A 1 -4.88 -14.44 5.21
C ASP A 1 -5.28 -13.18 4.46
N LEU A 2 -4.28 -12.45 3.97
CA LEU A 2 -4.55 -11.22 3.23
C LEU A 2 -4.33 -11.42 1.73
N LYS A 3 -5.28 -10.88 0.97
CA LYS A 3 -5.27 -10.98 -0.49
C LYS A 3 -5.01 -9.64 -1.16
N CYS A 4 -3.85 -9.49 -1.83
CA CYS A 4 -3.54 -8.24 -2.51
C CYS A 4 -4.63 -7.95 -3.55
N LYS A 5 -5.24 -6.77 -3.46
CA LYS A 5 -6.31 -6.39 -4.39
C LYS A 5 -5.78 -5.58 -5.56
N TRP A 6 -4.49 -5.70 -5.85
CA TRP A 6 -3.90 -4.97 -6.97
C TRP A 6 -4.17 -5.70 -8.28
N LYS A 7 -4.64 -4.94 -9.28
CA LYS A 7 -4.95 -5.51 -10.59
C LYS A 7 -3.69 -6.03 -11.29
N GLU A 8 -2.60 -5.29 -11.17
CA GLU A 8 -1.35 -5.67 -11.81
C GLU A 8 -0.52 -6.62 -10.93
N CYS A 9 -1.08 -7.01 -9.78
CA CYS A 9 -0.36 -7.90 -8.87
C CYS A 9 -0.99 -9.29 -8.83
N PRO A 10 -0.21 -10.35 -9.16
CA PRO A 10 -0.67 -11.72 -9.16
C PRO A 10 -0.24 -12.49 -7.91
N GLU A 11 0.08 -11.77 -6.84
CA GLU A 11 0.54 -12.40 -5.60
C GLU A 11 -0.45 -12.18 -4.47
N SER A 12 -0.58 -13.21 -3.62
CA SER A 12 -1.49 -13.15 -2.48
C SER A 12 -0.70 -13.22 -1.17
N ALA A 13 -1.34 -12.85 -0.07
CA ALA A 13 -0.68 -12.87 1.24
C ALA A 13 -1.26 -13.97 2.13
N SER A 14 -0.47 -14.40 3.11
CA SER A 14 -0.90 -15.45 4.03
C SER A 14 -1.54 -14.87 5.28
N SER A 15 -1.17 -13.64 5.62
CA SER A 15 -1.72 -12.98 6.81
C SER A 15 -1.96 -11.50 6.54
N LEU A 16 -2.85 -10.89 7.33
CA LEU A 16 -3.16 -9.47 7.19
C LEU A 16 -1.88 -8.64 7.15
N PHE A 17 -0.94 -8.99 8.03
CA PHE A 17 0.33 -8.31 8.11
C PHE A 17 1.11 -8.48 6.81
N ASP A 18 0.94 -9.64 6.17
CA ASP A 18 1.65 -9.94 4.94
C ASP A 18 1.36 -8.92 3.85
N LEU A 19 0.09 -8.54 3.66
CA LEU A 19 -0.24 -7.55 2.64
C LEU A 19 0.41 -6.21 2.94
N GLN A 20 0.36 -5.80 4.21
CA GLN A 20 0.95 -4.53 4.62
C GLN A 20 2.44 -4.48 4.27
N ARG A 21 3.15 -5.53 4.63
CA ARG A 21 4.59 -5.62 4.37
C ARG A 21 4.84 -5.81 2.88
N HIS A 22 3.98 -6.60 2.24
CA HIS A 22 4.12 -6.89 0.82
C HIS A 22 3.81 -5.64 -0.01
N LEU A 23 2.72 -4.97 0.30
CA LEU A 23 2.32 -3.77 -0.43
C LEU A 23 3.28 -2.62 -0.16
N LEU A 24 3.56 -2.38 1.11
CA LEU A 24 4.44 -1.29 1.50
C LEU A 24 5.86 -1.51 0.96
N LYS A 25 6.37 -2.73 1.10
CA LYS A 25 7.72 -3.03 0.63
C LYS A 25 7.78 -3.26 -0.88
N ASP A 26 6.80 -3.99 -1.41
CA ASP A 26 6.77 -4.30 -2.85
C ASP A 26 6.16 -3.20 -3.71
N HIS A 27 5.01 -2.67 -3.28
CA HIS A 27 4.33 -1.64 -4.07
C HIS A 27 4.75 -0.23 -3.66
N VAL A 28 5.74 -0.12 -2.78
CA VAL A 28 6.23 1.18 -2.33
C VAL A 28 7.70 1.12 -1.95
N SER A 29 8.56 1.44 -2.90
CA SER A 29 10.00 1.43 -2.67
C SER A 29 10.40 2.48 -1.65
N GLN A 30 9.71 3.62 -1.67
CA GLN A 30 10.00 4.71 -0.74
C GLN A 30 11.41 5.23 -0.94
N ASP A 31 11.64 5.88 -2.07
CA ASP A 31 12.96 6.44 -2.39
C ASP A 31 13.27 7.65 -1.52
N PHE A 32 12.22 8.34 -1.06
CA PHE A 32 12.38 9.51 -0.21
C PHE A 32 13.07 10.63 -0.98
N LYS A 33 12.81 10.71 -2.28
CA LYS A 33 13.40 11.74 -3.12
C LYS A 33 12.75 13.09 -2.87
N HIS A 34 11.46 13.08 -2.57
CA HIS A 34 10.72 14.31 -2.31
C HIS A 34 10.89 14.74 -0.85
N PRO A 35 11.07 16.06 -0.61
CA PRO A 35 11.24 16.59 0.75
C PRO A 35 9.95 16.54 1.56
N MET A 36 8.86 16.97 0.95
CA MET A 36 7.55 16.98 1.61
C MET A 36 6.43 16.77 0.61
N GLU A 37 6.14 15.50 0.32
CA GLU A 37 5.09 15.15 -0.63
C GLU A 37 4.26 13.98 -0.10
N PRO A 38 3.00 14.24 0.29
CA PRO A 38 2.12 13.19 0.82
C PRO A 38 1.96 12.03 -0.16
N LEU A 39 1.84 10.82 0.38
CA LEU A 39 1.69 9.63 -0.44
C LEU A 39 0.22 9.31 -0.67
N ALA A 40 -0.10 8.90 -1.90
CA ALA A 40 -1.47 8.58 -2.28
C ALA A 40 -1.63 7.09 -2.60
N CYS A 41 -2.84 6.57 -2.41
CA CYS A 41 -3.12 5.17 -2.68
C CYS A 41 -2.86 4.88 -4.15
N ASN A 42 -2.32 3.70 -4.42
CA ASN A 42 -1.98 3.32 -5.79
C ASN A 42 -2.95 2.28 -6.35
N TRP A 43 -4.22 2.39 -5.97
CA TRP A 43 -5.23 1.47 -6.45
C TRP A 43 -5.94 2.04 -7.67
N GLU A 44 -6.36 1.16 -8.57
CA GLU A 44 -7.02 1.57 -9.80
C GLU A 44 -8.27 2.43 -9.53
N ASP A 45 -9.12 1.99 -8.62
CA ASP A 45 -10.35 2.72 -8.31
C ASP A 45 -10.24 3.55 -7.04
N CYS A 46 -9.38 3.14 -6.11
CA CYS A 46 -9.22 3.85 -4.85
C CYS A 46 -8.58 5.21 -5.04
N ASP A 47 -9.13 6.21 -4.36
CA ASP A 47 -8.62 7.58 -4.42
C ASP A 47 -8.09 8.01 -3.06
N PHE A 48 -7.75 7.02 -2.22
CA PHE A 48 -7.24 7.26 -0.89
C PHE A 48 -5.90 7.99 -0.94
N LEU A 49 -5.71 8.90 0.00
CA LEU A 49 -4.47 9.67 0.08
C LEU A 49 -4.00 9.82 1.53
N GLY A 50 -2.69 9.73 1.73
CA GLY A 50 -2.14 9.85 3.06
C GLY A 50 -1.00 10.85 3.14
N ASP A 51 -0.58 11.18 4.36
CA ASP A 51 0.50 12.13 4.56
C ASP A 51 1.86 11.43 4.51
N ASP A 52 1.89 10.18 4.94
CA ASP A 52 3.12 9.40 4.94
C ASP A 52 2.87 7.98 4.45
N THR A 53 3.95 7.24 4.21
CA THR A 53 3.85 5.86 3.74
C THR A 53 3.11 5.00 4.75
N ALA A 54 3.30 5.29 6.03
CA ALA A 54 2.66 4.53 7.10
C ALA A 54 1.15 4.75 7.08
N SER A 55 0.74 5.98 6.79
CA SER A 55 -0.68 6.32 6.73
C SER A 55 -1.40 5.43 5.72
N ILE A 56 -0.70 5.07 4.65
CA ILE A 56 -1.27 4.22 3.62
C ILE A 56 -1.42 2.80 4.14
N VAL A 57 -0.37 2.28 4.77
CA VAL A 57 -0.38 0.93 5.30
C VAL A 57 -1.56 0.73 6.24
N ASN A 58 -1.91 1.79 6.97
CA ASN A 58 -3.03 1.72 7.89
C ASN A 58 -4.34 1.63 7.11
N HIS A 59 -4.47 2.45 6.07
CA HIS A 59 -5.66 2.46 5.24
C HIS A 59 -5.75 1.19 4.40
N ILE A 60 -4.64 0.79 3.80
CA ILE A 60 -4.61 -0.39 2.95
C ILE A 60 -5.06 -1.63 3.69
N ASN A 61 -4.57 -1.81 4.90
CA ASN A 61 -4.95 -2.98 5.68
C ASN A 61 -6.44 -2.93 6.04
N ALA A 62 -6.95 -1.73 6.30
CA ALA A 62 -8.36 -1.57 6.68
C ALA A 62 -9.28 -1.58 5.48
N GLN A 63 -8.88 -0.86 4.44
CA GLN A 63 -9.68 -0.75 3.22
C GLN A 63 -9.27 -1.77 2.16
N HIS A 64 -8.08 -2.35 2.32
CA HIS A 64 -7.61 -3.34 1.35
C HIS A 64 -7.07 -4.58 2.08
ZN ZN B . 0.70 -6.88 -4.40
ZN ZN C . -6.91 2.58 -0.93
N ASP A 1 -4.71 -14.15 6.70
CA ASP A 1 -4.89 -14.47 5.25
C ASP A 1 -5.24 -13.21 4.46
N LEU A 2 -4.23 -12.38 4.20
CA LEU A 2 -4.44 -11.15 3.45
C LEU A 2 -4.31 -11.40 1.95
N LYS A 3 -5.28 -10.92 1.20
CA LYS A 3 -5.34 -11.07 -0.25
C LYS A 3 -5.11 -9.75 -0.97
N CYS A 4 -3.99 -9.62 -1.68
CA CYS A 4 -3.71 -8.39 -2.41
C CYS A 4 -4.82 -8.13 -3.43
N LYS A 5 -5.42 -6.95 -3.35
CA LYS A 5 -6.51 -6.59 -4.25
C LYS A 5 -6.01 -5.83 -5.47
N TRP A 6 -4.75 -6.01 -5.81
CA TRP A 6 -4.17 -5.33 -6.96
C TRP A 6 -4.48 -6.11 -8.23
N LYS A 7 -4.95 -5.41 -9.25
CA LYS A 7 -5.30 -6.04 -10.52
C LYS A 7 -4.08 -6.62 -11.22
N GLU A 8 -2.99 -5.85 -11.24
CA GLU A 8 -1.76 -6.29 -11.89
C GLU A 8 -0.88 -7.12 -10.96
N CYS A 9 -1.41 -7.55 -9.82
CA CYS A 9 -0.63 -8.34 -8.87
C CYS A 9 -1.11 -9.79 -8.83
N PRO A 10 -0.21 -10.75 -9.09
CA PRO A 10 -0.52 -12.17 -9.08
C PRO A 10 -0.05 -12.86 -7.81
N GLU A 11 0.05 -12.11 -6.72
CA GLU A 11 0.51 -12.67 -5.45
C GLU A 11 -0.47 -12.38 -4.32
N SER A 12 -0.62 -13.35 -3.42
CA SER A 12 -1.51 -13.21 -2.28
C SER A 12 -0.72 -13.30 -0.97
N ALA A 13 -1.34 -12.86 0.12
CA ALA A 13 -0.70 -12.88 1.43
C ALA A 13 -1.35 -13.91 2.35
N SER A 14 -0.59 -14.39 3.34
CA SER A 14 -1.09 -15.37 4.28
C SER A 14 -1.60 -14.71 5.57
N SER A 15 -1.17 -13.47 5.81
CA SER A 15 -1.58 -12.75 7.01
C SER A 15 -1.81 -11.27 6.68
N LEU A 16 -2.64 -10.61 7.49
CA LEU A 16 -2.94 -9.19 7.30
C LEU A 16 -1.63 -8.40 7.16
N PHE A 17 -0.63 -8.82 7.91
CA PHE A 17 0.68 -8.19 7.90
C PHE A 17 1.39 -8.45 6.58
N ASP A 18 1.16 -9.64 6.02
CA ASP A 18 1.83 -10.03 4.77
C ASP A 18 1.54 -9.06 3.63
N LEU A 19 0.29 -8.65 3.44
CA LEU A 19 -0.03 -7.72 2.36
C LEU A 19 0.53 -6.34 2.65
N GLN A 20 0.43 -5.89 3.90
CA GLN A 20 0.95 -4.58 4.27
C GLN A 20 2.44 -4.48 3.96
N ARG A 21 3.17 -5.53 4.29
CA ARG A 21 4.61 -5.58 4.06
C ARG A 21 4.91 -5.74 2.56
N HIS A 22 4.16 -6.61 1.91
CA HIS A 22 4.36 -6.88 0.49
C HIS A 22 3.93 -5.69 -0.37
N LEU A 23 2.82 -5.06 0.00
CA LEU A 23 2.30 -3.93 -0.76
C LEU A 23 3.17 -2.69 -0.63
N LEU A 24 3.52 -2.34 0.59
CA LEU A 24 4.32 -1.15 0.84
C LEU A 24 5.72 -1.26 0.24
N LYS A 25 6.37 -2.41 0.39
CA LYS A 25 7.71 -2.59 -0.16
C LYS A 25 7.69 -2.88 -1.66
N ASP A 26 6.75 -3.71 -2.09
CA ASP A 26 6.65 -4.10 -3.50
C ASP A 26 5.88 -3.10 -4.36
N HIS A 27 4.72 -2.64 -3.88
CA HIS A 27 3.90 -1.72 -4.65
C HIS A 27 4.22 -0.26 -4.35
N VAL A 28 5.24 0.00 -3.54
CA VAL A 28 5.61 1.37 -3.22
C VAL A 28 7.10 1.50 -2.94
N SER A 29 7.81 2.02 -3.92
CA SER A 29 9.25 2.23 -3.82
C SER A 29 9.55 3.40 -2.89
N GLN A 30 8.60 4.33 -2.80
CA GLN A 30 8.76 5.52 -1.96
C GLN A 30 9.92 6.38 -2.44
N ASP A 31 9.74 7.70 -2.35
CA ASP A 31 10.77 8.64 -2.79
C ASP A 31 12.05 8.49 -1.97
N PHE A 32 11.91 7.98 -0.75
CA PHE A 32 13.05 7.79 0.15
C PHE A 32 13.64 9.13 0.58
N LYS A 33 14.20 9.87 -0.36
CA LYS A 33 14.79 11.17 -0.08
C LYS A 33 13.77 12.29 -0.26
N HIS A 34 12.57 12.09 0.27
CA HIS A 34 11.52 13.10 0.16
C HIS A 34 11.47 13.98 1.42
N PRO A 35 11.34 15.30 1.25
CA PRO A 35 11.29 16.24 2.38
C PRO A 35 9.95 16.21 3.09
N MET A 36 8.86 16.25 2.33
CA MET A 36 7.52 16.23 2.89
C MET A 36 6.46 16.21 1.79
N GLU A 37 6.39 15.11 1.05
CA GLU A 37 5.43 14.97 -0.03
C GLU A 37 4.39 13.89 0.30
N PRO A 38 3.10 14.25 0.36
CA PRO A 38 2.03 13.30 0.67
C PRO A 38 2.02 12.11 -0.28
N LEU A 39 1.49 10.99 0.20
CA LEU A 39 1.43 9.77 -0.60
C LEU A 39 -0.03 9.34 -0.81
N ALA A 40 -0.38 9.13 -2.07
CA ALA A 40 -1.73 8.72 -2.45
C ALA A 40 -1.83 7.22 -2.68
N CYS A 41 -3.02 6.67 -2.48
CA CYS A 41 -3.22 5.23 -2.66
C CYS A 41 -2.88 4.86 -4.10
N ASN A 42 -2.23 3.72 -4.26
CA ASN A 42 -1.81 3.27 -5.57
C ASN A 42 -2.79 2.27 -6.18
N TRP A 43 -4.08 2.40 -5.82
CA TRP A 43 -5.09 1.50 -6.34
C TRP A 43 -5.78 2.10 -7.57
N GLU A 44 -6.20 1.23 -8.47
CA GLU A 44 -6.85 1.65 -9.71
C GLU A 44 -8.10 2.49 -9.46
N ASP A 45 -8.99 2.01 -8.60
CA ASP A 45 -10.24 2.73 -8.32
C ASP A 45 -10.19 3.51 -7.01
N CYS A 46 -9.36 3.08 -6.06
CA CYS A 46 -9.27 3.76 -4.78
C CYS A 46 -8.70 5.17 -4.93
N ASP A 47 -9.34 6.13 -4.26
CA ASP A 47 -8.90 7.51 -4.31
C ASP A 47 -8.34 7.94 -2.96
N PHE A 48 -7.93 6.96 -2.16
CA PHE A 48 -7.37 7.23 -0.83
C PHE A 48 -6.08 8.01 -0.93
N LEU A 49 -5.88 8.93 0.00
CA LEU A 49 -4.67 9.76 0.03
C LEU A 49 -4.11 9.86 1.44
N GLY A 50 -2.80 10.06 1.53
CA GLY A 50 -2.15 10.16 2.82
C GLY A 50 -0.98 11.14 2.81
N ASP A 51 -0.48 11.48 3.98
CA ASP A 51 0.64 12.40 4.11
C ASP A 51 1.98 11.68 3.97
N ASP A 52 1.98 10.38 4.25
CA ASP A 52 3.21 9.59 4.16
C ASP A 52 2.88 8.14 3.83
N THR A 53 3.92 7.36 3.50
CA THR A 53 3.74 5.96 3.16
C THR A 53 3.08 5.20 4.31
N ALA A 54 3.46 5.55 5.54
CA ALA A 54 2.90 4.91 6.72
C ALA A 54 1.39 5.10 6.77
N SER A 55 0.93 6.26 6.34
CA SER A 55 -0.49 6.56 6.34
C SER A 55 -1.22 5.64 5.38
N ILE A 56 -0.55 5.27 4.28
CA ILE A 56 -1.14 4.38 3.30
C ILE A 56 -1.23 2.96 3.82
N VAL A 57 -0.12 2.47 4.39
CA VAL A 57 -0.08 1.12 4.92
C VAL A 57 -1.19 0.89 5.94
N ASN A 58 -1.50 1.94 6.70
CA ASN A 58 -2.55 1.87 7.70
C ASN A 58 -3.91 1.75 7.00
N HIS A 59 -4.11 2.56 5.98
CA HIS A 59 -5.36 2.55 5.23
C HIS A 59 -5.50 1.26 4.41
N ILE A 60 -4.41 0.88 3.75
CA ILE A 60 -4.41 -0.31 2.91
C ILE A 60 -4.81 -1.55 3.68
N ASN A 61 -4.26 -1.72 4.87
CA ASN A 61 -4.58 -2.89 5.68
C ASN A 61 -6.05 -2.87 6.10
N ALA A 62 -6.57 -1.68 6.38
CA ALA A 62 -7.96 -1.52 6.81
C ALA A 62 -8.94 -1.55 5.65
N GLN A 63 -8.60 -0.85 4.58
CA GLN A 63 -9.46 -0.76 3.41
C GLN A 63 -9.09 -1.81 2.36
N HIS A 64 -7.89 -2.35 2.45
CA HIS A 64 -7.45 -3.37 1.49
C HIS A 64 -6.86 -4.57 2.20
ZN ZN B . 0.52 -7.15 -4.44
ZN ZN C . -6.90 2.54 -0.89
N ASP A 1 -4.92 -13.39 7.13
CA ASP A 1 -4.74 -13.68 5.68
C ASP A 1 -5.19 -12.50 4.82
N LEU A 2 -4.23 -11.81 4.22
CA LEU A 2 -4.53 -10.67 3.38
C LEU A 2 -4.23 -10.95 1.90
N LYS A 3 -5.15 -10.54 1.05
CA LYS A 3 -5.06 -10.74 -0.39
C LYS A 3 -4.83 -9.43 -1.13
N CYS A 4 -3.67 -9.28 -1.76
CA CYS A 4 -3.38 -8.06 -2.51
C CYS A 4 -4.45 -7.87 -3.59
N LYS A 5 -5.09 -6.71 -3.59
CA LYS A 5 -6.17 -6.43 -4.53
C LYS A 5 -5.70 -5.58 -5.71
N TRP A 6 -4.41 -5.66 -6.04
CA TRP A 6 -3.88 -4.91 -7.17
C TRP A 6 -4.15 -5.66 -8.47
N LYS A 7 -4.68 -4.96 -9.46
CA LYS A 7 -4.99 -5.58 -10.75
C LYS A 7 -3.73 -6.09 -11.45
N GLU A 8 -2.63 -5.38 -11.28
CA GLU A 8 -1.37 -5.76 -11.90
C GLU A 8 -0.58 -6.74 -11.03
N CYS A 9 -1.06 -6.97 -9.81
CA CYS A 9 -0.36 -7.87 -8.89
C CYS A 9 -1.16 -9.17 -8.68
N PRO A 10 -0.56 -10.34 -8.97
CA PRO A 10 -1.18 -11.64 -8.82
C PRO A 10 -0.73 -12.34 -7.53
N GLU A 11 -0.07 -11.61 -6.65
CA GLU A 11 0.43 -12.18 -5.40
C GLU A 11 -0.53 -11.94 -4.23
N SER A 12 -0.63 -12.94 -3.36
CA SER A 12 -1.49 -12.84 -2.19
C SER A 12 -0.67 -12.95 -0.91
N ALA A 13 -1.26 -12.55 0.22
CA ALA A 13 -0.56 -12.60 1.50
C ALA A 13 -1.15 -13.66 2.41
N SER A 14 -0.31 -14.23 3.27
CA SER A 14 -0.75 -15.27 4.20
C SER A 14 -1.42 -14.67 5.44
N SER A 15 -1.06 -13.43 5.75
CA SER A 15 -1.63 -12.74 6.90
C SER A 15 -1.87 -11.26 6.60
N LEU A 16 -2.61 -10.59 7.48
CA LEU A 16 -2.90 -9.17 7.30
C LEU A 16 -1.61 -8.38 7.12
N PHE A 17 -0.63 -8.69 7.94
CA PHE A 17 0.67 -8.04 7.90
C PHE A 17 1.39 -8.33 6.59
N ASP A 18 1.18 -9.54 6.06
CA ASP A 18 1.86 -9.94 4.83
C ASP A 18 1.54 -8.99 3.67
N LEU A 19 0.29 -8.61 3.49
CA LEU A 19 -0.05 -7.68 2.41
C LEU A 19 0.42 -6.27 2.75
N GLN A 20 0.26 -5.90 4.02
CA GLN A 20 0.67 -4.58 4.46
C GLN A 20 2.16 -4.37 4.18
N ARG A 21 2.96 -5.36 4.58
CA ARG A 21 4.39 -5.31 4.35
C ARG A 21 4.72 -5.53 2.88
N HIS A 22 3.90 -6.34 2.21
CA HIS A 22 4.10 -6.63 0.80
C HIS A 22 3.82 -5.41 -0.06
N LEU A 23 2.68 -4.76 0.21
CA LEU A 23 2.29 -3.59 -0.54
C LEU A 23 3.20 -2.40 -0.23
N LEU A 24 3.54 -2.24 1.04
CA LEU A 24 4.37 -1.15 1.48
C LEU A 24 5.79 -1.27 0.93
N LYS A 25 6.37 -2.46 1.02
CA LYS A 25 7.72 -2.70 0.54
C LYS A 25 7.79 -2.90 -0.97
N ASP A 26 6.83 -3.66 -1.50
CA ASP A 26 6.81 -3.99 -2.92
C ASP A 26 6.16 -2.91 -3.80
N HIS A 27 5.01 -2.40 -3.38
CA HIS A 27 4.31 -1.40 -4.17
C HIS A 27 4.68 0.03 -3.78
N VAL A 28 5.65 0.18 -2.89
CA VAL A 28 6.09 1.50 -2.46
C VAL A 28 7.37 1.43 -1.66
N SER A 29 8.43 1.03 -2.34
CA SER A 29 9.73 0.91 -1.73
C SER A 29 10.35 2.28 -1.47
N GLN A 30 9.93 3.28 -2.25
CA GLN A 30 10.44 4.63 -2.09
C GLN A 30 11.93 4.70 -2.43
N ASP A 31 12.23 5.19 -3.63
CA ASP A 31 13.62 5.32 -4.07
C ASP A 31 14.33 6.42 -3.32
N PHE A 32 13.61 7.51 -3.07
CA PHE A 32 14.18 8.65 -2.36
C PHE A 32 13.15 9.24 -1.39
N LYS A 33 13.40 10.46 -0.95
CA LYS A 33 12.50 11.13 -0.02
C LYS A 33 12.00 12.46 -0.60
N HIS A 34 10.69 12.65 -0.58
CA HIS A 34 10.09 13.87 -1.10
C HIS A 34 9.91 14.90 0.01
N PRO A 35 10.52 16.09 -0.14
CA PRO A 35 10.41 17.16 0.86
C PRO A 35 8.97 17.50 1.20
N MET A 36 8.16 17.71 0.17
CA MET A 36 6.76 18.04 0.36
C MET A 36 5.89 17.32 -0.66
N GLU A 37 5.46 16.10 -0.33
CA GLU A 37 4.62 15.31 -1.22
C GLU A 37 3.99 14.13 -0.47
N PRO A 38 2.73 14.28 -0.02
CA PRO A 38 2.02 13.23 0.70
C PRO A 38 1.96 11.93 -0.08
N LEU A 39 1.84 10.81 0.63
CA LEU A 39 1.76 9.51 0.00
C LEU A 39 0.32 9.11 -0.28
N ALA A 40 -0.02 9.01 -1.56
CA ALA A 40 -1.37 8.67 -1.99
C ALA A 40 -1.50 7.18 -2.35
N CYS A 41 -2.71 6.65 -2.19
CA CYS A 41 -2.96 5.25 -2.51
C CYS A 41 -2.69 5.00 -4.00
N ASN A 42 -2.14 3.84 -4.29
CA ASN A 42 -1.79 3.50 -5.66
C ASN A 42 -2.71 2.43 -6.24
N TRP A 43 -4.00 2.53 -5.93
CA TRP A 43 -4.98 1.58 -6.44
C TRP A 43 -5.62 2.13 -7.71
N GLU A 44 -6.00 1.23 -8.62
CA GLU A 44 -6.62 1.63 -9.88
C GLU A 44 -7.80 2.58 -9.69
N ASP A 45 -8.76 2.19 -8.86
CA ASP A 45 -9.95 3.01 -8.63
C ASP A 45 -9.89 3.79 -7.31
N CYS A 46 -9.14 3.28 -6.34
CA CYS A 46 -9.03 3.94 -5.04
C CYS A 46 -8.39 5.32 -5.15
N ASP A 47 -8.91 6.26 -4.40
CA ASP A 47 -8.39 7.63 -4.38
C ASP A 47 -7.90 8.00 -2.98
N PHE A 48 -7.53 6.98 -2.21
CA PHE A 48 -7.06 7.18 -0.85
C PHE A 48 -5.75 7.97 -0.83
N LEU A 49 -5.62 8.84 0.16
CA LEU A 49 -4.43 9.67 0.31
C LEU A 49 -3.92 9.65 1.75
N GLY A 50 -2.61 9.62 1.91
CA GLY A 50 -2.02 9.61 3.23
C GLY A 50 -0.83 10.55 3.35
N ASP A 51 -0.37 10.77 4.57
CA ASP A 51 0.76 11.67 4.81
C ASP A 51 2.08 10.89 4.79
N ASP A 52 2.03 9.64 5.23
CA ASP A 52 3.23 8.81 5.27
C ASP A 52 2.91 7.39 4.81
N THR A 53 3.96 6.59 4.56
CA THR A 53 3.80 5.22 4.13
C THR A 53 3.00 4.41 5.15
N ALA A 54 3.17 4.74 6.43
CA ALA A 54 2.47 4.04 7.49
C ALA A 54 0.97 4.32 7.43
N SER A 55 0.61 5.54 7.07
CA SER A 55 -0.79 5.92 6.97
C SER A 55 -1.49 5.09 5.89
N ILE A 56 -0.75 4.74 4.85
CA ILE A 56 -1.31 3.94 3.76
C ILE A 56 -1.53 2.51 4.22
N VAL A 57 -0.53 1.94 4.87
CA VAL A 57 -0.61 0.57 5.34
C VAL A 57 -1.83 0.36 6.24
N ASN A 58 -2.17 1.41 6.99
CA ASN A 58 -3.33 1.36 7.86
C ASN A 58 -4.60 1.34 7.02
N HIS A 59 -4.61 2.17 5.98
CA HIS A 59 -5.76 2.25 5.08
C HIS A 59 -5.88 0.99 4.23
N ILE A 60 -4.75 0.53 3.71
CA ILE A 60 -4.74 -0.65 2.85
C ILE A 60 -5.31 -1.88 3.56
N ASN A 61 -4.91 -2.09 4.80
CA ASN A 61 -5.40 -3.23 5.55
C ASN A 61 -6.90 -3.12 5.81
N ALA A 62 -7.37 -1.90 6.08
CA ALA A 62 -8.77 -1.66 6.38
C ALA A 62 -9.63 -1.59 5.11
N GLN A 63 -9.13 -0.87 4.12
CA GLN A 63 -9.85 -0.69 2.86
C GLN A 63 -9.44 -1.72 1.81
N HIS A 64 -8.29 -2.36 2.01
CA HIS A 64 -7.81 -3.35 1.05
C HIS A 64 -7.38 -4.64 1.77
ZN ZN B . 0.83 -6.75 -4.51
ZN ZN C . -6.82 2.56 -1.12
N ASP A 1 -5.32 -14.76 6.00
CA ASP A 1 -5.15 -14.90 4.53
C ASP A 1 -5.54 -13.61 3.82
N LEU A 2 -4.60 -12.67 3.73
CA LEU A 2 -4.86 -11.41 3.06
C LEU A 2 -4.62 -11.52 1.57
N LYS A 3 -5.54 -10.93 0.82
CA LYS A 3 -5.49 -10.97 -0.66
C LYS A 3 -5.19 -9.60 -1.26
N CYS A 4 -4.01 -9.45 -1.88
CA CYS A 4 -3.64 -8.19 -2.51
C CYS A 4 -4.68 -7.83 -3.58
N LYS A 5 -5.24 -6.63 -3.49
CA LYS A 5 -6.26 -6.20 -4.44
C LYS A 5 -5.66 -5.48 -5.64
N TRP A 6 -4.36 -5.67 -5.87
CA TRP A 6 -3.71 -5.04 -7.01
C TRP A 6 -3.92 -5.86 -8.28
N LYS A 7 -4.34 -5.20 -9.35
CA LYS A 7 -4.61 -5.87 -10.62
C LYS A 7 -3.33 -6.42 -11.25
N GLU A 8 -2.26 -5.63 -11.19
CA GLU A 8 -0.98 -6.03 -11.78
C GLU A 8 -0.17 -6.90 -10.82
N CYS A 9 -0.76 -7.27 -9.68
CA CYS A 9 -0.05 -8.08 -8.70
C CYS A 9 -0.60 -9.52 -8.64
N PRO A 10 0.26 -10.52 -8.87
CA PRO A 10 -0.13 -11.93 -8.85
C PRO A 10 0.26 -12.62 -7.54
N GLU A 11 0.47 -11.85 -6.48
CA GLU A 11 0.87 -12.41 -5.20
C GLU A 11 -0.23 -12.25 -4.14
N SER A 12 -0.36 -13.25 -3.29
CA SER A 12 -1.35 -13.25 -2.23
C SER A 12 -0.67 -13.27 -0.86
N ALA A 13 -1.43 -12.93 0.19
CA ALA A 13 -0.89 -12.92 1.54
C ALA A 13 -1.50 -14.03 2.40
N SER A 14 -0.78 -14.43 3.44
CA SER A 14 -1.23 -15.49 4.33
C SER A 14 -2.00 -14.93 5.53
N SER A 15 -1.64 -13.70 5.93
CA SER A 15 -2.31 -13.05 7.05
C SER A 15 -2.50 -11.57 6.79
N LEU A 16 -3.41 -10.94 7.53
CA LEU A 16 -3.68 -9.51 7.36
C LEU A 16 -2.38 -8.73 7.40
N PHE A 17 -1.43 -9.21 8.18
CA PHE A 17 -0.13 -8.58 8.30
C PHE A 17 0.68 -8.73 7.01
N ASP A 18 0.50 -9.86 6.34
CA ASP A 18 1.23 -10.13 5.11
C ASP A 18 0.99 -9.06 4.05
N LEU A 19 -0.26 -8.67 3.83
CA LEU A 19 -0.56 -7.65 2.84
C LEU A 19 0.14 -6.33 3.20
N GLN A 20 0.05 -5.95 4.47
CA GLN A 20 0.67 -4.71 4.94
C GLN A 20 2.17 -4.70 4.65
N ARG A 21 2.84 -5.79 5.01
CA ARG A 21 4.28 -5.92 4.79
C ARG A 21 4.59 -6.10 3.31
N HIS A 22 3.72 -6.83 2.62
CA HIS A 22 3.91 -7.10 1.20
C HIS A 22 3.69 -5.83 0.38
N LEU A 23 2.61 -5.12 0.66
CA LEU A 23 2.29 -3.90 -0.07
C LEU A 23 3.26 -2.77 0.23
N LEU A 24 3.59 -2.61 1.49
CA LEU A 24 4.48 -1.54 1.93
C LEU A 24 5.90 -1.76 1.39
N LYS A 25 6.41 -2.97 1.51
CA LYS A 25 7.76 -3.28 1.05
C LYS A 25 7.84 -3.49 -0.46
N ASP A 26 6.85 -4.20 -1.00
CA ASP A 26 6.84 -4.54 -2.42
C ASP A 26 6.27 -3.45 -3.32
N HIS A 27 5.15 -2.86 -2.94
CA HIS A 27 4.50 -1.85 -3.78
C HIS A 27 4.97 -0.43 -3.49
N VAL A 28 5.98 -0.27 -2.63
CA VAL A 28 6.50 1.06 -2.32
C VAL A 28 8.02 1.06 -2.30
N SER A 29 8.58 1.42 -3.44
CA SER A 29 10.02 1.49 -3.60
C SER A 29 10.60 2.69 -2.87
N GLN A 30 9.79 3.74 -2.72
CA GLN A 30 10.21 4.95 -2.04
C GLN A 30 11.39 5.61 -2.77
N ASP A 31 11.07 6.51 -3.69
CA ASP A 31 12.09 7.22 -4.46
C ASP A 31 12.80 8.26 -3.60
N PHE A 32 12.05 8.92 -2.73
CA PHE A 32 12.60 9.94 -1.85
C PHE A 32 13.11 11.13 -2.66
N LYS A 33 12.39 11.47 -3.73
CA LYS A 33 12.77 12.58 -4.58
C LYS A 33 12.16 13.88 -4.10
N HIS A 34 11.00 13.78 -3.46
CA HIS A 34 10.30 14.95 -2.93
C HIS A 34 10.77 15.28 -1.51
N PRO A 35 10.95 16.58 -1.20
CA PRO A 35 11.40 17.02 0.12
C PRO A 35 10.30 16.90 1.16
N MET A 36 9.09 17.34 0.81
CA MET A 36 7.95 17.29 1.72
C MET A 36 6.65 17.16 0.94
N GLU A 37 6.28 15.93 0.61
CA GLU A 37 5.05 15.68 -0.13
C GLU A 37 4.33 14.44 0.40
N PRO A 38 3.07 14.58 0.86
CA PRO A 38 2.29 13.46 1.40
C PRO A 38 2.18 12.30 0.41
N LEU A 39 1.99 11.10 0.94
CA LEU A 39 1.87 9.91 0.11
C LEU A 39 0.40 9.64 -0.23
N ALA A 40 0.18 9.05 -1.40
CA ALA A 40 -1.18 8.76 -1.87
C ALA A 40 -1.33 7.29 -2.26
N CYS A 41 -2.56 6.78 -2.13
CA CYS A 41 -2.85 5.39 -2.48
C CYS A 41 -2.55 5.16 -3.95
N ASN A 42 -2.02 3.98 -4.26
CA ASN A 42 -1.64 3.65 -5.62
C ASN A 42 -2.59 2.64 -6.27
N TRP A 43 -3.86 2.72 -5.95
CA TRP A 43 -4.86 1.83 -6.52
C TRP A 43 -5.51 2.47 -7.74
N GLU A 44 -5.88 1.63 -8.71
CA GLU A 44 -6.49 2.11 -9.94
C GLU A 44 -7.77 2.90 -9.70
N ASP A 45 -8.64 2.38 -8.82
CA ASP A 45 -9.92 3.05 -8.54
C ASP A 45 -9.89 3.83 -7.23
N CYS A 46 -9.03 3.43 -6.30
CA CYS A 46 -8.95 4.10 -5.01
C CYS A 46 -8.23 5.45 -5.12
N ASP A 47 -8.78 6.44 -4.42
CA ASP A 47 -8.19 7.78 -4.41
C ASP A 47 -7.73 8.14 -3.01
N PHE A 48 -7.39 7.11 -2.24
CA PHE A 48 -6.93 7.28 -0.87
C PHE A 48 -5.62 8.05 -0.81
N LEU A 49 -5.47 8.90 0.20
CA LEU A 49 -4.28 9.70 0.37
C LEU A 49 -3.89 9.78 1.85
N GLY A 50 -2.60 9.67 2.13
CA GLY A 50 -2.12 9.73 3.49
C GLY A 50 -0.96 10.70 3.67
N ASP A 51 -0.62 11.00 4.92
CA ASP A 51 0.47 11.92 5.22
C ASP A 51 1.81 11.20 5.21
N ASP A 52 1.81 9.93 5.60
CA ASP A 52 3.03 9.14 5.63
C ASP A 52 2.79 7.73 5.08
N THR A 53 3.87 7.00 4.85
CA THR A 53 3.77 5.64 4.32
C THR A 53 2.98 4.75 5.27
N ALA A 54 3.19 4.93 6.57
CA ALA A 54 2.49 4.14 7.57
C ALA A 54 0.98 4.37 7.49
N SER A 55 0.59 5.60 7.21
CA SER A 55 -0.83 5.95 7.10
C SER A 55 -1.50 5.13 6.01
N ILE A 56 -0.75 4.82 4.95
CA ILE A 56 -1.29 4.03 3.85
C ILE A 56 -1.47 2.58 4.27
N VAL A 57 -0.44 2.02 4.90
CA VAL A 57 -0.49 0.64 5.34
C VAL A 57 -1.71 0.39 6.22
N ASN A 58 -2.08 1.39 7.02
CA ASN A 58 -3.25 1.29 7.87
C ASN A 58 -4.51 1.29 7.03
N HIS A 59 -4.54 2.16 6.01
CA HIS A 59 -5.67 2.25 5.11
C HIS A 59 -5.77 1.01 4.22
N ILE A 60 -4.64 0.59 3.67
CA ILE A 60 -4.61 -0.56 2.77
C ILE A 60 -5.16 -1.81 3.44
N ASN A 61 -4.74 -2.06 4.66
CA ASN A 61 -5.21 -3.24 5.38
C ASN A 61 -6.71 -3.16 5.65
N ALA A 62 -7.19 -1.96 5.97
CA ALA A 62 -8.61 -1.76 6.28
C ALA A 62 -9.48 -1.66 5.04
N GLN A 63 -9.02 -0.89 4.06
CA GLN A 63 -9.78 -0.71 2.82
C GLN A 63 -9.35 -1.68 1.73
N HIS A 64 -8.18 -2.30 1.90
CA HIS A 64 -7.69 -3.24 0.91
C HIS A 64 -7.24 -4.54 1.56
ZN ZN B . 0.71 -6.94 -4.17
ZN ZN C . -6.76 2.76 -1.07
N ASP A 1 -5.83 -13.08 6.93
CA ASP A 1 -5.54 -13.40 5.51
C ASP A 1 -5.75 -12.18 4.62
N LEU A 2 -4.66 -11.58 4.17
CA LEU A 2 -4.74 -10.41 3.31
C LEU A 2 -4.26 -10.72 1.90
N LYS A 3 -5.10 -10.40 0.92
CA LYS A 3 -4.82 -10.64 -0.48
C LYS A 3 -4.60 -9.33 -1.24
N CYS A 4 -3.38 -9.09 -1.71
CA CYS A 4 -3.09 -7.88 -2.47
C CYS A 4 -3.98 -7.83 -3.70
N LYS A 5 -4.73 -6.74 -3.86
CA LYS A 5 -5.65 -6.60 -4.99
C LYS A 5 -5.14 -5.60 -6.02
N TRP A 6 -3.83 -5.56 -6.22
CA TRP A 6 -3.25 -4.65 -7.20
C TRP A 6 -3.42 -5.24 -8.61
N LYS A 7 -3.90 -4.41 -9.53
CA LYS A 7 -4.12 -4.85 -10.90
C LYS A 7 -2.85 -5.42 -11.53
N GLU A 8 -1.73 -4.74 -11.31
CA GLU A 8 -0.46 -5.18 -11.87
C GLU A 8 0.27 -6.18 -10.95
N CYS A 9 -0.39 -6.57 -9.86
CA CYS A 9 0.23 -7.51 -8.92
C CYS A 9 -0.44 -8.88 -8.96
N PRO A 10 0.33 -9.95 -9.25
CA PRO A 10 -0.17 -11.31 -9.32
C PRO A 10 0.17 -12.13 -8.08
N GLU A 11 0.23 -11.45 -6.93
CA GLU A 11 0.57 -12.13 -5.68
C GLU A 11 -0.35 -11.71 -4.54
N SER A 12 -0.68 -12.66 -3.68
CA SER A 12 -1.55 -12.41 -2.54
C SER A 12 -0.83 -12.78 -1.24
N ALA A 13 -1.36 -12.32 -0.11
CA ALA A 13 -0.77 -12.61 1.19
C ALA A 13 -1.66 -13.56 1.99
N SER A 14 -1.05 -14.27 2.93
CA SER A 14 -1.77 -15.23 3.75
C SER A 14 -2.25 -14.63 5.07
N SER A 15 -1.74 -13.46 5.42
CA SER A 15 -2.14 -12.80 6.67
C SER A 15 -2.27 -11.29 6.48
N LEU A 16 -2.95 -10.64 7.44
CA LEU A 16 -3.16 -9.20 7.40
C LEU A 16 -1.81 -8.47 7.33
N PHE A 17 -0.84 -8.99 8.07
CA PHE A 17 0.49 -8.41 8.09
C PHE A 17 1.24 -8.63 6.78
N ASP A 18 0.99 -9.79 6.15
CA ASP A 18 1.67 -10.12 4.91
C ASP A 18 1.43 -9.10 3.80
N LEU A 19 0.18 -8.66 3.60
CA LEU A 19 -0.09 -7.67 2.57
C LEU A 19 0.49 -6.31 2.96
N GLN A 20 0.37 -5.98 4.24
CA GLN A 20 0.89 -4.71 4.74
C GLN A 20 2.39 -4.59 4.47
N ARG A 21 3.13 -5.64 4.81
CA ARG A 21 4.57 -5.66 4.60
C ARG A 21 4.89 -5.81 3.12
N HIS A 22 4.03 -6.55 2.42
CA HIS A 22 4.23 -6.78 0.99
C HIS A 22 3.99 -5.49 0.20
N LEU A 23 2.89 -4.81 0.50
CA LEU A 23 2.55 -3.58 -0.18
C LEU A 23 3.51 -2.45 0.18
N LEU A 24 3.86 -2.37 1.45
CA LEU A 24 4.75 -1.33 1.94
C LEU A 24 6.16 -1.50 1.37
N LYS A 25 6.68 -2.72 1.41
CA LYS A 25 8.03 -2.99 0.90
C LYS A 25 8.06 -3.10 -0.62
N ASP A 26 7.05 -3.76 -1.17
CA ASP A 26 6.98 -3.99 -2.62
C ASP A 26 6.39 -2.82 -3.40
N HIS A 27 5.28 -2.28 -2.90
CA HIS A 27 4.60 -1.18 -3.61
C HIS A 27 4.93 0.19 -3.02
N VAL A 28 5.49 0.22 -1.81
CA VAL A 28 5.84 1.48 -1.16
C VAL A 28 7.30 1.51 -0.80
N SER A 29 8.13 0.96 -1.68
CA SER A 29 9.56 0.91 -1.48
C SER A 29 10.16 2.31 -1.51
N GLN A 30 9.43 3.26 -2.10
CA GLN A 30 9.89 4.65 -2.19
C GLN A 30 11.35 4.74 -2.60
N ASP A 31 11.59 4.91 -3.90
CA ASP A 31 12.95 5.01 -4.43
C ASP A 31 13.51 6.41 -4.23
N PHE A 32 12.63 7.41 -4.28
CA PHE A 32 13.03 8.79 -4.10
C PHE A 32 12.47 9.36 -2.80
N LYS A 33 11.21 9.04 -2.52
CA LYS A 33 10.56 9.52 -1.30
C LYS A 33 10.45 11.04 -1.30
N HIS A 34 9.24 11.54 -1.54
CA HIS A 34 8.99 12.97 -1.57
C HIS A 34 8.47 13.46 -0.21
N PRO A 35 9.18 14.40 0.42
CA PRO A 35 8.79 14.94 1.73
C PRO A 35 7.68 15.99 1.61
N MET A 36 7.68 16.71 0.51
CA MET A 36 6.68 17.75 0.27
C MET A 36 5.42 17.17 -0.36
N GLU A 37 5.60 16.18 -1.23
CA GLU A 37 4.48 15.54 -1.90
C GLU A 37 3.88 14.44 -1.04
N PRO A 38 2.62 14.60 -0.60
CA PRO A 38 1.93 13.60 0.24
C PRO A 38 1.90 12.22 -0.40
N LEU A 39 1.79 11.20 0.42
CA LEU A 39 1.75 9.83 -0.06
C LEU A 39 0.30 9.39 -0.32
N ALA A 40 -0.03 9.19 -1.58
CA ALA A 40 -1.38 8.80 -1.99
C ALA A 40 -1.45 7.33 -2.36
N CYS A 41 -2.64 6.74 -2.20
CA CYS A 41 -2.85 5.33 -2.51
C CYS A 41 -2.55 5.10 -3.99
N ASN A 42 -1.96 3.96 -4.29
CA ASN A 42 -1.60 3.63 -5.65
C ASN A 42 -2.49 2.55 -6.23
N TRP A 43 -3.78 2.60 -5.89
CA TRP A 43 -4.74 1.64 -6.40
C TRP A 43 -5.43 2.18 -7.64
N GLU A 44 -5.80 1.27 -8.54
CA GLU A 44 -6.45 1.64 -9.80
C GLU A 44 -7.64 2.58 -9.59
N ASP A 45 -8.59 2.16 -8.75
CA ASP A 45 -9.79 2.98 -8.52
C ASP A 45 -9.73 3.74 -7.20
N CYS A 46 -8.96 3.24 -6.24
CA CYS A 46 -8.86 3.90 -4.93
C CYS A 46 -8.24 5.29 -5.04
N ASP A 47 -8.80 6.23 -4.28
CA ASP A 47 -8.32 7.60 -4.26
C ASP A 47 -7.85 7.99 -2.86
N PHE A 48 -7.48 6.97 -2.08
CA PHE A 48 -7.01 7.18 -0.71
C PHE A 48 -5.72 7.98 -0.69
N LEU A 49 -5.58 8.85 0.31
CA LEU A 49 -4.39 9.69 0.44
C LEU A 49 -3.90 9.69 1.88
N GLY A 50 -2.59 9.79 2.04
CA GLY A 50 -1.99 9.81 3.36
C GLY A 50 -0.82 10.78 3.47
N ASP A 51 -0.37 11.02 4.70
CA ASP A 51 0.74 11.94 4.93
C ASP A 51 2.07 11.19 4.93
N ASP A 52 2.05 9.95 5.38
CA ASP A 52 3.26 9.13 5.44
C ASP A 52 2.99 7.72 4.92
N THR A 53 4.06 6.98 4.66
CA THR A 53 3.94 5.62 4.16
C THR A 53 3.17 4.75 5.15
N ALA A 54 3.33 5.03 6.43
CA ALA A 54 2.65 4.27 7.47
C ALA A 54 1.15 4.50 7.42
N SER A 55 0.74 5.72 7.10
CA SER A 55 -0.66 6.07 7.02
C SER A 55 -1.36 5.23 5.96
N ILE A 56 -0.63 4.90 4.89
CA ILE A 56 -1.19 4.10 3.81
C ILE A 56 -1.37 2.65 4.25
N VAL A 57 -0.33 2.09 4.87
CA VAL A 57 -0.38 0.71 5.32
C VAL A 57 -1.57 0.49 6.25
N ASN A 58 -1.88 1.51 7.04
CA ASN A 58 -3.02 1.43 7.94
C ASN A 58 -4.31 1.40 7.13
N HIS A 59 -4.34 2.21 6.08
CA HIS A 59 -5.50 2.27 5.20
C HIS A 59 -5.62 0.99 4.38
N ILE A 60 -4.50 0.53 3.83
CA ILE A 60 -4.49 -0.67 3.00
C ILE A 60 -5.04 -1.88 3.74
N ASN A 61 -4.60 -2.07 4.97
CA ASN A 61 -5.04 -3.21 5.75
C ASN A 61 -6.54 -3.13 6.04
N ALA A 62 -7.04 -1.91 6.32
CA ALA A 62 -8.45 -1.72 6.65
C ALA A 62 -9.33 -1.66 5.40
N GLN A 63 -8.89 -0.92 4.40
CA GLN A 63 -9.66 -0.77 3.17
C GLN A 63 -9.24 -1.77 2.09
N HIS A 64 -8.05 -2.34 2.24
CA HIS A 64 -7.56 -3.30 1.26
C HIS A 64 -7.17 -4.62 1.93
ZN ZN B . 1.11 -6.51 -4.42
ZN ZN C . -6.62 2.57 -0.99
N ASP A 1 -4.36 -15.09 5.92
CA ASP A 1 -4.20 -15.18 4.44
C ASP A 1 -4.70 -13.91 3.76
N LEU A 2 -3.82 -12.92 3.65
CA LEU A 2 -4.19 -11.66 3.02
C LEU A 2 -4.00 -11.74 1.51
N LYS A 3 -4.96 -11.18 0.79
CA LYS A 3 -4.97 -11.18 -0.67
C LYS A 3 -4.75 -9.78 -1.24
N CYS A 4 -3.62 -9.56 -1.92
CA CYS A 4 -3.34 -8.26 -2.51
C CYS A 4 -4.47 -7.92 -3.49
N LYS A 5 -5.09 -6.76 -3.31
CA LYS A 5 -6.21 -6.35 -4.16
C LYS A 5 -5.73 -5.66 -5.43
N TRP A 6 -4.42 -5.64 -5.66
CA TRP A 6 -3.88 -5.02 -6.87
C TRP A 6 -4.15 -5.90 -8.08
N LYS A 7 -4.67 -5.31 -9.14
CA LYS A 7 -4.98 -6.05 -10.36
C LYS A 7 -3.71 -6.43 -11.13
N GLU A 8 -2.71 -5.57 -11.08
CA GLU A 8 -1.47 -5.82 -11.79
C GLU A 8 -0.49 -6.63 -10.94
N CYS A 9 -0.93 -7.03 -9.75
CA CYS A 9 -0.09 -7.82 -8.85
C CYS A 9 -0.57 -9.26 -8.75
N PRO A 10 0.31 -10.24 -9.07
CA PRO A 10 -0.02 -11.65 -9.00
C PRO A 10 0.49 -12.32 -7.72
N GLU A 11 0.76 -11.51 -6.70
CA GLU A 11 1.26 -12.03 -5.43
C GLU A 11 0.20 -12.02 -4.34
N SER A 12 0.23 -13.04 -3.49
CA SER A 12 -0.73 -13.16 -2.39
C SER A 12 -0.01 -13.13 -1.05
N ALA A 13 -0.77 -12.87 0.01
CA ALA A 13 -0.21 -12.81 1.37
C ALA A 13 -0.70 -13.96 2.23
N SER A 14 0.07 -14.30 3.26
CA SER A 14 -0.27 -15.38 4.17
C SER A 14 -1.04 -14.86 5.38
N SER A 15 -0.76 -13.61 5.77
CA SER A 15 -1.42 -13.00 6.91
C SER A 15 -1.71 -11.53 6.63
N LEU A 16 -2.63 -10.93 7.39
CA LEU A 16 -2.96 -9.52 7.22
C LEU A 16 -1.71 -8.67 7.21
N PHE A 17 -0.70 -9.12 7.94
CA PHE A 17 0.56 -8.41 8.02
C PHE A 17 1.32 -8.52 6.70
N ASP A 18 1.18 -9.67 6.04
CA ASP A 18 1.87 -9.91 4.77
C ASP A 18 1.49 -8.88 3.72
N LEU A 19 0.20 -8.58 3.58
CA LEU A 19 -0.23 -7.58 2.60
C LEU A 19 0.32 -6.20 2.95
N GLN A 20 0.21 -5.83 4.23
CA GLN A 20 0.71 -4.54 4.68
C GLN A 20 2.19 -4.40 4.39
N ARG A 21 2.96 -5.41 4.75
CA ARG A 21 4.39 -5.40 4.53
C ARG A 21 4.71 -5.57 3.04
N HIS A 22 3.91 -6.37 2.36
CA HIS A 22 4.10 -6.61 0.94
C HIS A 22 3.77 -5.37 0.12
N LEU A 23 2.63 -4.75 0.41
CA LEU A 23 2.22 -3.54 -0.30
C LEU A 23 3.15 -2.38 -0.01
N LEU A 24 3.52 -2.24 1.26
CA LEU A 24 4.39 -1.16 1.68
C LEU A 24 5.79 -1.29 1.07
N LYS A 25 6.35 -2.49 1.14
CA LYS A 25 7.68 -2.75 0.60
C LYS A 25 7.66 -2.92 -0.90
N ASP A 26 6.65 -3.62 -1.40
CA ASP A 26 6.54 -3.90 -2.84
C ASP A 26 5.88 -2.77 -3.63
N HIS A 27 4.78 -2.24 -3.14
CA HIS A 27 4.05 -1.18 -3.85
C HIS A 27 4.37 0.22 -3.31
N VAL A 28 4.95 0.30 -2.12
CA VAL A 28 5.28 1.59 -1.52
C VAL A 28 6.75 1.68 -1.20
N SER A 29 7.56 1.17 -2.10
CA SER A 29 9.00 1.17 -1.94
C SER A 29 9.58 2.59 -2.07
N GLN A 30 8.80 3.47 -2.71
CA GLN A 30 9.21 4.87 -2.92
C GLN A 30 10.73 5.01 -3.10
N ASP A 31 11.16 4.96 -4.35
CA ASP A 31 12.59 5.09 -4.66
C ASP A 31 13.04 6.54 -4.54
N PHE A 32 12.14 7.46 -4.86
CA PHE A 32 12.45 8.89 -4.78
C PHE A 32 12.72 9.32 -3.35
N LYS A 33 13.65 10.25 -3.19
CA LYS A 33 14.00 10.75 -1.86
C LYS A 33 13.29 12.07 -1.57
N HIS A 34 11.98 12.00 -1.43
CA HIS A 34 11.17 13.19 -1.16
C HIS A 34 11.22 13.54 0.33
N PRO A 35 11.69 14.75 0.67
CA PRO A 35 11.79 15.20 2.06
C PRO A 35 10.42 15.53 2.66
N MET A 36 9.61 16.25 1.90
CA MET A 36 8.27 16.63 2.34
C MET A 36 7.26 16.53 1.21
N GLU A 37 6.51 15.43 1.19
CA GLU A 37 5.50 15.21 0.16
C GLU A 37 4.54 14.10 0.56
N PRO A 38 3.26 14.42 0.78
CA PRO A 38 2.25 13.42 1.18
C PRO A 38 2.17 12.26 0.18
N LEU A 39 1.72 11.10 0.67
CA LEU A 39 1.60 9.93 -0.17
C LEU A 39 0.13 9.64 -0.49
N ALA A 40 -0.12 9.17 -1.70
CA ALA A 40 -1.48 8.86 -2.14
C ALA A 40 -1.65 7.39 -2.47
N CYS A 41 -2.87 6.87 -2.32
CA CYS A 41 -3.16 5.48 -2.61
C CYS A 41 -2.86 5.19 -4.08
N ASN A 42 -2.32 4.01 -4.35
CA ASN A 42 -1.94 3.64 -5.70
C ASN A 42 -2.87 2.58 -6.30
N TRP A 43 -4.16 2.67 -5.97
CA TRP A 43 -5.14 1.74 -6.49
C TRP A 43 -5.80 2.31 -7.74
N GLU A 44 -6.18 1.42 -8.66
CA GLU A 44 -6.81 1.84 -9.91
C GLU A 44 -8.11 2.60 -9.69
N ASP A 45 -8.97 2.10 -8.80
CA ASP A 45 -10.25 2.75 -8.54
C ASP A 45 -10.23 3.58 -7.25
N CYS A 46 -9.37 3.22 -6.32
CA CYS A 46 -9.29 3.94 -5.05
C CYS A 46 -8.63 5.30 -5.22
N ASP A 47 -9.17 6.30 -4.52
CA ASP A 47 -8.65 7.66 -4.55
C ASP A 47 -8.15 8.07 -3.17
N PHE A 48 -7.77 7.07 -2.37
CA PHE A 48 -7.27 7.31 -1.03
C PHE A 48 -5.97 8.10 -1.05
N LEU A 49 -5.83 9.00 -0.08
CA LEU A 49 -4.63 9.82 0.03
C LEU A 49 -4.22 9.98 1.49
N GLY A 50 -2.91 9.91 1.74
CA GLY A 50 -2.40 10.04 3.09
C GLY A 50 -1.26 11.03 3.19
N ASP A 51 -0.89 11.38 4.42
CA ASP A 51 0.20 12.32 4.65
C ASP A 51 1.55 11.62 4.64
N ASP A 52 1.56 10.37 5.09
CA ASP A 52 2.79 9.59 5.13
C ASP A 52 2.54 8.15 4.67
N THR A 53 3.62 7.38 4.55
CA THR A 53 3.53 5.99 4.12
C THR A 53 2.76 5.16 5.13
N ALA A 54 2.96 5.46 6.41
CA ALA A 54 2.27 4.73 7.48
C ALA A 54 0.76 4.93 7.39
N SER A 55 0.35 6.14 7.02
CA SER A 55 -1.07 6.46 6.89
C SER A 55 -1.73 5.56 5.87
N ILE A 56 -0.99 5.20 4.82
CA ILE A 56 -1.53 4.34 3.77
C ILE A 56 -1.69 2.92 4.28
N VAL A 57 -0.67 2.42 4.96
CA VAL A 57 -0.70 1.06 5.50
C VAL A 57 -1.93 0.85 6.38
N ASN A 58 -2.31 1.91 7.09
CA ASN A 58 -3.49 1.85 7.95
C ASN A 58 -4.74 1.78 7.09
N HIS A 59 -4.76 2.57 6.02
CA HIS A 59 -5.89 2.60 5.10
C HIS A 59 -5.98 1.31 4.29
N ILE A 60 -4.85 0.85 3.78
CA ILE A 60 -4.81 -0.37 2.98
C ILE A 60 -5.35 -1.57 3.73
N ASN A 61 -4.94 -1.73 4.97
CA ASN A 61 -5.39 -2.86 5.76
C ASN A 61 -6.90 -2.77 6.03
N ALA A 62 -7.38 -1.56 6.28
CA ALA A 62 -8.80 -1.35 6.58
C ALA A 62 -9.68 -1.32 5.33
N GLN A 63 -9.22 -0.60 4.31
CA GLN A 63 -9.98 -0.47 3.08
C GLN A 63 -9.54 -1.49 2.02
N HIS A 64 -8.36 -2.07 2.20
CA HIS A 64 -7.86 -3.06 1.25
C HIS A 64 -7.44 -4.34 1.95
ZN ZN B . 0.83 -6.68 -4.39
ZN ZN C . -7.02 2.80 -1.09
N ASP A 1 -5.84 -14.49 6.70
CA ASP A 1 -4.79 -14.12 5.71
C ASP A 1 -5.20 -12.87 4.93
N LEU A 2 -4.22 -12.22 4.32
CA LEU A 2 -4.49 -11.00 3.54
C LEU A 2 -4.37 -11.27 2.05
N LYS A 3 -5.31 -10.72 1.31
CA LYS A 3 -5.39 -10.88 -0.14
C LYS A 3 -5.08 -9.56 -0.87
N CYS A 4 -3.96 -9.51 -1.59
CA CYS A 4 -3.61 -8.30 -2.33
C CYS A 4 -4.72 -7.97 -3.33
N LYS A 5 -5.25 -6.76 -3.25
CA LYS A 5 -6.35 -6.34 -4.12
C LYS A 5 -5.86 -5.61 -5.36
N TRP A 6 -4.61 -5.82 -5.74
CA TRP A 6 -4.06 -5.17 -6.92
C TRP A 6 -4.45 -5.95 -8.17
N LYS A 7 -4.95 -5.24 -9.18
CA LYS A 7 -5.38 -5.87 -10.43
C LYS A 7 -4.21 -6.49 -11.18
N GLU A 8 -3.10 -5.76 -11.26
CA GLU A 8 -1.92 -6.24 -11.96
C GLU A 8 -1.10 -7.20 -11.10
N CYS A 9 -1.55 -7.47 -9.88
CA CYS A 9 -0.84 -8.36 -8.98
C CYS A 9 -1.58 -9.68 -8.79
N PRO A 10 -0.93 -10.82 -9.10
CA PRO A 10 -1.51 -12.14 -8.97
C PRO A 10 -1.03 -12.87 -7.72
N GLU A 11 -0.54 -12.11 -6.74
CA GLU A 11 -0.03 -12.69 -5.51
C GLU A 11 -0.91 -12.35 -4.31
N SER A 12 -1.04 -13.30 -3.40
CA SER A 12 -1.86 -13.12 -2.20
C SER A 12 -1.00 -13.33 -0.95
N ALA A 13 -1.51 -12.86 0.19
CA ALA A 13 -0.80 -12.99 1.46
C ALA A 13 -1.50 -13.99 2.39
N SER A 14 -0.73 -14.56 3.32
CA SER A 14 -1.27 -15.53 4.26
C SER A 14 -1.67 -14.87 5.58
N SER A 15 -1.21 -13.64 5.80
CA SER A 15 -1.54 -12.92 7.03
C SER A 15 -1.79 -11.45 6.75
N LEU A 16 -2.62 -10.81 7.58
CA LEU A 16 -2.93 -9.40 7.43
C LEU A 16 -1.65 -8.57 7.33
N PHE A 17 -0.63 -9.00 8.07
CA PHE A 17 0.66 -8.33 8.08
C PHE A 17 1.39 -8.53 6.76
N ASP A 18 1.20 -9.70 6.14
CA ASP A 18 1.88 -10.02 4.89
C ASP A 18 1.56 -9.01 3.78
N LEU A 19 0.30 -8.62 3.63
CA LEU A 19 -0.03 -7.66 2.58
C LEU A 19 0.74 -6.36 2.79
N GLN A 20 0.86 -5.92 4.03
CA GLN A 20 1.58 -4.70 4.35
C GLN A 20 3.02 -4.77 3.90
N ARG A 21 3.70 -5.86 4.24
CA ARG A 21 5.10 -6.06 3.86
C ARG A 21 5.22 -6.27 2.36
N HIS A 22 4.27 -7.01 1.80
CA HIS A 22 4.27 -7.30 0.38
C HIS A 22 3.96 -6.03 -0.44
N LEU A 23 2.93 -5.31 -0.03
CA LEU A 23 2.52 -4.10 -0.73
C LEU A 23 3.54 -2.97 -0.57
N LEU A 24 4.05 -2.80 0.64
CA LEU A 24 5.01 -1.74 0.90
C LEU A 24 6.34 -1.98 0.17
N LYS A 25 6.84 -3.20 0.22
CA LYS A 25 8.10 -3.54 -0.44
C LYS A 25 7.94 -3.74 -1.94
N ASP A 26 6.86 -4.43 -2.32
CA ASP A 26 6.61 -4.73 -3.72
C ASP A 26 5.93 -3.60 -4.49
N HIS A 27 4.90 -3.01 -3.89
CA HIS A 27 4.16 -1.95 -4.54
C HIS A 27 4.59 -0.55 -4.09
N VAL A 28 5.63 -0.47 -3.27
CA VAL A 28 6.10 0.83 -2.80
C VAL A 28 7.62 0.90 -2.77
N SER A 29 8.16 1.84 -3.53
CA SER A 29 9.60 2.05 -3.60
C SER A 29 10.12 2.69 -2.33
N GLN A 30 9.26 3.44 -1.65
CA GLN A 30 9.61 4.13 -0.40
C GLN A 30 10.97 4.82 -0.52
N ASP A 31 10.98 5.96 -1.20
CA ASP A 31 12.21 6.74 -1.37
C ASP A 31 12.44 7.68 -0.21
N PHE A 32 11.35 8.27 0.29
CA PHE A 32 11.42 9.20 1.41
C PHE A 32 12.26 10.42 1.05
N LYS A 33 12.46 11.29 2.04
CA LYS A 33 13.25 12.52 1.83
C LYS A 33 12.54 13.47 0.88
N HIS A 34 11.22 13.58 1.03
CA HIS A 34 10.43 14.46 0.19
C HIS A 34 10.21 15.81 0.86
N PRO A 35 10.41 16.92 0.13
CA PRO A 35 10.22 18.27 0.68
C PRO A 35 8.84 18.46 1.30
N MET A 36 7.81 18.07 0.56
CA MET A 36 6.44 18.21 1.02
C MET A 36 5.46 17.58 0.03
N GLU A 37 5.77 16.37 -0.43
CA GLU A 37 4.93 15.68 -1.40
C GLU A 37 4.29 14.44 -0.77
N PRO A 38 3.07 14.58 -0.24
CA PRO A 38 2.35 13.47 0.40
C PRO A 38 2.20 12.27 -0.54
N LEU A 39 2.06 11.09 0.04
CA LEU A 39 1.91 9.87 -0.75
C LEU A 39 0.44 9.56 -1.00
N ALA A 40 0.15 8.93 -2.14
CA ALA A 40 -1.22 8.60 -2.50
C ALA A 40 -1.37 7.12 -2.85
N CYS A 41 -2.58 6.60 -2.63
CA CYS A 41 -2.88 5.19 -2.92
C CYS A 41 -2.67 4.92 -4.40
N ASN A 42 -2.16 3.74 -4.72
CA ASN A 42 -1.88 3.37 -6.10
C ASN A 42 -2.86 2.34 -6.61
N TRP A 43 -4.12 2.44 -6.19
CA TRP A 43 -5.15 1.52 -6.64
C TRP A 43 -5.89 2.10 -7.84
N GLU A 44 -6.35 1.22 -8.72
CA GLU A 44 -7.06 1.64 -9.93
C GLU A 44 -8.32 2.46 -9.62
N ASP A 45 -9.10 2.00 -8.64
CA ASP A 45 -10.34 2.69 -8.29
C ASP A 45 -10.19 3.55 -7.04
N CYS A 46 -9.27 3.18 -6.17
CA CYS A 46 -9.06 3.93 -4.92
C CYS A 46 -8.38 5.27 -5.17
N ASP A 47 -8.85 6.29 -4.45
CA ASP A 47 -8.27 7.62 -4.55
C ASP A 47 -7.75 8.08 -3.19
N PHE A 48 -7.40 7.10 -2.36
CA PHE A 48 -6.89 7.36 -1.02
C PHE A 48 -5.55 8.09 -1.07
N LEU A 49 -5.36 9.01 -0.14
CA LEU A 49 -4.12 9.78 -0.07
C LEU A 49 -3.64 9.91 1.38
N GLY A 50 -2.34 9.73 1.58
CA GLY A 50 -1.78 9.82 2.91
C GLY A 50 -0.57 10.73 2.97
N ASP A 51 -0.13 11.05 4.19
CA ASP A 51 1.02 11.91 4.38
C ASP A 51 2.32 11.18 4.08
N ASP A 52 2.33 9.87 4.35
CA ASP A 52 3.51 9.05 4.10
C ASP A 52 3.12 7.62 3.76
N THR A 53 4.10 6.83 3.35
CA THR A 53 3.86 5.44 2.98
C THR A 53 3.21 4.67 4.12
N ALA A 54 3.78 4.79 5.32
CA ALA A 54 3.25 4.10 6.49
C ALA A 54 1.78 4.45 6.68
N SER A 55 1.42 5.70 6.41
CA SER A 55 0.04 6.15 6.55
C SER A 55 -0.84 5.39 5.57
N ILE A 56 -0.29 5.04 4.41
CA ILE A 56 -1.02 4.31 3.41
C ILE A 56 -1.23 2.88 3.87
N VAL A 57 -0.17 2.27 4.40
CA VAL A 57 -0.23 0.89 4.87
C VAL A 57 -1.36 0.73 5.89
N ASN A 58 -1.58 1.78 6.68
CA ASN A 58 -2.64 1.76 7.66
C ASN A 58 -3.98 1.73 6.95
N HIS A 59 -4.08 2.54 5.89
CA HIS A 59 -5.29 2.62 5.10
C HIS A 59 -5.49 1.33 4.30
N ILE A 60 -4.41 0.83 3.70
CA ILE A 60 -4.48 -0.38 2.90
C ILE A 60 -5.02 -1.56 3.68
N ASN A 61 -4.54 -1.74 4.89
CA ASN A 61 -5.01 -2.85 5.71
C ASN A 61 -6.48 -2.68 6.08
N ALA A 62 -6.90 -1.44 6.32
CA ALA A 62 -8.28 -1.15 6.71
C ALA A 62 -9.23 -1.13 5.52
N GLN A 63 -8.82 -0.46 4.45
CA GLN A 63 -9.65 -0.35 3.26
C GLN A 63 -9.31 -1.41 2.22
N HIS A 64 -8.14 -2.03 2.34
CA HIS A 64 -7.73 -3.07 1.39
C HIS A 64 -7.33 -4.34 2.13
ZN ZN B . 0.53 -7.22 -4.63
ZN ZN C . -6.68 2.70 -1.04
N ASP A 1 -4.66 -14.07 6.64
CA ASP A 1 -4.62 -14.32 5.18
C ASP A 1 -5.00 -13.07 4.39
N LEU A 2 -4.04 -12.17 4.22
CA LEU A 2 -4.29 -10.93 3.48
C LEU A 2 -4.10 -11.13 1.98
N LYS A 3 -5.08 -10.66 1.23
CA LYS A 3 -5.09 -10.78 -0.22
C LYS A 3 -4.90 -9.42 -0.91
N CYS A 4 -3.77 -9.25 -1.60
CA CYS A 4 -3.51 -8.00 -2.31
C CYS A 4 -4.61 -7.75 -3.33
N LYS A 5 -5.26 -6.59 -3.24
CA LYS A 5 -6.36 -6.26 -4.14
C LYS A 5 -5.86 -5.54 -5.40
N TRP A 6 -4.55 -5.55 -5.62
CA TRP A 6 -3.98 -4.92 -6.80
C TRP A 6 -4.29 -5.75 -8.05
N LYS A 7 -4.78 -5.10 -9.09
CA LYS A 7 -5.12 -5.78 -10.33
C LYS A 7 -3.87 -6.34 -11.01
N GLU A 8 -2.78 -5.57 -10.96
CA GLU A 8 -1.53 -5.99 -11.59
C GLU A 8 -0.69 -6.85 -10.64
N CYS A 9 -1.23 -7.20 -9.48
CA CYS A 9 -0.49 -8.02 -8.52
C CYS A 9 -1.06 -9.44 -8.43
N PRO A 10 -0.23 -10.46 -8.69
CA PRO A 10 -0.63 -11.86 -8.64
C PRO A 10 -0.17 -12.56 -7.37
N GLU A 11 0.30 -11.77 -6.39
CA GLU A 11 0.78 -12.32 -5.13
C GLU A 11 -0.22 -12.15 -4.00
N SER A 12 -0.29 -13.14 -3.12
CA SER A 12 -1.20 -13.11 -1.99
C SER A 12 -0.42 -13.09 -0.68
N ALA A 13 -1.08 -12.72 0.40
CA ALA A 13 -0.45 -12.66 1.72
C ALA A 13 -1.07 -13.67 2.68
N SER A 14 -0.30 -14.06 3.70
CA SER A 14 -0.78 -15.02 4.68
C SER A 14 -1.40 -14.32 5.90
N SER A 15 -0.99 -13.08 6.12
CA SER A 15 -1.50 -12.29 7.24
C SER A 15 -1.73 -10.84 6.84
N LEU A 16 -2.57 -10.14 7.58
CA LEU A 16 -2.87 -8.73 7.30
C LEU A 16 -1.58 -7.94 7.14
N PHE A 17 -0.60 -8.26 7.97
CA PHE A 17 0.70 -7.60 7.93
C PHE A 17 1.45 -7.95 6.65
N ASP A 18 1.26 -9.17 6.15
CA ASP A 18 1.95 -9.61 4.95
C ASP A 18 1.66 -8.70 3.76
N LEU A 19 0.38 -8.36 3.54
CA LEU A 19 0.04 -7.47 2.44
C LEU A 19 0.44 -6.04 2.76
N GLN A 20 0.24 -5.65 4.01
CA GLN A 20 0.57 -4.31 4.47
C GLN A 20 2.04 -4.01 4.22
N ARG A 21 2.91 -4.93 4.62
CA ARG A 21 4.34 -4.76 4.42
C ARG A 21 4.72 -4.95 2.96
N HIS A 22 4.14 -5.96 2.33
CA HIS A 22 4.42 -6.27 0.92
C HIS A 22 4.08 -5.08 0.02
N LEU A 23 2.97 -4.41 0.30
CA LEU A 23 2.54 -3.28 -0.51
C LEU A 23 3.53 -2.11 -0.44
N LEU A 24 3.98 -1.79 0.76
CA LEU A 24 4.91 -0.68 0.93
C LEU A 24 6.26 -0.97 0.27
N LYS A 25 6.77 -2.18 0.48
CA LYS A 25 8.06 -2.57 -0.09
C LYS A 25 7.96 -2.94 -1.58
N ASP A 26 6.91 -3.67 -1.93
CA ASP A 26 6.72 -4.14 -3.30
C ASP A 26 6.09 -3.09 -4.23
N HIS A 27 5.04 -2.43 -3.76
CA HIS A 27 4.35 -1.44 -4.60
C HIS A 27 4.88 -0.02 -4.41
N VAL A 28 5.94 0.14 -3.62
CA VAL A 28 6.53 1.45 -3.40
C VAL A 28 8.04 1.36 -3.23
N SER A 29 8.73 1.55 -4.33
CA SER A 29 10.19 1.50 -4.34
C SER A 29 10.80 2.73 -3.67
N GLN A 30 10.08 3.86 -3.76
CA GLN A 30 10.55 5.10 -3.16
C GLN A 30 11.86 5.54 -3.81
N ASP A 31 11.79 6.60 -4.60
CA ASP A 31 12.97 7.12 -5.29
C ASP A 31 14.02 7.61 -4.31
N PHE A 32 13.56 8.24 -3.23
CA PHE A 32 14.46 8.77 -2.23
C PHE A 32 13.69 9.39 -1.06
N LYS A 33 14.40 10.12 -0.22
CA LYS A 33 13.78 10.77 0.93
C LYS A 33 13.01 12.02 0.51
N HIS A 34 11.68 11.90 0.47
CA HIS A 34 10.83 13.02 0.08
C HIS A 34 10.78 14.08 1.18
N PRO A 35 10.82 15.37 0.81
CA PRO A 35 10.77 16.47 1.78
C PRO A 35 9.40 16.61 2.42
N MET A 36 8.35 16.39 1.63
CA MET A 36 6.99 16.50 2.13
C MET A 36 5.99 16.03 1.07
N GLU A 37 6.21 14.81 0.57
CA GLU A 37 5.34 14.23 -0.45
C GLU A 37 4.50 13.09 0.12
N PRO A 38 3.23 13.37 0.50
CA PRO A 38 2.34 12.34 1.06
C PRO A 38 2.20 11.13 0.15
N LEU A 39 1.90 9.99 0.75
CA LEU A 39 1.73 8.76 -0.01
C LEU A 39 0.26 8.48 -0.30
N ALA A 40 -0.15 8.71 -1.53
CA ALA A 40 -1.52 8.50 -1.96
C ALA A 40 -1.75 7.04 -2.35
N CYS A 41 -2.99 6.56 -2.19
CA CYS A 41 -3.31 5.18 -2.54
C CYS A 41 -3.03 4.97 -4.02
N ASN A 42 -2.52 3.78 -4.35
CA ASN A 42 -2.16 3.46 -5.72
C ASN A 42 -3.11 2.43 -6.32
N TRP A 43 -4.39 2.52 -5.97
CA TRP A 43 -5.39 1.61 -6.50
C TRP A 43 -6.08 2.21 -7.71
N GLU A 44 -6.48 1.34 -8.64
CA GLU A 44 -7.13 1.77 -9.87
C GLU A 44 -8.34 2.68 -9.62
N ASP A 45 -9.26 2.24 -8.76
CA ASP A 45 -10.46 3.02 -8.48
C ASP A 45 -10.38 3.78 -7.16
N CYS A 46 -9.43 3.44 -6.30
CA CYS A 46 -9.31 4.12 -5.02
C CYS A 46 -8.63 5.48 -5.15
N ASP A 47 -9.21 6.48 -4.48
CA ASP A 47 -8.67 7.83 -4.49
C ASP A 47 -8.16 8.21 -3.10
N PHE A 48 -7.96 7.21 -2.26
CA PHE A 48 -7.47 7.41 -0.89
C PHE A 48 -6.07 7.99 -0.90
N LEU A 49 -5.81 8.87 0.05
CA LEU A 49 -4.49 9.50 0.17
C LEU A 49 -4.04 9.57 1.62
N GLY A 50 -2.77 9.31 1.87
CA GLY A 50 -2.24 9.35 3.21
C GLY A 50 -0.99 10.20 3.33
N ASP A 51 -0.72 10.70 4.54
CA ASP A 51 0.45 11.54 4.78
C ASP A 51 1.74 10.73 4.81
N ASP A 52 1.64 9.48 5.28
CA ASP A 52 2.80 8.62 5.37
C ASP A 52 2.47 7.21 4.89
N THR A 53 3.49 6.48 4.43
CA THR A 53 3.30 5.13 3.93
C THR A 53 2.59 4.26 4.98
N ALA A 54 2.95 4.47 6.24
CA ALA A 54 2.35 3.73 7.33
C ALA A 54 0.89 4.09 7.52
N SER A 55 0.56 5.36 7.30
CA SER A 55 -0.81 5.85 7.44
C SER A 55 -1.67 5.31 6.31
N ILE A 56 -1.15 5.40 5.08
CA ILE A 56 -1.89 4.91 3.94
C ILE A 56 -2.09 3.39 4.04
N VAL A 57 -1.02 2.67 4.34
CA VAL A 57 -1.11 1.21 4.47
C VAL A 57 -2.18 0.85 5.47
N ASN A 58 -2.31 1.66 6.51
CA ASN A 58 -3.33 1.43 7.52
C ASN A 58 -4.69 1.41 6.84
N HIS A 59 -4.86 2.32 5.88
CA HIS A 59 -6.09 2.40 5.12
C HIS A 59 -6.19 1.19 4.19
N ILE A 60 -5.06 0.86 3.58
CA ILE A 60 -4.99 -0.24 2.64
C ILE A 60 -5.42 -1.56 3.27
N ASN A 61 -4.95 -1.82 4.47
CA ASN A 61 -5.31 -3.07 5.15
C ASN A 61 -6.81 -3.10 5.47
N ALA A 62 -7.37 -1.96 5.83
CA ALA A 62 -8.78 -1.86 6.19
C ALA A 62 -9.67 -1.81 4.95
N GLN A 63 -9.26 -1.01 3.97
CA GLN A 63 -10.03 -0.86 2.74
C GLN A 63 -9.58 -1.83 1.65
N HIS A 64 -8.43 -2.46 1.86
CA HIS A 64 -7.91 -3.41 0.87
C HIS A 64 -7.29 -4.62 1.57
ZN ZN B . 0.74 -6.61 -4.17
ZN ZN C . -7.23 2.67 -1.02
N ASP A 1 -4.47 -16.09 5.57
CA ASP A 1 -3.91 -15.77 4.22
C ASP A 1 -4.47 -14.44 3.70
N LEU A 2 -3.59 -13.45 3.55
CA LEU A 2 -4.01 -12.15 3.06
C LEU A 2 -4.01 -12.12 1.53
N LYS A 3 -5.02 -11.48 0.98
CA LYS A 3 -5.17 -11.39 -0.48
C LYS A 3 -4.94 -9.97 -1.00
N CYS A 4 -3.87 -9.76 -1.76
CA CYS A 4 -3.60 -8.45 -2.34
C CYS A 4 -4.76 -8.04 -3.24
N LYS A 5 -5.35 -6.87 -2.99
CA LYS A 5 -6.50 -6.41 -3.77
C LYS A 5 -6.07 -5.83 -5.12
N TRP A 6 -4.77 -5.84 -5.41
CA TRP A 6 -4.28 -5.30 -6.68
C TRP A 6 -4.62 -6.27 -7.81
N LYS A 7 -5.18 -5.73 -8.90
CA LYS A 7 -5.57 -6.54 -10.04
C LYS A 7 -4.36 -6.94 -10.88
N GLU A 8 -3.39 -6.04 -10.97
CA GLU A 8 -2.18 -6.30 -11.74
C GLU A 8 -1.12 -7.03 -10.91
N CYS A 9 -1.51 -7.49 -9.72
CA CYS A 9 -0.57 -8.20 -8.85
C CYS A 9 -0.92 -9.69 -8.76
N PRO A 10 0.04 -10.57 -9.11
CA PRO A 10 -0.14 -12.01 -9.08
C PRO A 10 0.42 -12.65 -7.81
N GLU A 11 0.53 -11.86 -6.75
CA GLU A 11 1.07 -12.36 -5.48
C GLU A 11 0.07 -12.19 -4.34
N SER A 12 0.05 -13.17 -3.44
CA SER A 12 -0.84 -13.14 -2.30
C SER A 12 -0.06 -13.03 -0.99
N ALA A 13 -0.75 -12.66 0.07
CA ALA A 13 -0.14 -12.50 1.40
C ALA A 13 -0.63 -13.59 2.35
N SER A 14 0.16 -13.85 3.39
CA SER A 14 -0.19 -14.89 4.37
C SER A 14 -1.00 -14.31 5.55
N SER A 15 -0.71 -13.07 5.92
CA SER A 15 -1.41 -12.44 7.04
C SER A 15 -1.71 -10.97 6.78
N LEU A 16 -2.51 -10.37 7.66
CA LEU A 16 -2.88 -8.95 7.54
C LEU A 16 -1.63 -8.09 7.35
N PHE A 17 -0.60 -8.39 8.13
CA PHE A 17 0.64 -7.66 8.07
C PHE A 17 1.35 -7.92 6.74
N ASP A 18 1.22 -9.14 6.23
CA ASP A 18 1.87 -9.50 4.97
C ASP A 18 1.35 -8.63 3.82
N LEU A 19 0.02 -8.45 3.73
CA LEU A 19 -0.54 -7.61 2.69
C LEU A 19 -0.05 -6.17 2.85
N GLN A 20 0.02 -5.72 4.10
CA GLN A 20 0.48 -4.38 4.41
C GLN A 20 1.95 -4.19 4.05
N ARG A 21 2.79 -5.14 4.47
CA ARG A 21 4.22 -5.07 4.19
C ARG A 21 4.50 -5.32 2.71
N HIS A 22 3.80 -6.30 2.15
CA HIS A 22 3.96 -6.64 0.74
C HIS A 22 3.64 -5.44 -0.14
N LEU A 23 2.51 -4.79 0.13
CA LEU A 23 2.09 -3.63 -0.64
C LEU A 23 3.01 -2.44 -0.39
N LEU A 24 3.38 -2.23 0.86
CA LEU A 24 4.23 -1.12 1.23
C LEU A 24 5.63 -1.27 0.62
N LYS A 25 6.20 -2.45 0.74
CA LYS A 25 7.54 -2.72 0.20
C LYS A 25 7.53 -2.97 -1.30
N ASP A 26 6.55 -3.75 -1.76
CA ASP A 26 6.47 -4.12 -3.18
C ASP A 26 5.78 -3.08 -4.07
N HIS A 27 4.65 -2.56 -3.64
CA HIS A 27 3.90 -1.59 -4.44
C HIS A 27 4.30 -0.15 -4.15
N VAL A 28 5.30 0.04 -3.30
CA VAL A 28 5.76 1.39 -2.96
C VAL A 28 7.11 1.35 -2.27
N SER A 29 8.12 1.01 -3.03
CA SER A 29 9.47 0.91 -2.52
C SER A 29 10.08 2.30 -2.28
N GLN A 30 9.49 3.31 -2.93
CA GLN A 30 9.97 4.69 -2.79
C GLN A 30 11.23 4.92 -3.62
N ASP A 31 11.17 5.89 -4.52
CA ASP A 31 12.30 6.21 -5.38
C ASP A 31 13.37 6.97 -4.62
N PHE A 32 12.95 7.86 -3.74
CA PHE A 32 13.86 8.66 -2.95
C PHE A 32 13.25 9.02 -1.60
N LYS A 33 13.78 10.05 -0.96
CA LYS A 33 13.30 10.50 0.34
C LYS A 33 12.90 11.97 0.29
N HIS A 34 11.61 12.23 0.12
CA HIS A 34 11.10 13.59 0.06
C HIS A 34 10.98 14.20 1.46
N PRO A 35 11.36 15.48 1.62
CA PRO A 35 11.30 16.15 2.92
C PRO A 35 9.86 16.45 3.33
N MET A 36 9.04 16.84 2.38
CA MET A 36 7.64 17.16 2.64
C MET A 36 6.78 16.94 1.40
N GLU A 37 6.40 15.70 1.16
CA GLU A 37 5.57 15.36 0.01
C GLU A 37 4.76 14.10 0.26
N PRO A 38 3.52 14.24 0.78
CA PRO A 38 2.65 13.11 1.08
C PRO A 38 2.42 12.22 -0.13
N LEU A 39 2.10 10.96 0.14
CA LEU A 39 1.87 9.99 -0.92
C LEU A 39 0.40 9.57 -0.97
N ALA A 40 -0.06 9.25 -2.19
CA ALA A 40 -1.45 8.86 -2.43
C ALA A 40 -1.58 7.38 -2.73
N CYS A 41 -2.77 6.82 -2.46
CA CYS A 41 -3.02 5.40 -2.71
C CYS A 41 -2.82 5.11 -4.18
N ASN A 42 -2.27 3.95 -4.49
CA ASN A 42 -1.97 3.58 -5.86
C ASN A 42 -2.92 2.52 -6.41
N TRP A 43 -4.19 2.63 -6.04
CA TRP A 43 -5.19 1.69 -6.52
C TRP A 43 -5.89 2.24 -7.76
N GLU A 44 -6.30 1.35 -8.66
CA GLU A 44 -6.95 1.76 -9.89
C GLU A 44 -8.21 2.59 -9.64
N ASP A 45 -9.04 2.15 -8.70
CA ASP A 45 -10.29 2.85 -8.40
C ASP A 45 -10.18 3.71 -7.13
N CYS A 46 -9.28 3.34 -6.24
CA CYS A 46 -9.12 4.07 -4.98
C CYS A 46 -8.44 5.42 -5.20
N ASP A 47 -9.00 6.44 -4.57
CA ASP A 47 -8.46 7.79 -4.64
C ASP A 47 -7.98 8.23 -3.25
N PHE A 48 -7.69 7.23 -2.42
CA PHE A 48 -7.23 7.45 -1.06
C PHE A 48 -5.86 8.16 -1.04
N LEU A 49 -5.70 9.06 -0.08
CA LEU A 49 -4.45 9.81 0.07
C LEU A 49 -4.05 9.88 1.53
N GLY A 50 -2.74 9.81 1.78
CA GLY A 50 -2.25 9.87 3.15
C GLY A 50 -1.14 10.89 3.33
N ASP A 51 -0.87 11.27 4.57
CA ASP A 51 0.17 12.23 4.88
C ASP A 51 1.54 11.57 4.90
N ASP A 52 1.57 10.30 5.29
CA ASP A 52 2.83 9.55 5.36
C ASP A 52 2.65 8.16 4.76
N THR A 53 3.77 7.50 4.49
CA THR A 53 3.74 6.15 3.92
C THR A 53 2.95 5.20 4.82
N ALA A 54 3.13 5.35 6.13
CA ALA A 54 2.43 4.50 7.09
C ALA A 54 0.93 4.76 7.08
N SER A 55 0.55 6.01 6.88
CA SER A 55 -0.86 6.38 6.86
C SER A 55 -1.60 5.59 5.79
N ILE A 56 -0.93 5.29 4.68
CA ILE A 56 -1.55 4.52 3.61
C ILE A 56 -1.69 3.07 4.01
N VAL A 57 -0.62 2.49 4.55
CA VAL A 57 -0.64 1.09 4.97
C VAL A 57 -1.77 0.84 5.96
N ASN A 58 -2.06 1.83 6.78
CA ASN A 58 -3.14 1.72 7.75
C ASN A 58 -4.46 1.66 7.01
N HIS A 59 -4.58 2.49 5.99
CA HIS A 59 -5.78 2.53 5.16
C HIS A 59 -5.88 1.27 4.30
N ILE A 60 -4.75 0.83 3.76
CA ILE A 60 -4.70 -0.35 2.90
C ILE A 60 -5.21 -1.58 3.62
N ASN A 61 -4.78 -1.77 4.84
CA ASN A 61 -5.20 -2.94 5.61
C ASN A 61 -6.70 -2.89 5.90
N ALA A 62 -7.20 -1.70 6.17
CA ALA A 62 -8.62 -1.51 6.50
C ALA A 62 -9.50 -1.48 5.25
N GLN A 63 -9.06 -0.75 4.24
CA GLN A 63 -9.81 -0.61 3.01
C GLN A 63 -9.38 -1.62 1.95
N HIS A 64 -8.19 -2.19 2.11
CA HIS A 64 -7.69 -3.17 1.15
C HIS A 64 -7.21 -4.43 1.84
ZN ZN B . 0.47 -6.95 -4.44
ZN ZN C . -6.84 2.78 -1.05
N ASP A 1 -4.78 -14.55 6.43
CA ASP A 1 -4.79 -14.77 4.97
C ASP A 1 -5.22 -13.50 4.23
N LEU A 2 -4.27 -12.60 3.99
CA LEU A 2 -4.57 -11.36 3.29
C LEU A 2 -4.41 -11.52 1.78
N LYS A 3 -5.36 -10.96 1.06
CA LYS A 3 -5.39 -11.04 -0.41
C LYS A 3 -5.13 -9.69 -1.07
N CYS A 4 -4.00 -9.56 -1.77
CA CYS A 4 -3.69 -8.31 -2.46
C CYS A 4 -4.78 -8.00 -3.48
N LYS A 5 -5.37 -6.81 -3.39
CA LYS A 5 -6.44 -6.43 -4.29
C LYS A 5 -5.92 -5.64 -5.50
N TRP A 6 -4.63 -5.81 -5.80
CA TRP A 6 -4.03 -5.12 -6.93
C TRP A 6 -4.31 -5.89 -8.22
N LYS A 7 -4.76 -5.17 -9.24
CA LYS A 7 -5.09 -5.79 -10.52
C LYS A 7 -3.84 -6.35 -11.21
N GLU A 8 -2.74 -5.60 -11.12
CA GLU A 8 -1.49 -6.03 -11.74
C GLU A 8 -0.67 -6.94 -10.82
N CYS A 9 -1.24 -7.32 -9.68
CA CYS A 9 -0.54 -8.18 -8.74
C CYS A 9 -1.15 -9.59 -8.69
N PRO A 10 -0.34 -10.63 -8.98
CA PRO A 10 -0.79 -12.01 -8.98
C PRO A 10 -0.35 -12.77 -7.72
N GLU A 11 0.03 -12.03 -6.68
CA GLU A 11 0.49 -12.65 -5.44
C GLU A 11 -0.49 -12.43 -4.29
N SER A 12 -0.63 -13.44 -3.44
CA SER A 12 -1.53 -13.37 -2.29
C SER A 12 -0.74 -13.35 -0.99
N ALA A 13 -1.40 -12.95 0.10
CA ALA A 13 -0.75 -12.90 1.41
C ALA A 13 -1.31 -13.95 2.35
N SER A 14 -0.52 -14.32 3.36
CA SER A 14 -0.93 -15.33 4.33
C SER A 14 -1.53 -14.69 5.57
N SER A 15 -1.14 -13.45 5.85
CA SER A 15 -1.66 -12.73 7.02
C SER A 15 -1.91 -11.26 6.69
N LEU A 16 -2.74 -10.60 7.49
CA LEU A 16 -3.04 -9.19 7.28
C LEU A 16 -1.76 -8.38 7.14
N PHE A 17 -0.80 -8.68 8.01
CA PHE A 17 0.49 -8.02 7.98
C PHE A 17 1.20 -8.31 6.67
N ASP A 18 0.99 -9.50 6.13
CA ASP A 18 1.63 -9.91 4.89
C ASP A 18 1.29 -8.94 3.76
N LEU A 19 0.01 -8.57 3.61
CA LEU A 19 -0.36 -7.63 2.55
C LEU A 19 0.23 -6.26 2.84
N GLN A 20 0.10 -5.82 4.09
CA GLN A 20 0.62 -4.53 4.51
C GLN A 20 2.12 -4.44 4.25
N ARG A 21 2.86 -5.47 4.65
CA ARG A 21 4.30 -5.50 4.45
C ARG A 21 4.64 -5.72 2.97
N HIS A 22 3.85 -6.56 2.30
CA HIS A 22 4.08 -6.84 0.89
C HIS A 22 3.76 -5.61 0.03
N LEU A 23 2.62 -5.00 0.28
CA LEU A 23 2.21 -3.82 -0.49
C LEU A 23 3.12 -2.63 -0.23
N LEU A 24 3.49 -2.43 1.02
CA LEU A 24 4.35 -1.32 1.39
C LEU A 24 5.76 -1.49 0.81
N LYS A 25 6.31 -2.68 0.95
CA LYS A 25 7.65 -2.97 0.45
C LYS A 25 7.68 -3.24 -1.05
N ASP A 26 6.70 -3.98 -1.53
CA ASP A 26 6.64 -4.38 -2.94
C ASP A 26 6.02 -3.32 -3.85
N HIS A 27 4.89 -2.74 -3.44
CA HIS A 27 4.21 -1.75 -4.26
C HIS A 27 4.69 -0.33 -3.98
N VAL A 28 5.72 -0.19 -3.15
CA VAL A 28 6.26 1.14 -2.84
C VAL A 28 7.74 1.05 -2.53
N SER A 29 8.54 1.48 -3.49
CA SER A 29 9.98 1.47 -3.35
C SER A 29 10.45 2.57 -2.40
N GLN A 30 9.63 3.60 -2.24
CA GLN A 30 9.96 4.71 -1.35
C GLN A 30 11.23 5.41 -1.82
N ASP A 31 11.09 6.33 -2.76
CA ASP A 31 12.23 7.07 -3.30
C ASP A 31 12.90 7.91 -2.23
N PHE A 32 12.10 8.40 -1.28
CA PHE A 32 12.61 9.23 -0.20
C PHE A 32 13.26 10.50 -0.74
N LYS A 33 13.81 11.31 0.16
CA LYS A 33 14.46 12.55 -0.22
C LYS A 33 13.47 13.53 -0.84
N HIS A 34 12.21 13.42 -0.44
CA HIS A 34 11.16 14.30 -0.95
C HIS A 34 10.94 15.49 -0.01
N PRO A 35 11.11 16.73 -0.51
CA PRO A 35 10.92 17.94 0.30
C PRO A 35 9.52 18.02 0.89
N MET A 36 8.51 17.84 0.03
CA MET A 36 7.12 17.89 0.45
C MET A 36 6.21 17.23 -0.58
N GLU A 37 6.01 15.93 -0.42
CA GLU A 37 5.16 15.17 -1.34
C GLU A 37 4.48 14.02 -0.63
N PRO A 38 3.26 14.23 -0.11
CA PRO A 38 2.51 13.19 0.60
C PRO A 38 2.32 11.94 -0.25
N LEU A 39 2.15 10.80 0.43
CA LEU A 39 1.97 9.53 -0.26
C LEU A 39 0.48 9.25 -0.48
N ALA A 40 0.13 8.88 -1.71
CA ALA A 40 -1.25 8.60 -2.08
C ALA A 40 -1.45 7.14 -2.45
N CYS A 41 -2.67 6.64 -2.26
CA CYS A 41 -3.00 5.26 -2.58
C CYS A 41 -2.76 5.01 -4.06
N ASN A 42 -2.26 3.82 -4.38
CA ASN A 42 -1.93 3.49 -5.75
C ASN A 42 -2.90 2.46 -6.34
N TRP A 43 -4.18 2.57 -5.97
CA TRP A 43 -5.19 1.64 -6.49
C TRP A 43 -5.88 2.27 -7.70
N GLU A 44 -6.30 1.42 -8.63
CA GLU A 44 -6.95 1.87 -9.85
C GLU A 44 -8.21 2.71 -9.58
N ASP A 45 -9.05 2.23 -8.66
CA ASP A 45 -10.29 2.94 -8.34
C ASP A 45 -10.20 3.74 -7.05
N CYS A 46 -9.32 3.32 -6.14
CA CYS A 46 -9.17 4.01 -4.87
C CYS A 46 -8.47 5.37 -5.03
N ASP A 47 -9.01 6.37 -4.36
CA ASP A 47 -8.44 7.72 -4.40
C ASP A 47 -7.91 8.10 -3.02
N PHE A 48 -7.55 7.08 -2.24
CA PHE A 48 -7.02 7.28 -0.90
C PHE A 48 -5.70 8.02 -0.92
N LEU A 49 -5.50 8.90 0.06
CA LEU A 49 -4.28 9.68 0.16
C LEU A 49 -3.80 9.76 1.61
N GLY A 50 -2.50 9.68 1.80
CA GLY A 50 -1.92 9.74 3.13
C GLY A 50 -0.72 10.66 3.21
N ASP A 51 -0.28 10.95 4.43
CA ASP A 51 0.87 11.82 4.64
C ASP A 51 2.17 11.03 4.54
N ASP A 52 2.13 9.77 4.95
CA ASP A 52 3.32 8.91 4.91
C ASP A 52 2.95 7.49 4.51
N THR A 53 3.96 6.66 4.28
CA THR A 53 3.75 5.27 3.88
C THR A 53 2.96 4.53 4.96
N ALA A 54 3.27 4.81 6.22
CA ALA A 54 2.60 4.16 7.33
C ALA A 54 1.10 4.44 7.31
N SER A 55 0.73 5.64 6.91
CA SER A 55 -0.67 6.02 6.83
C SER A 55 -1.38 5.18 5.80
N ILE A 56 -0.67 4.81 4.74
CA ILE A 56 -1.24 3.99 3.68
C ILE A 56 -1.43 2.56 4.15
N VAL A 57 -0.40 2.00 4.77
CA VAL A 57 -0.47 0.63 5.25
C VAL A 57 -1.65 0.44 6.18
N ASN A 58 -1.97 1.47 6.95
CA ASN A 58 -3.11 1.43 7.85
C ASN A 58 -4.41 1.41 7.05
N HIS A 59 -4.48 2.26 6.04
CA HIS A 59 -5.66 2.34 5.19
C HIS A 59 -5.80 1.10 4.32
N ILE A 60 -4.68 0.68 3.72
CA ILE A 60 -4.68 -0.49 2.84
C ILE A 60 -5.19 -1.74 3.55
N ASN A 61 -4.74 -1.96 4.77
CA ASN A 61 -5.17 -3.14 5.51
C ASN A 61 -6.66 -3.06 5.83
N ALA A 62 -7.14 -1.85 6.14
CA ALA A 62 -8.54 -1.65 6.50
C ALA A 62 -9.44 -1.58 5.27
N GLN A 63 -9.00 -0.84 4.26
CA GLN A 63 -9.78 -0.67 3.05
C GLN A 63 -9.38 -1.67 1.97
N HIS A 64 -8.23 -2.29 2.11
CA HIS A 64 -7.77 -3.27 1.13
C HIS A 64 -7.29 -4.55 1.80
ZN ZN B . 0.60 -6.95 -4.32
ZN ZN C . -6.88 2.69 -0.98
N ASP A 1 -4.78 -14.26 6.29
CA ASP A 1 -4.86 -14.53 4.83
C ASP A 1 -5.25 -13.27 4.05
N LEU A 2 -4.30 -12.36 3.90
CA LEU A 2 -4.57 -11.11 3.18
C LEU A 2 -4.35 -11.30 1.68
N LYS A 3 -5.30 -10.79 0.91
CA LYS A 3 -5.29 -10.90 -0.55
C LYS A 3 -5.05 -9.55 -1.22
N CYS A 4 -3.89 -9.40 -1.89
CA CYS A 4 -3.59 -8.16 -2.59
C CYS A 4 -4.67 -7.88 -3.63
N LYS A 5 -5.28 -6.70 -3.56
CA LYS A 5 -6.33 -6.33 -4.49
C LYS A 5 -5.82 -5.53 -5.67
N TRP A 6 -4.53 -5.64 -5.96
CA TRP A 6 -3.93 -4.92 -7.08
C TRP A 6 -4.21 -5.67 -8.38
N LYS A 7 -4.68 -4.94 -9.39
CA LYS A 7 -5.00 -5.54 -10.67
C LYS A 7 -3.75 -6.09 -11.37
N GLU A 8 -2.65 -5.36 -11.27
CA GLU A 8 -1.40 -5.77 -11.90
C GLU A 8 -0.58 -6.69 -10.99
N CYS A 9 -1.15 -7.08 -9.86
CA CYS A 9 -0.43 -7.95 -8.92
C CYS A 9 -1.04 -9.36 -8.90
N PRO A 10 -0.22 -10.39 -9.19
CA PRO A 10 -0.66 -11.78 -9.20
C PRO A 10 -0.23 -12.54 -7.95
N GLU A 11 0.07 -11.81 -6.88
CA GLU A 11 0.52 -12.42 -5.62
C GLU A 11 -0.47 -12.17 -4.49
N SER A 12 -0.63 -13.18 -3.63
CA SER A 12 -1.53 -13.08 -2.49
C SER A 12 -0.75 -13.12 -1.18
N ALA A 13 -1.38 -12.71 -0.09
CA ALA A 13 -0.73 -12.70 1.21
C ALA A 13 -1.34 -13.76 2.14
N SER A 14 -0.56 -14.19 3.12
CA SER A 14 -1.01 -15.21 4.06
C SER A 14 -1.61 -14.59 5.33
N SER A 15 -1.20 -13.36 5.64
CA SER A 15 -1.69 -12.67 6.82
C SER A 15 -1.93 -11.19 6.53
N LEU A 16 -2.77 -10.55 7.33
CA LEU A 16 -3.06 -9.13 7.17
C LEU A 16 -1.77 -8.33 7.08
N PHE A 17 -0.83 -8.67 7.96
CA PHE A 17 0.47 -8.03 7.98
C PHE A 17 1.22 -8.31 6.68
N ASP A 18 1.00 -9.51 6.13
CA ASP A 18 1.66 -9.91 4.90
C ASP A 18 1.34 -8.94 3.76
N LEU A 19 0.08 -8.57 3.61
CA LEU A 19 -0.29 -7.62 2.56
C LEU A 19 0.39 -6.28 2.83
N GLN A 20 0.32 -5.83 4.08
CA GLN A 20 0.92 -4.58 4.48
C GLN A 20 2.41 -4.56 4.19
N ARG A 21 3.08 -5.66 4.55
CA ARG A 21 4.52 -5.77 4.32
C ARG A 21 4.81 -5.96 2.84
N HIS A 22 3.96 -6.74 2.17
CA HIS A 22 4.14 -7.00 0.74
C HIS A 22 3.86 -5.74 -0.08
N LEU A 23 2.76 -5.08 0.22
CA LEU A 23 2.38 -3.86 -0.50
C LEU A 23 3.37 -2.73 -0.25
N LEU A 24 3.74 -2.55 1.00
CA LEU A 24 4.67 -1.50 1.37
C LEU A 24 6.06 -1.73 0.77
N LYS A 25 6.55 -2.95 0.87
CA LYS A 25 7.88 -3.28 0.34
C LYS A 25 7.87 -3.51 -1.17
N ASP A 26 6.83 -4.19 -1.65
CA ASP A 26 6.73 -4.52 -3.07
C ASP A 26 6.14 -3.39 -3.92
N HIS A 27 5.06 -2.78 -3.46
CA HIS A 27 4.42 -1.72 -4.22
C HIS A 27 4.92 -0.32 -3.82
N VAL A 28 5.92 -0.28 -2.95
CA VAL A 28 6.48 1.00 -2.51
C VAL A 28 7.94 0.85 -2.12
N SER A 29 8.82 1.06 -3.10
CA SER A 29 10.25 0.97 -2.88
C SER A 29 10.70 1.90 -1.76
N GLN A 30 10.02 3.04 -1.63
CA GLN A 30 10.36 4.01 -0.59
C GLN A 30 11.78 4.55 -0.80
N ASP A 31 11.94 5.40 -1.81
CA ASP A 31 13.24 5.98 -2.11
C ASP A 31 13.64 7.00 -1.04
N PHE A 32 12.67 7.76 -0.56
CA PHE A 32 12.92 8.78 0.46
C PHE A 32 11.61 9.31 1.02
N LYS A 33 11.68 10.44 1.71
CA LYS A 33 10.50 11.06 2.31
C LYS A 33 10.34 12.50 1.81
N HIS A 34 9.76 12.64 0.62
CA HIS A 34 9.53 13.95 0.03
C HIS A 34 8.19 14.54 0.48
N PRO A 35 8.20 15.71 1.13
CA PRO A 35 6.98 16.35 1.61
C PRO A 35 6.20 17.02 0.48
N MET A 36 6.92 17.58 -0.49
CA MET A 36 6.29 18.24 -1.62
C MET A 36 5.36 17.31 -2.36
N GLU A 37 5.66 16.01 -2.33
CA GLU A 37 4.84 15.02 -3.01
C GLU A 37 4.25 14.03 -2.01
N PRO A 38 3.01 14.29 -1.53
CA PRO A 38 2.32 13.42 -0.58
C PRO A 38 2.21 11.98 -1.07
N LEU A 39 2.10 11.05 -0.13
CA LEU A 39 1.99 9.64 -0.48
C LEU A 39 0.52 9.24 -0.64
N ALA A 40 0.10 9.06 -1.89
CA ALA A 40 -1.27 8.70 -2.21
C ALA A 40 -1.41 7.23 -2.56
N CYS A 41 -2.59 6.67 -2.32
CA CYS A 41 -2.87 5.27 -2.61
C CYS A 41 -2.69 5.02 -4.10
N ASN A 42 -2.16 3.86 -4.44
CA ASN A 42 -1.89 3.52 -5.83
C ASN A 42 -2.84 2.45 -6.35
N TRP A 43 -4.11 2.55 -5.96
CA TRP A 43 -5.11 1.59 -6.40
C TRP A 43 -5.85 2.14 -7.62
N GLU A 44 -6.28 1.24 -8.50
CA GLU A 44 -6.98 1.62 -9.72
C GLU A 44 -8.15 2.56 -9.46
N ASP A 45 -9.03 2.18 -8.54
CA ASP A 45 -10.20 3.00 -8.24
C ASP A 45 -10.05 3.81 -6.95
N CYS A 46 -9.22 3.33 -6.03
CA CYS A 46 -9.02 4.04 -4.76
C CYS A 46 -8.34 5.38 -4.96
N ASP A 47 -8.82 6.38 -4.23
CA ASP A 47 -8.26 7.73 -4.30
C ASP A 47 -7.74 8.15 -2.93
N PHE A 48 -7.35 7.16 -2.12
CA PHE A 48 -6.83 7.39 -0.79
C PHE A 48 -5.52 8.18 -0.83
N LEU A 49 -5.36 9.08 0.13
CA LEU A 49 -4.16 9.90 0.22
C LEU A 49 -3.60 9.92 1.64
N GLY A 50 -2.29 9.98 1.76
CA GLY A 50 -1.67 10.00 3.07
C GLY A 50 -0.47 10.93 3.13
N ASP A 51 0.02 11.18 4.34
CA ASP A 51 1.16 12.06 4.53
C ASP A 51 2.48 11.31 4.32
N ASP A 52 2.48 10.03 4.66
CA ASP A 52 3.67 9.20 4.49
C ASP A 52 3.29 7.78 4.08
N THR A 53 4.30 6.93 3.89
CA THR A 53 4.07 5.55 3.49
C THR A 53 3.36 4.77 4.59
N ALA A 54 3.76 5.01 5.84
CA ALA A 54 3.16 4.33 6.98
C ALA A 54 1.66 4.63 7.05
N SER A 55 1.29 5.85 6.72
CA SER A 55 -0.11 6.25 6.73
C SER A 55 -0.91 5.43 5.72
N ILE A 56 -0.26 5.07 4.61
CA ILE A 56 -0.90 4.28 3.57
C ILE A 56 -1.09 2.85 4.04
N VAL A 57 -0.03 2.26 4.60
CA VAL A 57 -0.09 0.90 5.07
C VAL A 57 -1.23 0.71 6.07
N ASN A 58 -1.48 1.75 6.85
CA ASN A 58 -2.57 1.73 7.82
C ASN A 58 -3.91 1.72 7.08
N HIS A 59 -4.00 2.53 6.04
CA HIS A 59 -5.21 2.61 5.25
C HIS A 59 -5.42 1.33 4.43
N ILE A 60 -4.34 0.86 3.80
CA ILE A 60 -4.42 -0.34 2.97
C ILE A 60 -4.93 -1.55 3.74
N ASN A 61 -4.43 -1.74 4.95
CA ASN A 61 -4.85 -2.88 5.75
C ASN A 61 -6.33 -2.77 6.12
N ALA A 62 -6.78 -1.55 6.40
CA ALA A 62 -8.17 -1.29 6.80
C ALA A 62 -9.10 -1.25 5.60
N GLN A 63 -8.68 -0.55 4.54
CA GLN A 63 -9.49 -0.41 3.34
C GLN A 63 -9.16 -1.47 2.30
N HIS A 64 -8.00 -2.11 2.43
CA HIS A 64 -7.61 -3.14 1.47
C HIS A 64 -7.12 -4.39 2.19
ZN ZN B . 0.66 -6.83 -4.46
ZN ZN C . -6.64 2.71 -0.92
N ASP A 1 -5.26 -15.16 5.76
CA ASP A 1 -5.03 -15.20 4.28
C ASP A 1 -5.46 -13.88 3.64
N LEU A 2 -4.52 -12.97 3.46
CA LEU A 2 -4.83 -11.68 2.85
C LEU A 2 -4.58 -11.72 1.35
N LYS A 3 -5.50 -11.09 0.61
CA LYS A 3 -5.45 -11.04 -0.84
C LYS A 3 -5.12 -9.64 -1.37
N CYS A 4 -3.96 -9.47 -1.98
CA CYS A 4 -3.58 -8.17 -2.54
C CYS A 4 -4.61 -7.74 -3.57
N LYS A 5 -5.17 -6.54 -3.41
CA LYS A 5 -6.18 -6.04 -4.32
C LYS A 5 -5.57 -5.33 -5.53
N TRP A 6 -4.28 -5.52 -5.76
CA TRP A 6 -3.62 -4.89 -6.90
C TRP A 6 -3.86 -5.72 -8.17
N LYS A 7 -4.26 -5.04 -9.24
CA LYS A 7 -4.53 -5.70 -10.51
C LYS A 7 -3.25 -6.25 -11.15
N GLU A 8 -2.17 -5.50 -11.03
CA GLU A 8 -0.89 -5.91 -11.59
C GLU A 8 -0.10 -6.80 -10.64
N CYS A 9 -0.73 -7.23 -9.54
CA CYS A 9 -0.06 -8.07 -8.57
C CYS A 9 -0.60 -9.50 -8.60
N PRO A 10 0.28 -10.51 -8.83
CA PRO A 10 -0.08 -11.90 -8.89
C PRO A 10 0.28 -12.67 -7.62
N GLU A 11 0.57 -11.94 -6.55
CA GLU A 11 0.96 -12.55 -5.28
C GLU A 11 -0.11 -12.38 -4.21
N SER A 12 -0.29 -13.40 -3.38
CA SER A 12 -1.26 -13.38 -2.30
C SER A 12 -0.58 -13.46 -0.95
N ALA A 13 -1.30 -13.09 0.11
CA ALA A 13 -0.76 -13.12 1.46
C ALA A 13 -1.41 -14.21 2.31
N SER A 14 -0.70 -14.65 3.34
CA SER A 14 -1.22 -15.69 4.23
C SER A 14 -1.94 -15.09 5.43
N SER A 15 -1.62 -13.84 5.76
CA SER A 15 -2.24 -13.15 6.88
C SER A 15 -2.50 -11.68 6.55
N LEU A 16 -3.45 -11.08 7.27
CA LEU A 16 -3.79 -9.67 7.05
C LEU A 16 -2.53 -8.79 7.07
N PHE A 17 -1.61 -9.14 7.95
CA PHE A 17 -0.36 -8.41 8.09
C PHE A 17 0.52 -8.59 6.85
N ASP A 18 0.47 -9.77 6.26
CA ASP A 18 1.29 -10.06 5.09
C ASP A 18 1.02 -9.11 3.93
N LEU A 19 -0.26 -8.84 3.64
CA LEU A 19 -0.58 -7.92 2.55
C LEU A 19 -0.06 -6.53 2.86
N GLN A 20 -0.27 -6.08 4.09
CA GLN A 20 0.17 -4.75 4.51
C GLN A 20 1.67 -4.59 4.33
N ARG A 21 2.43 -5.57 4.83
CA ARG A 21 3.87 -5.53 4.74
C ARG A 21 4.34 -5.71 3.30
N HIS A 22 3.77 -6.68 2.61
CA HIS A 22 4.13 -6.95 1.23
C HIS A 22 3.88 -5.72 0.35
N LEU A 23 2.83 -4.97 0.68
CA LEU A 23 2.49 -3.78 -0.10
C LEU A 23 3.51 -2.67 0.11
N LEU A 24 3.82 -2.37 1.36
CA LEU A 24 4.77 -1.31 1.67
C LEU A 24 6.16 -1.60 1.10
N LYS A 25 6.63 -2.83 1.28
CA LYS A 25 7.95 -3.20 0.79
C LYS A 25 7.98 -3.50 -0.72
N ASP A 26 6.96 -4.20 -1.20
CA ASP A 26 6.90 -4.60 -2.61
C ASP A 26 6.33 -3.53 -3.55
N HIS A 27 5.27 -2.85 -3.13
CA HIS A 27 4.62 -1.86 -3.99
C HIS A 27 5.16 -0.44 -3.78
N VAL A 28 6.07 -0.26 -2.83
CA VAL A 28 6.63 1.06 -2.58
C VAL A 28 7.98 0.99 -1.90
N SER A 29 9.02 0.98 -2.71
CA SER A 29 10.39 0.92 -2.21
C SER A 29 10.74 2.18 -1.41
N GLN A 30 9.96 3.25 -1.63
CA GLN A 30 10.18 4.52 -0.95
C GLN A 30 11.31 5.31 -1.61
N ASP A 31 10.96 6.05 -2.66
CA ASP A 31 11.94 6.86 -3.39
C ASP A 31 12.53 7.93 -2.49
N PHE A 32 11.83 8.28 -1.42
CA PHE A 32 12.29 9.31 -0.48
C PHE A 32 12.15 10.71 -1.08
N LYS A 33 12.78 10.93 -2.23
CA LYS A 33 12.73 12.22 -2.90
C LYS A 33 11.29 12.58 -3.28
N HIS A 34 10.54 13.08 -2.30
CA HIS A 34 9.15 13.47 -2.53
C HIS A 34 9.04 14.96 -2.82
N PRO A 35 8.18 15.36 -3.78
CA PRO A 35 7.98 16.77 -4.14
C PRO A 35 7.54 17.61 -2.95
N MET A 36 6.52 17.11 -2.23
CA MET A 36 6.01 17.82 -1.06
C MET A 36 6.40 17.08 0.22
N GLU A 37 5.75 15.95 0.47
CA GLU A 37 6.02 15.15 1.66
C GLU A 37 4.99 14.03 1.80
N PRO A 38 3.69 14.37 1.80
CA PRO A 38 2.62 13.39 1.93
C PRO A 38 2.62 12.36 0.80
N LEU A 39 2.08 11.19 1.08
CA LEU A 39 2.01 10.12 0.09
C LEU A 39 0.55 9.78 -0.22
N ALA A 40 0.31 9.35 -1.46
CA ALA A 40 -1.04 9.01 -1.90
C ALA A 40 -1.18 7.54 -2.28
N CYS A 41 -2.38 7.01 -2.13
CA CYS A 41 -2.66 5.61 -2.47
C CYS A 41 -2.38 5.37 -3.95
N ASN A 42 -1.84 4.21 -4.26
CA ASN A 42 -1.48 3.88 -5.63
C ASN A 42 -2.39 2.81 -6.23
N TRP A 43 -3.68 2.90 -5.91
CA TRP A 43 -4.65 1.94 -6.44
C TRP A 43 -5.32 2.52 -7.69
N GLU A 44 -5.68 1.64 -8.61
CA GLU A 44 -6.31 2.05 -9.86
C GLU A 44 -7.55 2.91 -9.64
N ASP A 45 -8.45 2.46 -8.78
CA ASP A 45 -9.69 3.20 -8.52
C ASP A 45 -9.65 3.99 -7.21
N CYS A 46 -8.85 3.54 -6.26
CA CYS A 46 -8.75 4.21 -4.97
C CYS A 46 -8.06 5.56 -5.08
N ASP A 47 -8.61 6.55 -4.37
CA ASP A 47 -8.04 7.90 -4.36
C ASP A 47 -7.59 8.26 -2.95
N PHE A 48 -7.23 7.23 -2.18
CA PHE A 48 -6.76 7.41 -0.81
C PHE A 48 -5.47 8.21 -0.76
N LEU A 49 -5.36 9.06 0.25
CA LEU A 49 -4.17 9.88 0.44
C LEU A 49 -3.79 9.97 1.92
N GLY A 50 -2.50 9.86 2.19
CA GLY A 50 -2.03 9.92 3.57
C GLY A 50 -0.89 10.90 3.75
N ASP A 51 -0.56 11.20 5.00
CA ASP A 51 0.53 12.13 5.31
C ASP A 51 1.88 11.43 5.24
N ASP A 52 1.88 10.13 5.53
CA ASP A 52 3.12 9.35 5.51
C ASP A 52 2.87 7.96 4.93
N THR A 53 3.94 7.23 4.67
CA THR A 53 3.84 5.88 4.11
C THR A 53 3.12 4.95 5.07
N ALA A 54 3.50 5.01 6.35
CA ALA A 54 2.89 4.16 7.37
C ALA A 54 1.38 4.39 7.43
N SER A 55 0.97 5.64 7.24
CA SER A 55 -0.44 6.00 7.27
C SER A 55 -1.20 5.23 6.19
N ILE A 56 -0.55 4.99 5.06
CA ILE A 56 -1.16 4.26 3.97
C ILE A 56 -1.33 2.79 4.32
N VAL A 57 -0.29 2.22 4.92
CA VAL A 57 -0.32 0.82 5.33
C VAL A 57 -1.53 0.56 6.22
N ASN A 58 -1.87 1.54 7.02
CA ASN A 58 -3.03 1.44 7.91
C ASN A 58 -4.30 1.45 7.07
N HIS A 59 -4.32 2.30 6.05
CA HIS A 59 -5.46 2.41 5.15
C HIS A 59 -5.57 1.17 4.27
N ILE A 60 -4.44 0.71 3.75
CA ILE A 60 -4.42 -0.45 2.88
C ILE A 60 -5.00 -1.69 3.56
N ASN A 61 -4.61 -1.93 4.79
CA ASN A 61 -5.11 -3.08 5.51
C ASN A 61 -6.61 -2.96 5.77
N ALA A 62 -7.06 -1.75 6.07
CA ALA A 62 -8.48 -1.51 6.36
C ALA A 62 -9.34 -1.42 5.11
N GLN A 63 -8.86 -0.67 4.12
CA GLN A 63 -9.60 -0.47 2.88
C GLN A 63 -9.17 -1.45 1.80
N HIS A 64 -8.01 -2.09 1.99
CA HIS A 64 -7.52 -3.05 1.00
C HIS A 64 -7.11 -4.35 1.66
ZN ZN B . 0.82 -6.90 -4.07
ZN ZN C . -6.54 2.91 -1.04
N ASP A 1 -5.29 -13.98 6.94
CA ASP A 1 -5.37 -14.27 5.48
C ASP A 1 -5.63 -13.00 4.69
N LEU A 2 -4.56 -12.39 4.17
CA LEU A 2 -4.69 -11.18 3.39
C LEU A 2 -4.34 -11.41 1.93
N LYS A 3 -5.24 -10.98 1.06
CA LYS A 3 -5.10 -11.14 -0.38
C LYS A 3 -4.85 -9.80 -1.08
N CYS A 4 -3.66 -9.63 -1.66
CA CYS A 4 -3.36 -8.37 -2.36
C CYS A 4 -4.39 -8.16 -3.46
N LYS A 5 -5.05 -7.01 -3.45
CA LYS A 5 -6.09 -6.71 -4.43
C LYS A 5 -5.58 -5.81 -5.55
N TRP A 6 -4.29 -5.88 -5.86
CA TRP A 6 -3.72 -5.06 -6.92
C TRP A 6 -3.97 -5.73 -8.27
N LYS A 7 -4.47 -4.95 -9.23
CA LYS A 7 -4.76 -5.48 -10.57
C LYS A 7 -3.50 -5.94 -11.28
N GLU A 8 -2.43 -5.18 -11.13
CA GLU A 8 -1.16 -5.51 -11.78
C GLU A 8 -0.32 -6.45 -10.91
N CYS A 9 -0.87 -6.92 -9.80
CA CYS A 9 -0.15 -7.81 -8.91
C CYS A 9 -0.71 -9.23 -8.94
N PRO A 10 0.12 -10.23 -9.27
CA PRO A 10 -0.28 -11.62 -9.33
C PRO A 10 0.15 -12.41 -8.09
N GLU A 11 0.15 -11.77 -6.94
CA GLU A 11 0.57 -12.42 -5.70
C GLU A 11 -0.40 -12.15 -4.55
N SER A 12 -0.61 -13.16 -3.72
CA SER A 12 -1.50 -13.06 -2.57
C SER A 12 -0.71 -13.17 -1.27
N ALA A 13 -1.33 -12.78 -0.16
CA ALA A 13 -0.68 -12.83 1.14
C ALA A 13 -1.33 -13.91 2.02
N SER A 14 -0.57 -14.41 3.01
CA SER A 14 -1.05 -15.45 3.90
C SER A 14 -1.71 -14.88 5.15
N SER A 15 -1.31 -13.68 5.55
CA SER A 15 -1.87 -13.04 6.74
C SER A 15 -2.06 -11.54 6.53
N LEU A 16 -2.83 -10.92 7.43
CA LEU A 16 -3.08 -9.48 7.35
C LEU A 16 -1.77 -8.71 7.27
N PHE A 17 -0.78 -9.22 8.00
CA PHE A 17 0.54 -8.61 8.03
C PHE A 17 1.26 -8.80 6.70
N ASP A 18 1.04 -9.96 6.07
CA ASP A 18 1.70 -10.29 4.81
C ASP A 18 1.40 -9.27 3.71
N LEU A 19 0.14 -8.87 3.55
CA LEU A 19 -0.20 -7.89 2.51
C LEU A 19 0.39 -6.53 2.87
N GLN A 20 0.28 -6.16 4.14
CA GLN A 20 0.81 -4.89 4.61
C GLN A 20 2.31 -4.78 4.32
N ARG A 21 3.04 -5.81 4.68
CA ARG A 21 4.49 -5.83 4.47
C ARG A 21 4.81 -5.93 2.98
N HIS A 22 4.03 -6.74 2.27
CA HIS A 22 4.22 -6.93 0.84
C HIS A 22 3.85 -5.66 0.06
N LEU A 23 2.70 -5.09 0.38
CA LEU A 23 2.23 -3.88 -0.28
C LEU A 23 3.07 -2.66 0.06
N LEU A 24 3.40 -2.50 1.33
CA LEU A 24 4.19 -1.36 1.77
C LEU A 24 5.61 -1.39 1.21
N LYS A 25 6.25 -2.54 1.27
CA LYS A 25 7.61 -2.68 0.76
C LYS A 25 7.67 -2.81 -0.76
N ASP A 26 6.76 -3.61 -1.30
CA ASP A 26 6.74 -3.88 -2.74
C ASP A 26 6.02 -2.82 -3.56
N HIS A 27 4.84 -2.39 -3.11
CA HIS A 27 4.05 -1.42 -3.87
C HIS A 27 4.32 0.03 -3.47
N VAL A 28 5.30 0.27 -2.61
CA VAL A 28 5.62 1.63 -2.20
C VAL A 28 7.11 1.88 -2.20
N SER A 29 7.58 2.44 -3.30
CA SER A 29 8.97 2.77 -3.48
C SER A 29 9.43 3.78 -2.44
N GLN A 30 8.46 4.48 -1.84
CA GLN A 30 8.75 5.49 -0.81
C GLN A 30 9.18 6.80 -1.45
N ASP A 31 9.46 7.79 -0.60
CA ASP A 31 9.88 9.11 -1.08
C ASP A 31 11.19 9.03 -1.85
N PHE A 32 12.10 8.19 -1.38
CA PHE A 32 13.40 8.02 -2.03
C PHE A 32 14.26 9.28 -1.87
N LYS A 33 13.82 10.36 -2.53
CA LYS A 33 14.55 11.62 -2.46
C LYS A 33 13.62 12.79 -2.78
N HIS A 34 12.36 12.67 -2.40
CA HIS A 34 11.37 13.72 -2.64
C HIS A 34 11.44 14.80 -1.56
N PRO A 35 11.33 16.08 -1.96
CA PRO A 35 11.38 17.20 -1.01
C PRO A 35 10.14 17.25 -0.11
N MET A 36 8.97 17.09 -0.73
CA MET A 36 7.72 17.13 0.02
C MET A 36 6.59 16.53 -0.81
N GLU A 37 6.57 15.20 -0.90
CA GLU A 37 5.54 14.50 -1.66
C GLU A 37 4.78 13.50 -0.77
N PRO A 38 3.54 13.84 -0.38
CA PRO A 38 2.72 12.97 0.48
C PRO A 38 2.55 11.58 -0.12
N LEU A 39 2.30 10.61 0.74
CA LEU A 39 2.11 9.22 0.31
C LEU A 39 0.64 8.94 0.06
N ALA A 40 0.29 8.74 -1.21
CA ALA A 40 -1.08 8.48 -1.61
C ALA A 40 -1.28 7.03 -2.07
N CYS A 41 -2.50 6.53 -1.92
CA CYS A 41 -2.82 5.16 -2.32
C CYS A 41 -2.56 4.98 -3.81
N ASN A 42 -2.05 3.81 -4.17
CA ASN A 42 -1.71 3.53 -5.56
C ASN A 42 -2.62 2.47 -6.17
N TRP A 43 -3.91 2.53 -5.86
CA TRP A 43 -4.87 1.59 -6.40
C TRP A 43 -5.51 2.15 -7.66
N GLU A 44 -5.86 1.26 -8.58
CA GLU A 44 -6.48 1.65 -9.85
C GLU A 44 -7.68 2.57 -9.66
N ASP A 45 -8.62 2.17 -8.79
CA ASP A 45 -9.83 2.97 -8.57
C ASP A 45 -9.76 3.78 -7.27
N CYS A 46 -8.97 3.31 -6.31
CA CYS A 46 -8.86 4.01 -5.03
C CYS A 46 -8.14 5.35 -5.18
N ASP A 47 -8.68 6.37 -4.52
CA ASP A 47 -8.09 7.70 -4.54
C ASP A 47 -7.65 8.10 -3.14
N PHE A 48 -7.36 7.10 -2.31
CA PHE A 48 -6.93 7.32 -0.94
C PHE A 48 -5.59 8.04 -0.90
N LEU A 49 -5.43 8.95 0.06
CA LEU A 49 -4.21 9.71 0.22
C LEU A 49 -3.77 9.73 1.67
N GLY A 50 -2.45 9.64 1.88
CA GLY A 50 -1.91 9.64 3.24
C GLY A 50 -0.74 10.60 3.38
N ASP A 51 -0.32 10.84 4.62
CA ASP A 51 0.80 11.74 4.88
C ASP A 51 2.11 10.97 4.98
N ASP A 52 2.03 9.73 5.45
CA ASP A 52 3.22 8.89 5.60
C ASP A 52 2.95 7.48 5.08
N THR A 53 4.01 6.69 4.95
CA THR A 53 3.89 5.32 4.47
C THR A 53 3.02 4.49 5.39
N ALA A 54 3.13 4.75 6.69
CA ALA A 54 2.34 4.02 7.68
C ALA A 54 0.85 4.35 7.56
N SER A 55 0.55 5.60 7.23
CA SER A 55 -0.83 6.03 7.09
C SER A 55 -1.54 5.23 6.00
N ILE A 56 -0.82 4.85 4.95
CA ILE A 56 -1.41 4.10 3.87
C ILE A 56 -1.70 2.66 4.29
N VAL A 57 -0.71 2.02 4.90
CA VAL A 57 -0.86 0.64 5.35
C VAL A 57 -2.05 0.50 6.28
N ASN A 58 -2.30 1.54 7.07
CA ASN A 58 -3.44 1.52 7.98
C ASN A 58 -4.72 1.54 7.16
N HIS A 59 -4.72 2.35 6.12
CA HIS A 59 -5.87 2.45 5.23
C HIS A 59 -6.04 1.18 4.39
N ILE A 60 -4.93 0.69 3.86
CA ILE A 60 -4.93 -0.50 3.02
C ILE A 60 -5.45 -1.73 3.76
N ASN A 61 -5.01 -1.92 4.98
CA ASN A 61 -5.45 -3.07 5.75
C ASN A 61 -6.95 -2.99 6.06
N ALA A 62 -7.42 -1.78 6.34
CA ALA A 62 -8.84 -1.57 6.68
C ALA A 62 -9.72 -1.50 5.44
N GLN A 63 -9.27 -0.76 4.43
CA GLN A 63 -10.05 -0.60 3.21
C GLN A 63 -9.65 -1.61 2.13
N HIS A 64 -8.47 -2.19 2.27
CA HIS A 64 -8.01 -3.17 1.29
C HIS A 64 -7.63 -4.49 1.97
ZN ZN B . 0.79 -6.90 -4.39
ZN ZN C . -6.79 2.65 -1.02
N ASP A 1 -4.85 -14.75 6.20
CA ASP A 1 -4.67 -14.86 4.72
C ASP A 1 -5.13 -13.60 4.01
N LEU A 2 -4.21 -12.65 3.84
CA LEU A 2 -4.55 -11.39 3.17
C LEU A 2 -4.40 -11.53 1.65
N LYS A 3 -5.35 -10.97 0.95
CA LYS A 3 -5.39 -11.02 -0.52
C LYS A 3 -5.12 -9.65 -1.16
N CYS A 4 -3.99 -9.52 -1.86
CA CYS A 4 -3.68 -8.26 -2.53
C CYS A 4 -4.79 -7.94 -3.53
N LYS A 5 -5.36 -6.74 -3.41
CA LYS A 5 -6.44 -6.32 -4.29
C LYS A 5 -5.93 -5.67 -5.57
N TRP A 6 -4.62 -5.70 -5.77
CA TRP A 6 -4.04 -5.11 -6.97
C TRP A 6 -4.34 -5.99 -8.19
N LYS A 7 -4.82 -5.36 -9.25
CA LYS A 7 -5.17 -6.08 -10.47
C LYS A 7 -3.93 -6.60 -11.19
N GLU A 8 -2.86 -5.81 -11.16
CA GLU A 8 -1.61 -6.18 -11.81
C GLU A 8 -0.73 -7.02 -10.89
N CYS A 9 -1.26 -7.42 -9.73
CA CYS A 9 -0.49 -8.22 -8.78
C CYS A 9 -1.01 -9.65 -8.71
N PRO A 10 -0.14 -10.65 -8.99
CA PRO A 10 -0.50 -12.05 -8.95
C PRO A 10 -0.04 -12.75 -7.67
N GLU A 11 0.27 -11.96 -6.64
CA GLU A 11 0.74 -12.51 -5.37
C GLU A 11 -0.31 -12.34 -4.26
N SER A 12 -0.38 -13.35 -3.39
CA SER A 12 -1.32 -13.33 -2.28
C SER A 12 -0.58 -13.25 -0.96
N ALA A 13 -1.30 -12.89 0.11
CA ALA A 13 -0.69 -12.78 1.43
C ALA A 13 -1.20 -13.88 2.37
N SER A 14 -0.43 -14.20 3.39
CA SER A 14 -0.79 -15.23 4.34
C SER A 14 -1.47 -14.65 5.58
N SER A 15 -1.13 -13.41 5.92
CA SER A 15 -1.72 -12.74 7.08
C SER A 15 -1.98 -11.27 6.79
N LEU A 16 -2.87 -10.67 7.58
CA LEU A 16 -3.21 -9.26 7.42
C LEU A 16 -1.95 -8.41 7.34
N PHE A 17 -0.95 -8.82 8.12
CA PHE A 17 0.33 -8.12 8.15
C PHE A 17 1.08 -8.35 6.84
N ASP A 18 0.91 -9.53 6.26
CA ASP A 18 1.59 -9.87 5.02
C ASP A 18 1.24 -8.90 3.90
N LEU A 19 -0.03 -8.55 3.73
CA LEU A 19 -0.40 -7.61 2.69
C LEU A 19 0.33 -6.28 2.89
N GLN A 20 0.32 -5.79 4.12
CA GLN A 20 0.97 -4.53 4.43
C GLN A 20 2.46 -4.58 4.12
N ARG A 21 3.13 -5.63 4.59
CA ARG A 21 4.56 -5.80 4.36
C ARG A 21 4.86 -5.91 2.87
N HIS A 22 4.08 -6.73 2.18
CA HIS A 22 4.27 -6.95 0.75
C HIS A 22 3.87 -5.73 -0.08
N LEU A 23 2.73 -5.14 0.24
CA LEU A 23 2.24 -3.99 -0.52
C LEU A 23 3.07 -2.74 -0.31
N LEU A 24 3.37 -2.41 0.93
CA LEU A 24 4.12 -1.21 1.24
C LEU A 24 5.55 -1.26 0.69
N LYS A 25 6.23 -2.39 0.87
CA LYS A 25 7.60 -2.54 0.40
C LYS A 25 7.69 -2.84 -1.10
N ASP A 26 6.79 -3.69 -1.58
CA ASP A 26 6.79 -4.11 -2.98
C ASP A 26 6.10 -3.14 -3.94
N HIS A 27 4.96 -2.61 -3.54
CA HIS A 27 4.21 -1.71 -4.42
C HIS A 27 4.62 -0.24 -4.27
N VAL A 28 5.65 0.02 -3.47
CA VAL A 28 6.11 1.40 -3.29
C VAL A 28 7.59 1.52 -3.60
N SER A 29 7.86 1.89 -4.84
CA SER A 29 9.21 2.06 -5.32
C SER A 29 9.86 3.32 -4.76
N GLN A 30 9.03 4.33 -4.47
CA GLN A 30 9.52 5.59 -3.93
C GLN A 30 10.29 5.36 -2.62
N ASP A 31 11.61 5.27 -2.73
CA ASP A 31 12.46 5.06 -1.56
C ASP A 31 12.82 6.38 -0.90
N PHE A 32 13.01 7.41 -1.73
CA PHE A 32 13.36 8.73 -1.22
C PHE A 32 12.28 9.27 -0.28
N LYS A 33 12.71 10.00 0.75
CA LYS A 33 11.78 10.57 1.72
C LYS A 33 11.57 12.05 1.47
N HIS A 34 10.72 12.36 0.49
CA HIS A 34 10.43 13.75 0.15
C HIS A 34 9.36 14.33 1.07
N PRO A 35 9.64 15.47 1.72
CA PRO A 35 8.69 16.11 2.64
C PRO A 35 7.58 16.85 1.90
N MET A 36 7.89 17.30 0.69
CA MET A 36 6.92 18.03 -0.13
C MET A 36 6.25 17.11 -1.14
N GLU A 37 6.02 15.87 -0.73
CA GLU A 37 5.39 14.88 -1.61
C GLU A 37 4.59 13.86 -0.79
N PRO A 38 3.32 14.19 -0.47
CA PRO A 38 2.45 13.30 0.31
C PRO A 38 2.33 11.91 -0.31
N LEU A 39 2.04 10.92 0.52
CA LEU A 39 1.89 9.55 0.05
C LEU A 39 0.43 9.26 -0.30
N ALA A 40 0.19 8.91 -1.56
CA ALA A 40 -1.16 8.62 -2.04
C ALA A 40 -1.32 7.16 -2.41
N CYS A 41 -2.54 6.65 -2.30
CA CYS A 41 -2.82 5.25 -2.64
C CYS A 41 -2.51 5.00 -4.11
N ASN A 42 -1.97 3.83 -4.40
CA ASN A 42 -1.60 3.47 -5.76
C ASN A 42 -2.58 2.46 -6.36
N TRP A 43 -3.86 2.61 -6.00
CA TRP A 43 -4.89 1.72 -6.52
C TRP A 43 -5.56 2.33 -7.75
N GLU A 44 -6.00 1.47 -8.66
CA GLU A 44 -6.64 1.90 -9.89
C GLU A 44 -7.84 2.82 -9.63
N ASP A 45 -8.74 2.38 -8.76
CA ASP A 45 -9.95 3.17 -8.46
C ASP A 45 -9.85 3.94 -7.15
N CYS A 46 -9.04 3.45 -6.22
CA CYS A 46 -8.89 4.11 -4.92
C CYS A 46 -8.21 5.47 -5.05
N ASP A 47 -8.77 6.47 -4.38
CA ASP A 47 -8.22 7.82 -4.39
C ASP A 47 -7.73 8.19 -3.00
N PHE A 48 -7.40 7.18 -2.20
CA PHE A 48 -6.92 7.39 -0.84
C PHE A 48 -5.59 8.13 -0.84
N LEU A 49 -5.43 9.02 0.14
CA LEU A 49 -4.21 9.81 0.27
C LEU A 49 -3.81 9.94 1.73
N GLY A 50 -2.50 9.92 1.98
CA GLY A 50 -1.99 10.04 3.34
C GLY A 50 -0.84 11.01 3.44
N ASP A 51 -0.47 11.35 4.68
CA ASP A 51 0.62 12.28 4.92
C ASP A 51 1.98 11.60 4.74
N ASP A 52 2.02 10.30 5.00
CA ASP A 52 3.27 9.53 4.87
C ASP A 52 2.97 8.09 4.49
N THR A 53 4.03 7.30 4.31
CA THR A 53 3.89 5.90 3.95
C THR A 53 3.11 5.14 5.02
N ALA A 54 3.26 5.58 6.27
CA ALA A 54 2.57 4.94 7.38
C ALA A 54 1.06 5.08 7.26
N SER A 55 0.62 6.22 6.76
CA SER A 55 -0.80 6.47 6.58
C SER A 55 -1.39 5.49 5.56
N ILE A 56 -0.59 5.13 4.56
CA ILE A 56 -1.04 4.20 3.53
C ILE A 56 -1.13 2.78 4.08
N VAL A 57 -0.08 2.34 4.76
CA VAL A 57 -0.05 1.00 5.31
C VAL A 57 -1.26 0.76 6.22
N ASN A 58 -1.64 1.78 6.97
CA ASN A 58 -2.79 1.69 7.86
C ASN A 58 -4.08 1.61 7.06
N HIS A 59 -4.18 2.45 6.03
CA HIS A 59 -5.37 2.47 5.18
C HIS A 59 -5.48 1.21 4.32
N ILE A 60 -4.38 0.83 3.68
CA ILE A 60 -4.37 -0.34 2.81
C ILE A 60 -4.80 -1.60 3.53
N ASN A 61 -4.30 -1.79 4.74
CA ASN A 61 -4.65 -2.98 5.50
C ASN A 61 -6.14 -2.98 5.86
N ALA A 62 -6.67 -1.79 6.17
CA ALA A 62 -8.07 -1.65 6.55
C ALA A 62 -9.00 -1.61 5.35
N GLN A 63 -8.61 -0.85 4.34
CA GLN A 63 -9.41 -0.70 3.13
C GLN A 63 -9.02 -1.69 2.04
N HIS A 64 -7.85 -2.30 2.18
CA HIS A 64 -7.39 -3.27 1.18
C HIS A 64 -6.84 -4.52 1.87
ZN ZN B . 0.64 -6.99 -4.35
ZN ZN C . -6.68 2.71 -0.97
#